data_5GZB
# 
_entry.id   5GZB 
# 
_audit_conform.dict_name       mmcif_pdbx.dic 
_audit_conform.dict_version    5.398 
_audit_conform.dict_location   http://mmcif.pdb.org/dictionaries/ascii/mmcif_pdbx.dic 
# 
loop_
_database_2.database_id 
_database_2.database_code 
_database_2.pdbx_database_accession 
_database_2.pdbx_DOI 
PDB   5GZB         pdb_00005gzb 10.2210/pdb5gzb/pdb 
WWPDB D_1300001714 ?            ?                   
# 
loop_
_pdbx_audit_revision_history.ordinal 
_pdbx_audit_revision_history.data_content_type 
_pdbx_audit_revision_history.major_revision 
_pdbx_audit_revision_history.minor_revision 
_pdbx_audit_revision_history.revision_date 
1 'Structure model' 1 0 2017-04-19 
2 'Structure model' 1 1 2017-08-09 
3 'Structure model' 1 2 2024-11-13 
# 
_pdbx_audit_revision_details.ordinal             1 
_pdbx_audit_revision_details.revision_ordinal    1 
_pdbx_audit_revision_details.data_content_type   'Structure model' 
_pdbx_audit_revision_details.provider            repository 
_pdbx_audit_revision_details.type                'Initial release' 
_pdbx_audit_revision_details.description         ? 
_pdbx_audit_revision_details.details             ? 
# 
loop_
_pdbx_audit_revision_group.ordinal 
_pdbx_audit_revision_group.revision_ordinal 
_pdbx_audit_revision_group.data_content_type 
_pdbx_audit_revision_group.group 
1 2 'Structure model' 'Database references' 
2 3 'Structure model' 'Data collection'     
3 3 'Structure model' 'Database references' 
4 3 'Structure model' 'Structure summary'   
# 
loop_
_pdbx_audit_revision_category.ordinal 
_pdbx_audit_revision_category.revision_ordinal 
_pdbx_audit_revision_category.data_content_type 
_pdbx_audit_revision_category.category 
1 2 'Structure model' citation                  
2 3 'Structure model' chem_comp_atom            
3 3 'Structure model' chem_comp_bond            
4 3 'Structure model' database_2                
5 3 'Structure model' pdbx_entry_details        
6 3 'Structure model' pdbx_modification_feature 
# 
loop_
_pdbx_audit_revision_item.ordinal 
_pdbx_audit_revision_item.revision_ordinal 
_pdbx_audit_revision_item.data_content_type 
_pdbx_audit_revision_item.item 
1 2 'Structure model' '_citation.journal_volume'            
2 2 'Structure model' '_citation.page_first'                
3 2 'Structure model' '_citation.page_last'                 
4 3 'Structure model' '_database_2.pdbx_DOI'                
5 3 'Structure model' '_database_2.pdbx_database_accession' 
# 
_pdbx_database_status.status_code                     REL 
_pdbx_database_status.status_code_sf                  REL 
_pdbx_database_status.status_code_mr                  ? 
_pdbx_database_status.entry_id                        5GZB 
_pdbx_database_status.recvd_initial_deposition_date   2016-09-28 
_pdbx_database_status.SG_entry                        N 
_pdbx_database_status.deposit_site                    PDBJ 
_pdbx_database_status.process_site                    PDBJ 
_pdbx_database_status.status_code_cs                  ? 
_pdbx_database_status.methods_development_category    ? 
_pdbx_database_status.pdb_format_compatible           Y 
_pdbx_database_status.status_code_nmr_data            ? 
# 
loop_
_audit_author.name 
_audit_author.pdbx_ordinal 
_audit_author.identifier_ORCID 
'He, F.'     1 ? 
'Shi, Z.B.'  2 ? 
'Zhou, Z.C.' 3 ? 
# 
_citation.abstract                  ? 
_citation.abstract_id_CAS           ? 
_citation.book_id_ISBN              ? 
_citation.book_publisher            ? 
_citation.book_publisher_city       ? 
_citation.book_title                ? 
_citation.coordinate_linkage        ? 
_citation.country                   UK 
_citation.database_id_Medline       ? 
_citation.details                   ? 
_citation.id                        primary 
_citation.journal_abbrev            Oncogene 
_citation.journal_id_ASTM           ? 
_citation.journal_id_CSD            ? 
_citation.journal_id_ISSN           1476-5594 
_citation.journal_full              ? 
_citation.journal_issue             ? 
_citation.journal_volume            36 
_citation.language                  ? 
_citation.page_first                4362 
_citation.page_last                 4369 
_citation.title                     'DNA-binding mechanism of the Hippo pathway transcription factor TEAD4' 
_citation.year                      2017 
_citation.database_id_CSD           ? 
_citation.pdbx_database_id_DOI      10.1038/onc.2017.24 
_citation.pdbx_database_id_PubMed   28368398 
_citation.unpublished_flag          ? 
# 
loop_
_citation_author.citation_id 
_citation_author.name 
_citation_author.ordinal 
_citation_author.identifier_ORCID 
primary 'Shi, Z.B.'  1 ? 
primary 'He, F.'     2 ? 
primary 'Chen, M.'   3 ? 
primary 'Hua, L.'    4 ? 
primary 'Wang, W.'   5 ? 
primary 'Jiao, S.'   6 ? 
primary 'Zhou, Z.C.' 7 ? 
# 
loop_
_entity.id 
_entity.type 
_entity.src_method 
_entity.pdbx_description 
_entity.formula_weight 
_entity.pdbx_number_of_molecules 
_entity.pdbx_ec 
_entity.pdbx_mutation 
_entity.pdbx_fragment 
_entity.details 
1 polymer     man 'Transcriptional enhancer factor TEF-3'                 12286.553 1 ? ? 'UNP residues 36-139' ? 
2 polymer     syn 
;DNA (5'-D(*TP*TP*GP*CP*AP*TP*TP*CP*CP*TP*CP*TP*C)-3')
;
3868.521  1 ? ? ?                     ? 
3 polymer     syn 
;DNA (5'-D(*GP*AP*GP*AP*GP*GP*AP*AP*TP*GP*CP*AP*A)-3')
;
4073.687  1 ? ? ?                     ? 
4 non-polymer syn GLYCEROL                                                92.094    1 ? ? ?                     ? 
5 non-polymer syn 'PHOSPHATE ION'                                         94.971    1 ? ? ?                     ? 
6 water       nat water                                                   18.015    1 ? ? ?                     ? 
# 
loop_
_entity_name_com.entity_id 
_entity_name_com.name 
1 'TEA domain family member 4,TEAD-4,Transcription factor 13-like 1,Transcription factor RTEF-1' 
2 'M-CAT element'                                                                                
3 'M-CAT element'                                                                                
# 
loop_
_entity_poly.entity_id 
_entity_poly.type 
_entity_poly.nstd_linkage 
_entity_poly.nstd_monomer 
_entity_poly.pdbx_seq_one_letter_code 
_entity_poly.pdbx_seq_one_letter_code_can 
_entity_poly.pdbx_strand_id 
_entity_poly.pdbx_target_identifier 
1 'polypeptide(L)'        no yes 
;ST(MSE)DNDAEGVWSPDIEQSFQEALAIYPPCGRRKIILSDEGK(MSE)YGRNELIARYIKLRTGKTRTRKQVSSHIQV
LARRKAREIQAKLKDQAAKDKALQS(MSE)AA(MSE)SSAQII
;
;STMDNDAEGVWSPDIEQSFQEALAIYPPCGRRKIILSDEGKMYGRNELIARYIKLRTGKTRTRKQVSSHIQVLARRKARE
IQAKLKDQAAKDKALQSMAAMSSAQII
;
A ? 
2 polydeoxyribonucleotide no no  '(DT)(DT)(DG)(DC)(DA)(DT)(DT)(DC)(DC)(DT)(DC)(DT)(DC)' TTGCATTCCTCTC B ? 
3 polydeoxyribonucleotide no no  '(DG)(DA)(DG)(DA)(DG)(DG)(DA)(DA)(DT)(DG)(DC)(DA)(DA)' GAGAGGAATGCAA C ? 
# 
loop_
_pdbx_entity_nonpoly.entity_id 
_pdbx_entity_nonpoly.name 
_pdbx_entity_nonpoly.comp_id 
4 GLYCEROL        GOL 
5 'PHOSPHATE ION' PO4 
6 water           HOH 
# 
loop_
_entity_poly_seq.entity_id 
_entity_poly_seq.num 
_entity_poly_seq.mon_id 
_entity_poly_seq.hetero 
1 1   SER n 
1 2   THR n 
1 3   MSE n 
1 4   ASP n 
1 5   ASN n 
1 6   ASP n 
1 7   ALA n 
1 8   GLU n 
1 9   GLY n 
1 10  VAL n 
1 11  TRP n 
1 12  SER n 
1 13  PRO n 
1 14  ASP n 
1 15  ILE n 
1 16  GLU n 
1 17  GLN n 
1 18  SER n 
1 19  PHE n 
1 20  GLN n 
1 21  GLU n 
1 22  ALA n 
1 23  LEU n 
1 24  ALA n 
1 25  ILE n 
1 26  TYR n 
1 27  PRO n 
1 28  PRO n 
1 29  CYS n 
1 30  GLY n 
1 31  ARG n 
1 32  ARG n 
1 33  LYS n 
1 34  ILE n 
1 35  ILE n 
1 36  LEU n 
1 37  SER n 
1 38  ASP n 
1 39  GLU n 
1 40  GLY n 
1 41  LYS n 
1 42  MSE n 
1 43  TYR n 
1 44  GLY n 
1 45  ARG n 
1 46  ASN n 
1 47  GLU n 
1 48  LEU n 
1 49  ILE n 
1 50  ALA n 
1 51  ARG n 
1 52  TYR n 
1 53  ILE n 
1 54  LYS n 
1 55  LEU n 
1 56  ARG n 
1 57  THR n 
1 58  GLY n 
1 59  LYS n 
1 60  THR n 
1 61  ARG n 
1 62  THR n 
1 63  ARG n 
1 64  LYS n 
1 65  GLN n 
1 66  VAL n 
1 67  SER n 
1 68  SER n 
1 69  HIS n 
1 70  ILE n 
1 71  GLN n 
1 72  VAL n 
1 73  LEU n 
1 74  ALA n 
1 75  ARG n 
1 76  ARG n 
1 77  LYS n 
1 78  ALA n 
1 79  ARG n 
1 80  GLU n 
1 81  ILE n 
1 82  GLN n 
1 83  ALA n 
1 84  LYS n 
1 85  LEU n 
1 86  LYS n 
1 87  ASP n 
1 88  GLN n 
1 89  ALA n 
1 90  ALA n 
1 91  LYS n 
1 92  ASP n 
1 93  LYS n 
1 94  ALA n 
1 95  LEU n 
1 96  GLN n 
1 97  SER n 
1 98  MSE n 
1 99  ALA n 
1 100 ALA n 
1 101 MSE n 
1 102 SER n 
1 103 SER n 
1 104 ALA n 
1 105 GLN n 
1 106 ILE n 
1 107 ILE n 
2 1   DT  n 
2 2   DT  n 
2 3   DG  n 
2 4   DC  n 
2 5   DA  n 
2 6   DT  n 
2 7   DT  n 
2 8   DC  n 
2 9   DC  n 
2 10  DT  n 
2 11  DC  n 
2 12  DT  n 
2 13  DC  n 
3 1   DG  n 
3 2   DA  n 
3 3   DG  n 
3 4   DA  n 
3 5   DG  n 
3 6   DG  n 
3 7   DA  n 
3 8   DA  n 
3 9   DT  n 
3 10  DG  n 
3 11  DC  n 
3 12  DA  n 
3 13  DA  n 
# 
_entity_src_gen.entity_id                          1 
_entity_src_gen.pdbx_src_id                        1 
_entity_src_gen.pdbx_alt_source_flag               sample 
_entity_src_gen.pdbx_seq_type                      'Biological sequence' 
_entity_src_gen.pdbx_beg_seq_num                   1 
_entity_src_gen.pdbx_end_seq_num                   107 
_entity_src_gen.gene_src_common_name               Human 
_entity_src_gen.gene_src_genus                     ? 
_entity_src_gen.pdbx_gene_src_gene                 TEAD4 
_entity_src_gen.gene_src_species                   ? 
_entity_src_gen.gene_src_strain                    ? 
_entity_src_gen.gene_src_tissue                    ? 
_entity_src_gen.gene_src_tissue_fraction           ? 
_entity_src_gen.gene_src_details                   ? 
_entity_src_gen.pdbx_gene_src_fragment             ? 
_entity_src_gen.pdbx_gene_src_scientific_name      'Homo sapiens' 
_entity_src_gen.pdbx_gene_src_ncbi_taxonomy_id     9606 
_entity_src_gen.pdbx_gene_src_variant              ? 
_entity_src_gen.pdbx_gene_src_cell_line            ? 
_entity_src_gen.pdbx_gene_src_atcc                 ? 
_entity_src_gen.pdbx_gene_src_organ                ? 
_entity_src_gen.pdbx_gene_src_organelle            ? 
_entity_src_gen.pdbx_gene_src_cell                 ? 
_entity_src_gen.pdbx_gene_src_cellular_location    ? 
_entity_src_gen.host_org_common_name               ? 
_entity_src_gen.pdbx_host_org_scientific_name      'Escherichia coli BL21(DE3)' 
_entity_src_gen.pdbx_host_org_ncbi_taxonomy_id     469008 
_entity_src_gen.host_org_genus                     ? 
_entity_src_gen.pdbx_host_org_gene                 ? 
_entity_src_gen.pdbx_host_org_organ                ? 
_entity_src_gen.host_org_species                   ? 
_entity_src_gen.pdbx_host_org_tissue               ? 
_entity_src_gen.pdbx_host_org_tissue_fraction      ? 
_entity_src_gen.pdbx_host_org_strain               'BL21(DE3)' 
_entity_src_gen.pdbx_host_org_variant              ? 
_entity_src_gen.pdbx_host_org_cell_line            ? 
_entity_src_gen.pdbx_host_org_atcc                 ? 
_entity_src_gen.pdbx_host_org_culture_collection   ? 
_entity_src_gen.pdbx_host_org_cell                 ? 
_entity_src_gen.pdbx_host_org_organelle            ? 
_entity_src_gen.pdbx_host_org_cellular_location    ? 
_entity_src_gen.pdbx_host_org_vector_type          ? 
_entity_src_gen.pdbx_host_org_vector               ? 
_entity_src_gen.host_org_details                   ? 
_entity_src_gen.expression_system_id               ? 
_entity_src_gen.plasmid_name                       ? 
_entity_src_gen.plasmid_details                    ? 
_entity_src_gen.pdbx_description                   ? 
# 
loop_
_pdbx_entity_src_syn.entity_id 
_pdbx_entity_src_syn.pdbx_src_id 
_pdbx_entity_src_syn.pdbx_alt_source_flag 
_pdbx_entity_src_syn.pdbx_beg_seq_num 
_pdbx_entity_src_syn.pdbx_end_seq_num 
_pdbx_entity_src_syn.organism_scientific 
_pdbx_entity_src_syn.organism_common_name 
_pdbx_entity_src_syn.ncbi_taxonomy_id 
_pdbx_entity_src_syn.details 
2 1 sample 1 13 'Homo sapiens' Human 9606 ? 
3 1 sample 1 13 'Homo sapiens' Human 9606 ? 
# 
loop_
_chem_comp.id 
_chem_comp.type 
_chem_comp.mon_nstd_flag 
_chem_comp.name 
_chem_comp.pdbx_synonyms 
_chem_comp.formula 
_chem_comp.formula_weight 
ALA 'L-peptide linking' y ALANINE                              ?                               'C3 H7 N O2'      89.093  
ARG 'L-peptide linking' y ARGININE                             ?                               'C6 H15 N4 O2 1'  175.209 
ASN 'L-peptide linking' y ASPARAGINE                           ?                               'C4 H8 N2 O3'     132.118 
ASP 'L-peptide linking' y 'ASPARTIC ACID'                      ?                               'C4 H7 N O4'      133.103 
CYS 'L-peptide linking' y CYSTEINE                             ?                               'C3 H7 N O2 S'    121.158 
DA  'DNA linking'       y "2'-DEOXYADENOSINE-5'-MONOPHOSPHATE" ?                               'C10 H14 N5 O6 P' 331.222 
DC  'DNA linking'       y "2'-DEOXYCYTIDINE-5'-MONOPHOSPHATE"  ?                               'C9 H14 N3 O7 P'  307.197 
DG  'DNA linking'       y "2'-DEOXYGUANOSINE-5'-MONOPHOSPHATE" ?                               'C10 H14 N5 O7 P' 347.221 
DT  'DNA linking'       y "THYMIDINE-5'-MONOPHOSPHATE"         ?                               'C10 H15 N2 O8 P' 322.208 
GLN 'L-peptide linking' y GLUTAMINE                            ?                               'C5 H10 N2 O3'    146.144 
GLU 'L-peptide linking' y 'GLUTAMIC ACID'                      ?                               'C5 H9 N O4'      147.129 
GLY 'peptide linking'   y GLYCINE                              ?                               'C2 H5 N O2'      75.067  
GOL non-polymer         . GLYCEROL                             'GLYCERIN; PROPANE-1,2,3-TRIOL' 'C3 H8 O3'        92.094  
HIS 'L-peptide linking' y HISTIDINE                            ?                               'C6 H10 N3 O2 1'  156.162 
HOH non-polymer         . WATER                                ?                               'H2 O'            18.015  
ILE 'L-peptide linking' y ISOLEUCINE                           ?                               'C6 H13 N O2'     131.173 
LEU 'L-peptide linking' y LEUCINE                              ?                               'C6 H13 N O2'     131.173 
LYS 'L-peptide linking' y LYSINE                               ?                               'C6 H15 N2 O2 1'  147.195 
MSE 'L-peptide linking' n SELENOMETHIONINE                     ?                               'C5 H11 N O2 Se'  196.106 
PHE 'L-peptide linking' y PHENYLALANINE                        ?                               'C9 H11 N O2'     165.189 
PO4 non-polymer         . 'PHOSPHATE ION'                      ?                               'O4 P -3'         94.971  
PRO 'L-peptide linking' y PROLINE                              ?                               'C5 H9 N O2'      115.130 
SER 'L-peptide linking' y SERINE                               ?                               'C3 H7 N O3'      105.093 
THR 'L-peptide linking' y THREONINE                            ?                               'C4 H9 N O3'      119.119 
TRP 'L-peptide linking' y TRYPTOPHAN                           ?                               'C11 H12 N2 O2'   204.225 
TYR 'L-peptide linking' y TYROSINE                             ?                               'C9 H11 N O3'     181.189 
VAL 'L-peptide linking' y VALINE                               ?                               'C5 H11 N O2'     117.146 
# 
loop_
_pdbx_poly_seq_scheme.asym_id 
_pdbx_poly_seq_scheme.entity_id 
_pdbx_poly_seq_scheme.seq_id 
_pdbx_poly_seq_scheme.mon_id 
_pdbx_poly_seq_scheme.ndb_seq_num 
_pdbx_poly_seq_scheme.pdb_seq_num 
_pdbx_poly_seq_scheme.auth_seq_num 
_pdbx_poly_seq_scheme.pdb_mon_id 
_pdbx_poly_seq_scheme.auth_mon_id 
_pdbx_poly_seq_scheme.pdb_strand_id 
_pdbx_poly_seq_scheme.pdb_ins_code 
_pdbx_poly_seq_scheme.hetero 
A 1 1   SER 1   33  ?   ?   ?   A . n 
A 1 2   THR 2   34  ?   ?   ?   A . n 
A 1 3   MSE 3   35  ?   ?   ?   A . n 
A 1 4   ASP 4   36  ?   ?   ?   A . n 
A 1 5   ASN 5   37  ?   ?   ?   A . n 
A 1 6   ASP 6   38  ?   ?   ?   A . n 
A 1 7   ALA 7   39  ?   ?   ?   A . n 
A 1 8   GLU 8   40  ?   ?   ?   A . n 
A 1 9   GLY 9   41  ?   ?   ?   A . n 
A 1 10  VAL 10  42  42  VAL VAL A . n 
A 1 11  TRP 11  43  43  TRP TRP A . n 
A 1 12  SER 12  44  44  SER SER A . n 
A 1 13  PRO 13  45  45  PRO PRO A . n 
A 1 14  ASP 14  46  46  ASP ASP A . n 
A 1 15  ILE 15  47  47  ILE ILE A . n 
A 1 16  GLU 16  48  48  GLU GLU A . n 
A 1 17  GLN 17  49  49  GLN GLN A . n 
A 1 18  SER 18  50  50  SER SER A . n 
A 1 19  PHE 19  51  51  PHE PHE A . n 
A 1 20  GLN 20  52  52  GLN GLN A . n 
A 1 21  GLU 21  53  53  GLU GLU A . n 
A 1 22  ALA 22  54  54  ALA ALA A . n 
A 1 23  LEU 23  55  55  LEU LEU A . n 
A 1 24  ALA 24  56  56  ALA ALA A . n 
A 1 25  ILE 25  57  57  ILE ILE A . n 
A 1 26  TYR 26  58  58  TYR TYR A . n 
A 1 27  PRO 27  59  59  PRO PRO A . n 
A 1 28  PRO 28  60  60  PRO PRO A . n 
A 1 29  CYS 29  61  61  CYS CYS A . n 
A 1 30  GLY 30  62  62  GLY GLY A . n 
A 1 31  ARG 31  63  63  ARG ARG A . n 
A 1 32  ARG 32  64  64  ARG ARG A . n 
A 1 33  LYS 33  65  65  LYS LYS A . n 
A 1 34  ILE 34  66  66  ILE ILE A . n 
A 1 35  ILE 35  67  67  ILE ILE A . n 
A 1 36  LEU 36  68  68  LEU LEU A . n 
A 1 37  SER 37  69  69  SER SER A . n 
A 1 38  ASP 38  70  70  ASP ASP A . n 
A 1 39  GLU 39  71  71  GLU GLU A . n 
A 1 40  GLY 40  72  72  GLY GLY A . n 
A 1 41  LYS 41  73  73  LYS LYS A . n 
A 1 42  MSE 42  74  74  MSE MSE A . n 
A 1 43  TYR 43  75  75  TYR TYR A . n 
A 1 44  GLY 44  76  76  GLY GLY A . n 
A 1 45  ARG 45  77  77  ARG ARG A . n 
A 1 46  ASN 46  78  78  ASN ASN A . n 
A 1 47  GLU 47  79  79  GLU GLU A . n 
A 1 48  LEU 48  80  80  LEU LEU A . n 
A 1 49  ILE 49  81  81  ILE ILE A . n 
A 1 50  ALA 50  82  82  ALA ALA A . n 
A 1 51  ARG 51  83  83  ARG ARG A . n 
A 1 52  TYR 52  84  84  TYR TYR A . n 
A 1 53  ILE 53  85  85  ILE ILE A . n 
A 1 54  LYS 54  86  86  LYS LYS A . n 
A 1 55  LEU 55  87  87  LEU LEU A . n 
A 1 56  ARG 56  88  88  ARG ARG A . n 
A 1 57  THR 57  89  89  THR THR A . n 
A 1 58  GLY 58  90  90  GLY GLY A . n 
A 1 59  LYS 59  91  91  LYS LYS A . n 
A 1 60  THR 60  92  92  THR THR A . n 
A 1 61  ARG 61  93  93  ARG ARG A . n 
A 1 62  THR 62  94  94  THR THR A . n 
A 1 63  ARG 63  95  95  ARG ARG A . n 
A 1 64  LYS 64  96  96  LYS LYS A . n 
A 1 65  GLN 65  97  97  GLN GLN A . n 
A 1 66  VAL 66  98  98  VAL VAL A . n 
A 1 67  SER 67  99  99  SER SER A . n 
A 1 68  SER 68  100 100 SER SER A . n 
A 1 69  HIS 69  101 101 HIS HIS A . n 
A 1 70  ILE 70  102 102 ILE ILE A . n 
A 1 71  GLN 71  103 103 GLN GLN A . n 
A 1 72  VAL 72  104 104 VAL VAL A . n 
A 1 73  LEU 73  105 105 LEU LEU A . n 
A 1 74  ALA 74  106 106 ALA ALA A . n 
A 1 75  ARG 75  107 107 ARG ARG A . n 
A 1 76  ARG 76  108 108 ARG ARG A . n 
A 1 77  LYS 77  109 109 LYS LYS A . n 
A 1 78  ALA 78  110 110 ALA ALA A . n 
A 1 79  ARG 79  111 111 ARG ARG A . n 
A 1 80  GLU 80  112 112 GLU GLU A . n 
A 1 81  ILE 81  113 113 ILE ILE A . n 
A 1 82  GLN 82  114 114 GLN GLN A . n 
A 1 83  ALA 83  115 115 ALA ALA A . n 
A 1 84  LYS 84  116 116 LYS LYS A . n 
A 1 85  LEU 85  117 117 LEU LEU A . n 
A 1 86  LYS 86  118 118 LYS LYS A . n 
A 1 87  ASP 87  119 119 ASP ASP A . n 
A 1 88  GLN 88  120 120 GLN GLN A . n 
A 1 89  ALA 89  121 121 ALA ALA A . n 
A 1 90  ALA 90  122 122 ALA ALA A . n 
A 1 91  LYS 91  123 123 LYS LYS A . n 
A 1 92  ASP 92  124 124 ASP ASP A . n 
A 1 93  LYS 93  125 125 LYS LYS A . n 
A 1 94  ALA 94  126 126 ALA ALA A . n 
A 1 95  LEU 95  127 127 LEU LEU A . n 
A 1 96  GLN 96  128 128 GLN GLN A . n 
A 1 97  SER 97  129 129 SER SER A . n 
A 1 98  MSE 98  130 130 MSE MSE A . n 
A 1 99  ALA 99  131 131 ALA ALA A . n 
A 1 100 ALA 100 132 132 ALA ALA A . n 
A 1 101 MSE 101 133 ?   ?   ?   A . n 
A 1 102 SER 102 134 ?   ?   ?   A . n 
A 1 103 SER 103 135 ?   ?   ?   A . n 
A 1 104 ALA 104 136 ?   ?   ?   A . n 
A 1 105 GLN 105 137 ?   ?   ?   A . n 
A 1 106 ILE 106 138 ?   ?   ?   A . n 
A 1 107 ILE 107 139 ?   ?   ?   A . n 
B 2 1   DT  1   1   1   DT  DT  B . n 
B 2 2   DT  2   2   2   DT  DT  B . n 
B 2 3   DG  3   3   3   DG  DG  B . n 
B 2 4   DC  4   4   4   DC  DC  B . n 
B 2 5   DA  5   5   5   DA  DA  B . n 
B 2 6   DT  6   6   6   DT  DT  B . n 
B 2 7   DT  7   7   7   DT  DT  B . n 
B 2 8   DC  8   8   8   DC  DC  B . n 
B 2 9   DC  9   9   9   DC  DC  B . n 
B 2 10  DT  10  10  10  DT  DT  B . n 
B 2 11  DC  11  11  11  DC  DC  B . n 
B 2 12  DT  12  12  12  DT  DT  B . n 
B 2 13  DC  13  13  13  DC  DC  B . n 
C 3 1   DG  1   1   1   DG  DG  C . n 
C 3 2   DA  2   2   2   DA  DA  C . n 
C 3 3   DG  3   3   3   DG  DG  C . n 
C 3 4   DA  4   4   4   DA  DA  C . n 
C 3 5   DG  5   5   5   DG  DG  C . n 
C 3 6   DG  6   6   6   DG  DG  C . n 
C 3 7   DA  7   7   7   DA  DA  C . n 
C 3 8   DA  8   8   8   DA  DA  C . n 
C 3 9   DT  9   9   9   DT  DT  C . n 
C 3 10  DG  10  10  10  DG  DG  C . n 
C 3 11  DC  11  11  11  DC  DC  C . n 
C 3 12  DA  12  12  12  DA  DA  C . n 
C 3 13  DA  13  13  13  DA  DA  C . n 
# 
loop_
_pdbx_nonpoly_scheme.asym_id 
_pdbx_nonpoly_scheme.entity_id 
_pdbx_nonpoly_scheme.mon_id 
_pdbx_nonpoly_scheme.ndb_seq_num 
_pdbx_nonpoly_scheme.pdb_seq_num 
_pdbx_nonpoly_scheme.auth_seq_num 
_pdbx_nonpoly_scheme.pdb_mon_id 
_pdbx_nonpoly_scheme.auth_mon_id 
_pdbx_nonpoly_scheme.pdb_strand_id 
_pdbx_nonpoly_scheme.pdb_ins_code 
D 4 GOL 1 201 2 GOL GOL A . 
E 5 PO4 1 101 1 PO4 PO4 C . 
F 6 HOH 1 201 3 HOH HOH C . 
# 
loop_
_pdbx_unobs_or_zero_occ_atoms.id 
_pdbx_unobs_or_zero_occ_atoms.PDB_model_num 
_pdbx_unobs_or_zero_occ_atoms.polymer_flag 
_pdbx_unobs_or_zero_occ_atoms.occupancy_flag 
_pdbx_unobs_or_zero_occ_atoms.auth_asym_id 
_pdbx_unobs_or_zero_occ_atoms.auth_comp_id 
_pdbx_unobs_or_zero_occ_atoms.auth_seq_id 
_pdbx_unobs_or_zero_occ_atoms.PDB_ins_code 
_pdbx_unobs_or_zero_occ_atoms.auth_atom_id 
_pdbx_unobs_or_zero_occ_atoms.label_alt_id 
_pdbx_unobs_or_zero_occ_atoms.label_asym_id 
_pdbx_unobs_or_zero_occ_atoms.label_comp_id 
_pdbx_unobs_or_zero_occ_atoms.label_seq_id 
_pdbx_unobs_or_zero_occ_atoms.label_atom_id 
1  1 Y 1 A THR 89  ? OG1   ? A THR 57 OG1   
2  1 Y 1 A THR 89  ? CG2   ? A THR 57 CG2   
3  1 Y 1 A LYS 91  ? CG    ? A LYS 59 CG    
4  1 Y 1 A LYS 91  ? CD    ? A LYS 59 CD    
5  1 Y 1 A LYS 91  ? CE    ? A LYS 59 CE    
6  1 Y 1 A LYS 91  ? NZ    ? A LYS 59 NZ    
7  1 Y 1 A GLU 112 ? CD    ? A GLU 80 CD    
8  1 Y 1 A GLU 112 ? OE1   ? A GLU 80 OE1   
9  1 Y 1 A GLU 112 ? OE2   ? A GLU 80 OE2   
10 1 Y 1 A LYS 116 ? CG    ? A LYS 84 CG    
11 1 Y 1 A LYS 116 ? CD    ? A LYS 84 CD    
12 1 Y 1 A LYS 116 ? CE    ? A LYS 84 CE    
13 1 Y 1 A LYS 116 ? NZ    ? A LYS 84 NZ    
14 1 Y 1 A LEU 117 ? CG    ? A LEU 85 CG    
15 1 Y 1 A LEU 117 ? CD1   ? A LEU 85 CD1   
16 1 Y 1 A LEU 117 ? CD2   ? A LEU 85 CD2   
17 1 Y 1 A LYS 118 ? CG    ? A LYS 86 CG    
18 1 Y 1 A LYS 118 ? CD    ? A LYS 86 CD    
19 1 Y 1 A LYS 118 ? CE    ? A LYS 86 CE    
20 1 Y 1 A LYS 118 ? NZ    ? A LYS 86 NZ    
21 1 Y 1 A ASP 119 ? CG    ? A ASP 87 CG    
22 1 Y 1 A ASP 119 ? OD1   ? A ASP 87 OD1   
23 1 Y 1 A ASP 119 ? OD2   ? A ASP 87 OD2   
24 1 Y 1 A ASP 124 ? CG    ? A ASP 92 CG    
25 1 Y 1 A ASP 124 ? OD1   ? A ASP 92 OD1   
26 1 Y 1 A ASP 124 ? OD2   ? A ASP 92 OD2   
27 1 Y 1 A GLN 128 ? CG    ? A GLN 96 CG    
28 1 Y 1 A GLN 128 ? CD    ? A GLN 96 CD    
29 1 Y 1 A GLN 128 ? OE1   ? A GLN 96 OE1   
30 1 Y 1 A GLN 128 ? NE2   ? A GLN 96 NE2   
31 1 Y 1 B DT  1   ? "O5'" ? B DT  1  "O5'" 
32 1 Y 1 C DG  1   ? "O5'" ? C DG  1  "O5'" 
# 
loop_
_software.citation_id 
_software.classification 
_software.compiler_name 
_software.compiler_version 
_software.contact_author 
_software.contact_author_email 
_software.date 
_software.description 
_software.dependencies 
_software.hardware 
_software.language 
_software.location 
_software.mods 
_software.name 
_software.os 
_software.os_version 
_software.type 
_software.version 
_software.pdbx_ordinal 
? refinement       ? ? ? ? ? ? ? ? ? ? ? PHENIX   ? ? ? 1.9_1692 1 
? 'data reduction' ? ? ? ? ? ? ? ? ? ? ? HKL-2000 ? ? ? .        2 
? 'data scaling'   ? ? ? ? ? ? ? ? ? ? ? HKL-2000 ? ? ? .        3 
? phasing          ? ? ? ? ? ? ? ? ? ? ? PHENIX   ? ? ? .        4 
# 
_cell.angle_alpha                  90.00 
_cell.angle_alpha_esd              ? 
_cell.angle_beta                   90.00 
_cell.angle_beta_esd               ? 
_cell.angle_gamma                  90.00 
_cell.angle_gamma_esd              ? 
_cell.entry_id                     5GZB 
_cell.details                      ? 
_cell.formula_units_Z              ? 
_cell.length_a                     118.595 
_cell.length_a_esd                 ? 
_cell.length_b                     118.595 
_cell.length_b_esd                 ? 
_cell.length_c                     110.258 
_cell.length_c_esd                 ? 
_cell.volume                       ? 
_cell.volume_esd                   ? 
_cell.Z_PDB                        16 
_cell.reciprocal_angle_alpha       ? 
_cell.reciprocal_angle_beta        ? 
_cell.reciprocal_angle_gamma       ? 
_cell.reciprocal_angle_alpha_esd   ? 
_cell.reciprocal_angle_beta_esd    ? 
_cell.reciprocal_angle_gamma_esd   ? 
_cell.reciprocal_length_a          ? 
_cell.reciprocal_length_b          ? 
_cell.reciprocal_length_c          ? 
_cell.reciprocal_length_a_esd      ? 
_cell.reciprocal_length_b_esd      ? 
_cell.reciprocal_length_c_esd      ? 
_cell.pdbx_unique_axis             ? 
# 
_symmetry.entry_id                         5GZB 
_symmetry.cell_setting                     ? 
_symmetry.Int_Tables_number                98 
_symmetry.space_group_name_Hall            ? 
_symmetry.space_group_name_H-M             'I 41 2 2' 
_symmetry.pdbx_full_space_group_name_H-M   ? 
# 
_exptl.absorpt_coefficient_mu     ? 
_exptl.absorpt_correction_T_max   ? 
_exptl.absorpt_correction_T_min   ? 
_exptl.absorpt_correction_type    ? 
_exptl.absorpt_process_details    ? 
_exptl.entry_id                   5GZB 
_exptl.crystals_number            1 
_exptl.details                    ? 
_exptl.method                     'X-RAY DIFFRACTION' 
_exptl.method_details             ? 
# 
_exptl_crystal.colour                      ? 
_exptl_crystal.density_diffrn              ? 
_exptl_crystal.density_Matthews            4.79 
_exptl_crystal.density_method              ? 
_exptl_crystal.density_percent_sol         74.33 
_exptl_crystal.description                 ? 
_exptl_crystal.F_000                       ? 
_exptl_crystal.id                          1 
_exptl_crystal.preparation                 ? 
_exptl_crystal.size_max                    ? 
_exptl_crystal.size_mid                    ? 
_exptl_crystal.size_min                    ? 
_exptl_crystal.size_rad                    ? 
_exptl_crystal.colour_lustre               ? 
_exptl_crystal.colour_modifier             ? 
_exptl_crystal.colour_primary              ? 
_exptl_crystal.density_meas                ? 
_exptl_crystal.density_meas_esd            ? 
_exptl_crystal.density_meas_gt             ? 
_exptl_crystal.density_meas_lt             ? 
_exptl_crystal.density_meas_temp           ? 
_exptl_crystal.density_meas_temp_esd       ? 
_exptl_crystal.density_meas_temp_gt        ? 
_exptl_crystal.density_meas_temp_lt        ? 
_exptl_crystal.pdbx_crystal_image_url      ? 
_exptl_crystal.pdbx_crystal_image_format   ? 
_exptl_crystal.pdbx_mosaicity              ? 
_exptl_crystal.pdbx_mosaicity_esd          ? 
# 
_exptl_crystal_grow.apparatus       ? 
_exptl_crystal_grow.atmosphere      ? 
_exptl_crystal_grow.crystal_id      1 
_exptl_crystal_grow.details         ? 
_exptl_crystal_grow.method          'VAPOR DIFFUSION, SITTING DROP' 
_exptl_crystal_grow.method_ref      ? 
_exptl_crystal_grow.pH              7.5 
_exptl_crystal_grow.pressure        ? 
_exptl_crystal_grow.pressure_esd    ? 
_exptl_crystal_grow.seeding         ? 
_exptl_crystal_grow.seeding_ref     ? 
_exptl_crystal_grow.temp            291 
_exptl_crystal_grow.temp_details    ? 
_exptl_crystal_grow.temp_esd        ? 
_exptl_crystal_grow.time            ? 
_exptl_crystal_grow.pdbx_details    '0.6 M Na2HPO4, 0.6 M KH2PO4, 0.1 M HEPES' 
_exptl_crystal_grow.pdbx_pH_range   ? 
# 
_diffrn.ambient_environment    ? 
_diffrn.ambient_temp           100 
_diffrn.ambient_temp_details   ? 
_diffrn.ambient_temp_esd       ? 
_diffrn.crystal_id             1 
_diffrn.crystal_support        ? 
_diffrn.crystal_treatment      ? 
_diffrn.details                ? 
_diffrn.id                     1 
_diffrn.ambient_pressure       ? 
_diffrn.ambient_pressure_esd   ? 
_diffrn.ambient_pressure_gt    ? 
_diffrn.ambient_pressure_lt    ? 
_diffrn.ambient_temp_gt        ? 
_diffrn.ambient_temp_lt        ? 
# 
_diffrn_detector.details                      ? 
_diffrn_detector.detector                     CCD 
_diffrn_detector.diffrn_id                    1 
_diffrn_detector.type                         'RAYONIX MX-225' 
_diffrn_detector.area_resol_mean              ? 
_diffrn_detector.dtime                        ? 
_diffrn_detector.pdbx_frames_total            ? 
_diffrn_detector.pdbx_collection_time_total   ? 
_diffrn_detector.pdbx_collection_date         2014-03-30 
# 
_diffrn_radiation.collimation                      ? 
_diffrn_radiation.diffrn_id                        1 
_diffrn_radiation.filter_edge                      ? 
_diffrn_radiation.inhomogeneity                    ? 
_diffrn_radiation.monochromator                    'Si 111 CHANNEL' 
_diffrn_radiation.polarisn_norm                    ? 
_diffrn_radiation.polarisn_ratio                   ? 
_diffrn_radiation.probe                            ? 
_diffrn_radiation.type                             ? 
_diffrn_radiation.xray_symbol                      ? 
_diffrn_radiation.wavelength_id                    1 
_diffrn_radiation.pdbx_monochromatic_or_laue_m_l   M 
_diffrn_radiation.pdbx_wavelength_list             ? 
_diffrn_radiation.pdbx_wavelength                  ? 
_diffrn_radiation.pdbx_diffrn_protocol             'SINGLE WAVELENGTH' 
_diffrn_radiation.pdbx_analyzer                    ? 
_diffrn_radiation.pdbx_scattering_type             x-ray 
# 
_diffrn_radiation_wavelength.id           1 
_diffrn_radiation_wavelength.wavelength   0.97924 
_diffrn_radiation_wavelength.wt           1.0 
# 
_diffrn_source.current                     ? 
_diffrn_source.details                     ? 
_diffrn_source.diffrn_id                   1 
_diffrn_source.power                       ? 
_diffrn_source.size                        ? 
_diffrn_source.source                      SYNCHROTRON 
_diffrn_source.target                      ? 
_diffrn_source.type                        'SSRF BEAMLINE BL17U' 
_diffrn_source.voltage                     ? 
_diffrn_source.take-off_angle              ? 
_diffrn_source.pdbx_wavelength_list        0.97924 
_diffrn_source.pdbx_wavelength             ? 
_diffrn_source.pdbx_synchrotron_beamline   BL17U 
_diffrn_source.pdbx_synchrotron_site       SSRF 
# 
_reflns.B_iso_Wilson_estimate            ? 
_reflns.entry_id                         5GZB 
_reflns.data_reduction_details           ? 
_reflns.data_reduction_method            ? 
_reflns.d_resolution_high                2.70 
_reflns.d_resolution_low                 37.5 
_reflns.details                          ? 
_reflns.limit_h_max                      ? 
_reflns.limit_h_min                      ? 
_reflns.limit_k_max                      ? 
_reflns.limit_k_min                      ? 
_reflns.limit_l_max                      ? 
_reflns.limit_l_min                      ? 
_reflns.number_all                       ? 
_reflns.number_obs                       20397 
_reflns.observed_criterion               ? 
_reflns.observed_criterion_F_max         ? 
_reflns.observed_criterion_F_min         ? 
_reflns.observed_criterion_I_max         ? 
_reflns.observed_criterion_I_min         ? 
_reflns.observed_criterion_sigma_F       ? 
_reflns.observed_criterion_sigma_I       ? 
_reflns.percent_possible_obs             99.7 
_reflns.R_free_details                   ? 
_reflns.Rmerge_F_all                     ? 
_reflns.Rmerge_F_obs                     ? 
_reflns.Friedel_coverage                 ? 
_reflns.number_gt                        ? 
_reflns.threshold_expression             ? 
_reflns.pdbx_redundancy                  9.3 
_reflns.pdbx_Rmerge_I_obs                ? 
_reflns.pdbx_Rmerge_I_all                ? 
_reflns.pdbx_Rsym_value                  ? 
_reflns.pdbx_netI_over_av_sigmaI         ? 
_reflns.pdbx_netI_over_sigmaI            20.3 
_reflns.pdbx_res_netI_over_av_sigmaI_2   ? 
_reflns.pdbx_res_netI_over_sigmaI_2      ? 
_reflns.pdbx_chi_squared                 ? 
_reflns.pdbx_scaling_rejects             ? 
_reflns.pdbx_d_res_high_opt              ? 
_reflns.pdbx_d_res_low_opt               ? 
_reflns.pdbx_d_res_opt_method            ? 
_reflns.phase_calculation_details        ? 
_reflns.pdbx_Rrim_I_all                  ? 
_reflns.pdbx_Rpim_I_all                  ? 
_reflns.pdbx_d_opt                       ? 
_reflns.pdbx_number_measured_all         ? 
_reflns.pdbx_diffrn_id                   1 
_reflns.pdbx_ordinal                     1 
_reflns.pdbx_CC_half                     ? 
_reflns.pdbx_R_split                     ? 
# 
_reflns_shell.d_res_high                  2.70 
_reflns_shell.d_res_low                   2.75 
_reflns_shell.meanI_over_sigI_all         ? 
_reflns_shell.meanI_over_sigI_obs         1.5 
_reflns_shell.number_measured_all         ? 
_reflns_shell.number_measured_obs         ? 
_reflns_shell.number_possible             ? 
_reflns_shell.number_unique_all           ? 
_reflns_shell.number_unique_obs           ? 
_reflns_shell.percent_possible_all        98.9 
_reflns_shell.percent_possible_obs        ? 
_reflns_shell.Rmerge_F_all                ? 
_reflns_shell.Rmerge_F_obs                ? 
_reflns_shell.Rmerge_I_all                ? 
_reflns_shell.Rmerge_I_obs                ? 
_reflns_shell.meanI_over_sigI_gt          ? 
_reflns_shell.meanI_over_uI_all           ? 
_reflns_shell.meanI_over_uI_gt            ? 
_reflns_shell.number_measured_gt          ? 
_reflns_shell.number_unique_gt            ? 
_reflns_shell.percent_possible_gt         ? 
_reflns_shell.Rmerge_F_gt                 ? 
_reflns_shell.Rmerge_I_gt                 ? 
_reflns_shell.pdbx_redundancy             9.1 
_reflns_shell.pdbx_Rsym_value             ? 
_reflns_shell.pdbx_chi_squared            ? 
_reflns_shell.pdbx_netI_over_sigmaI_all   ? 
_reflns_shell.pdbx_netI_over_sigmaI_obs   ? 
_reflns_shell.pdbx_Rrim_I_all             ? 
_reflns_shell.pdbx_Rpim_I_all             ? 
_reflns_shell.pdbx_rejects                ? 
_reflns_shell.pdbx_ordinal                1 
_reflns_shell.pdbx_diffrn_id              1 
_reflns_shell.pdbx_CC_half                0.725 
_reflns_shell.pdbx_R_split                ? 
# 
_refine.aniso_B[1][1]                            ? 
_refine.aniso_B[1][2]                            ? 
_refine.aniso_B[1][3]                            ? 
_refine.aniso_B[2][2]                            ? 
_refine.aniso_B[2][3]                            ? 
_refine.aniso_B[3][3]                            ? 
_refine.B_iso_max                                ? 
_refine.B_iso_mean                               81.19 
_refine.B_iso_min                                ? 
_refine.correlation_coeff_Fo_to_Fc               ? 
_refine.correlation_coeff_Fo_to_Fc_free          ? 
_refine.details                                  ? 
_refine.diff_density_max                         ? 
_refine.diff_density_max_esd                     ? 
_refine.diff_density_min                         ? 
_refine.diff_density_min_esd                     ? 
_refine.diff_density_rms                         ? 
_refine.diff_density_rms_esd                     ? 
_refine.entry_id                                 5GZB 
_refine.pdbx_refine_id                           'X-RAY DIFFRACTION' 
_refine.ls_abs_structure_details                 ? 
_refine.ls_abs_structure_Flack                   ? 
_refine.ls_abs_structure_Flack_esd               ? 
_refine.ls_abs_structure_Rogers                  ? 
_refine.ls_abs_structure_Rogers_esd              ? 
_refine.ls_d_res_high                            2.704 
_refine.ls_d_res_low                             37.5 
_refine.ls_extinction_coef                       ? 
_refine.ls_extinction_coef_esd                   ? 
_refine.ls_extinction_expression                 ? 
_refine.ls_extinction_method                     ? 
_refine.ls_goodness_of_fit_all                   ? 
_refine.ls_goodness_of_fit_all_esd               ? 
_refine.ls_goodness_of_fit_obs                   ? 
_refine.ls_goodness_of_fit_obs_esd               ? 
_refine.ls_hydrogen_treatment                    ? 
_refine.ls_matrix_type                           ? 
_refine.ls_number_constraints                    ? 
_refine.ls_number_parameters                     ? 
_refine.ls_number_reflns_all                     ? 
_refine.ls_number_reflns_obs                     20397 
_refine.ls_number_reflns_R_free                  2034 
_refine.ls_number_reflns_R_work                  ? 
_refine.ls_number_restraints                     ? 
_refine.ls_percent_reflns_obs                    99.23 
_refine.ls_percent_reflns_R_free                 9.97 
_refine.ls_R_factor_all                          ? 
_refine.ls_R_factor_obs                          0.2318 
_refine.ls_R_factor_R_free                       0.2562 
_refine.ls_R_factor_R_free_error                 ? 
_refine.ls_R_factor_R_free_error_details         ? 
_refine.ls_R_factor_R_work                       0.2291 
_refine.ls_R_Fsqd_factor_obs                     ? 
_refine.ls_R_I_factor_obs                        ? 
_refine.ls_redundancy_reflns_all                 ? 
_refine.ls_redundancy_reflns_obs                 ? 
_refine.ls_restrained_S_all                      ? 
_refine.ls_restrained_S_obs                      ? 
_refine.ls_shift_over_esd_max                    ? 
_refine.ls_shift_over_esd_mean                   ? 
_refine.ls_structure_factor_coef                 ? 
_refine.ls_weighting_details                     ? 
_refine.ls_weighting_scheme                      ? 
_refine.ls_wR_factor_all                         ? 
_refine.ls_wR_factor_obs                         ? 
_refine.ls_wR_factor_R_free                      ? 
_refine.ls_wR_factor_R_work                      ? 
_refine.occupancy_max                            ? 
_refine.occupancy_min                            ? 
_refine.solvent_model_details                    ? 
_refine.solvent_model_param_bsol                 ? 
_refine.solvent_model_param_ksol                 ? 
_refine.ls_R_factor_gt                           ? 
_refine.ls_goodness_of_fit_gt                    ? 
_refine.ls_goodness_of_fit_ref                   ? 
_refine.ls_shift_over_su_max                     ? 
_refine.ls_shift_over_su_max_lt                  ? 
_refine.ls_shift_over_su_mean                    ? 
_refine.ls_shift_over_su_mean_lt                 ? 
_refine.pdbx_ls_sigma_I                          ? 
_refine.pdbx_ls_sigma_F                          1.34 
_refine.pdbx_ls_sigma_Fsqd                       ? 
_refine.pdbx_data_cutoff_high_absF               ? 
_refine.pdbx_data_cutoff_high_rms_absF           ? 
_refine.pdbx_data_cutoff_low_absF                ? 
_refine.pdbx_isotropic_thermal_model             ? 
_refine.pdbx_ls_cross_valid_method               'FREE R-VALUE' 
_refine.pdbx_method_to_determine_struct          SAD 
_refine.pdbx_starting_model                      ? 
_refine.pdbx_stereochemistry_target_values       ? 
_refine.pdbx_R_Free_selection_details            ? 
_refine.pdbx_stereochem_target_val_spec_case     ? 
_refine.pdbx_overall_ESU_R                       ? 
_refine.pdbx_overall_ESU_R_Free                  ? 
_refine.pdbx_solvent_vdw_probe_radii             1.11 
_refine.pdbx_solvent_ion_probe_radii             ? 
_refine.pdbx_solvent_shrinkage_radii             0.90 
_refine.pdbx_real_space_R                        ? 
_refine.pdbx_density_correlation                 ? 
_refine.pdbx_pd_number_of_powder_patterns        ? 
_refine.pdbx_pd_number_of_points                 ? 
_refine.pdbx_pd_meas_number_of_points            ? 
_refine.pdbx_pd_proc_ls_prof_R_factor            ? 
_refine.pdbx_pd_proc_ls_prof_wR_factor           ? 
_refine.pdbx_pd_Marquardt_correlation_coeff      ? 
_refine.pdbx_pd_Fsqrd_R_factor                   ? 
_refine.pdbx_pd_ls_matrix_band_width             ? 
_refine.pdbx_overall_phase_error                 34.78 
_refine.pdbx_overall_SU_R_free_Cruickshank_DPI   ? 
_refine.pdbx_overall_SU_R_free_Blow_DPI          ? 
_refine.pdbx_overall_SU_R_Blow_DPI               ? 
_refine.pdbx_TLS_residual_ADP_flag               ? 
_refine.pdbx_diffrn_id                           1 
_refine.overall_SU_B                             ? 
_refine.overall_SU_ML                            0.49 
_refine.overall_SU_R_Cruickshank_DPI             ? 
_refine.overall_SU_R_free                        ? 
_refine.overall_FOM_free_R_set                   ? 
_refine.overall_FOM_work_R_set                   ? 
_refine.pdbx_average_fsc_overall                 ? 
_refine.pdbx_average_fsc_work                    ? 
_refine.pdbx_average_fsc_free                    ? 
# 
_refine_hist.pdbx_refine_id                   'X-RAY DIFFRACTION' 
_refine_hist.cycle_id                         LAST 
_refine_hist.pdbx_number_atoms_protein        701 
_refine_hist.pdbx_number_atoms_nucleic_acid   525 
_refine_hist.pdbx_number_atoms_ligand         11 
_refine_hist.number_atoms_solvent             1 
_refine_hist.number_atoms_total               1238 
_refine_hist.d_res_high                       2.704 
_refine_hist.d_res_low                        37.5 
# 
loop_
_refine_ls_restr.pdbx_refine_id 
_refine_ls_restr.criterion 
_refine_ls_restr.dev_ideal 
_refine_ls_restr.dev_ideal_target 
_refine_ls_restr.number 
_refine_ls_restr.rejects 
_refine_ls_restr.type 
_refine_ls_restr.weight 
_refine_ls_restr.pdbx_restraint_function 
'X-RAY DIFFRACTION' ? 0.004  ? 1307 ? f_bond_d           ? ? 
'X-RAY DIFFRACTION' ? 0.636  ? 1868 ? f_angle_d          ? ? 
'X-RAY DIFFRACTION' ? 25.344 ? 527  ? f_dihedral_angle_d ? ? 
'X-RAY DIFFRACTION' ? 0.027  ? 208  ? f_chiral_restr     ? ? 
'X-RAY DIFFRACTION' ? 0.002  ? 148  ? f_plane_restr      ? ? 
# 
loop_
_refine_ls_shell.pdbx_refine_id 
_refine_ls_shell.d_res_high 
_refine_ls_shell.d_res_low 
_refine_ls_shell.number_reflns_all 
_refine_ls_shell.number_reflns_obs 
_refine_ls_shell.number_reflns_R_free 
_refine_ls_shell.number_reflns_R_work 
_refine_ls_shell.percent_reflns_obs 
_refine_ls_shell.percent_reflns_R_free 
_refine_ls_shell.R_factor_all 
_refine_ls_shell.R_factor_obs 
_refine_ls_shell.R_factor_R_free 
_refine_ls_shell.R_factor_R_free_error 
_refine_ls_shell.R_factor_R_work 
_refine_ls_shell.redundancy_reflns_all 
_refine_ls_shell.redundancy_reflns_obs 
_refine_ls_shell.wR_factor_all 
_refine_ls_shell.wR_factor_obs 
_refine_ls_shell.wR_factor_R_free 
_refine_ls_shell.wR_factor_R_work 
_refine_ls_shell.pdbx_total_number_of_bins_used 
_refine_ls_shell.pdbx_phase_error 
_refine_ls_shell.pdbx_fsc_work 
_refine_ls_shell.pdbx_fsc_free 
'X-RAY DIFFRACTION' 2.7041 2.7670  . . 125 1206 98.00  . . . 0.4671 . 0.4057 . . . . . . . . . . 
'X-RAY DIFFRACTION' 2.7670 2.8362  . . 132 1235 100.00 . . . 0.4949 . 0.4047 . . . . . . . . . . 
'X-RAY DIFFRACTION' 2.8362 2.9129  . . 123 1239 99.00  . . . 0.4144 . 0.3963 . . . . . . . . . . 
'X-RAY DIFFRACTION' 2.9129 2.9985  . . 147 1215 100.00 . . . 0.4247 . 0.3680 . . . . . . . . . . 
'X-RAY DIFFRACTION' 2.9985 3.0953  . . 134 1229 100.00 . . . 0.4044 . 0.3150 . . . . . . . . . . 
'X-RAY DIFFRACTION' 3.0953 3.2059  . . 141 1220 98.00  . . . 0.3421 . 0.2755 . . . . . . . . . . 
'X-RAY DIFFRACTION' 3.2059 3.3341  . . 131 1209 99.00  . . . 0.2598 . 0.2365 . . . . . . . . . . 
'X-RAY DIFFRACTION' 3.3341 3.4858  . . 141 1210 98.00  . . . 0.2443 . 0.2479 . . . . . . . . . . 
'X-RAY DIFFRACTION' 3.4858 3.6694  . . 136 1219 99.00  . . . 0.2858 . 0.2673 . . . . . . . . . . 
'X-RAY DIFFRACTION' 3.6694 3.8991  . . 140 1231 100.00 . . . 0.2950 . 0.2305 . . . . . . . . . . 
'X-RAY DIFFRACTION' 3.8991 4.1998  . . 145 1219 100.00 . . . 0.2525 . 0.2104 . . . . . . . . . . 
'X-RAY DIFFRACTION' 4.1998 4.6217  . . 138 1242 100.00 . . . 0.1829 . 0.1939 . . . . . . . . . . 
'X-RAY DIFFRACTION' 4.6217 5.2889  . . 128 1248 100.00 . . . 0.2421 . 0.2046 . . . . . . . . . . 
'X-RAY DIFFRACTION' 5.2889 6.6574  . . 143 1220 100.00 . . . 0.2143 . 0.2064 . . . . . . . . . . 
'X-RAY DIFFRACTION' 6.6574 37.5066 . . 130 1221 98.00  . . . 0.1865 . 0.1714 . . . . . . . . . . 
# 
_struct.entry_id                     5GZB 
_struct.title                        'Crystal Structure of Transcription Factor TEAD4 in Complex with M-CAT DNA' 
_struct.pdbx_model_details           ? 
_struct.pdbx_formula_weight          ? 
_struct.pdbx_formula_weight_method   ? 
_struct.pdbx_model_type_details      ? 
_struct.pdbx_CASP_flag               N 
# 
_struct_keywords.entry_id        5GZB 
_struct_keywords.text            'Transcription factor, DNA, TRANSCRIPTION-DNA complex' 
_struct_keywords.pdbx_keywords   TRANSCRIPTION/DNA 
# 
loop_
_struct_asym.id 
_struct_asym.pdbx_blank_PDB_chainid_flag 
_struct_asym.pdbx_modified 
_struct_asym.entity_id 
_struct_asym.details 
A N N 1 ? 
B N N 2 ? 
C N N 3 ? 
D N N 4 ? 
E N N 5 ? 
F N N 6 ? 
# 
loop_
_struct_ref.id 
_struct_ref.db_name 
_struct_ref.db_code 
_struct_ref.pdbx_db_accession 
_struct_ref.pdbx_db_isoform 
_struct_ref.entity_id 
_struct_ref.pdbx_seq_one_letter_code 
_struct_ref.pdbx_align_begin 
1 UNP TEAD4_HUMAN Q15561 ? 1 
;DNDAEGVWSPDIEQSFQEALAIYPPCGRRKIILSDEGKMYGRNELIARYIKLRTGKTRTRKQVSSHIQVLARRKAREIQA
KLKDQAAKDKALQSMAAMSSAQII
;
36 
2 PDB 5GZB        5GZB   ? 2 ? 1  
3 PDB 5GZB        5GZB   ? 3 ? 1  
# 
loop_
_struct_ref_seq.align_id 
_struct_ref_seq.ref_id 
_struct_ref_seq.pdbx_PDB_id_code 
_struct_ref_seq.pdbx_strand_id 
_struct_ref_seq.seq_align_beg 
_struct_ref_seq.pdbx_seq_align_beg_ins_code 
_struct_ref_seq.seq_align_end 
_struct_ref_seq.pdbx_seq_align_end_ins_code 
_struct_ref_seq.pdbx_db_accession 
_struct_ref_seq.db_align_beg 
_struct_ref_seq.pdbx_db_align_beg_ins_code 
_struct_ref_seq.db_align_end 
_struct_ref_seq.pdbx_db_align_end_ins_code 
_struct_ref_seq.pdbx_auth_seq_align_beg 
_struct_ref_seq.pdbx_auth_seq_align_end 
1 1 5GZB A 4 ? 107 ? Q15561 36 ? 139 ? 36 139 
2 2 5GZB B 1 ? 13  ? 5GZB   1  ? 13  ? 1  13  
3 3 5GZB C 1 ? 13  ? 5GZB   1  ? 13  ? 1  13  
# 
loop_
_struct_ref_seq_dif.align_id 
_struct_ref_seq_dif.pdbx_pdb_id_code 
_struct_ref_seq_dif.mon_id 
_struct_ref_seq_dif.pdbx_pdb_strand_id 
_struct_ref_seq_dif.seq_num 
_struct_ref_seq_dif.pdbx_pdb_ins_code 
_struct_ref_seq_dif.pdbx_seq_db_name 
_struct_ref_seq_dif.pdbx_seq_db_accession_code 
_struct_ref_seq_dif.db_mon_id 
_struct_ref_seq_dif.pdbx_seq_db_seq_num 
_struct_ref_seq_dif.details 
_struct_ref_seq_dif.pdbx_auth_seq_num 
_struct_ref_seq_dif.pdbx_ordinal 
1 5GZB SER A 1 ? UNP Q15561 ? ? 'expression tag' 33 1 
1 5GZB THR A 2 ? UNP Q15561 ? ? 'expression tag' 34 2 
1 5GZB MSE A 3 ? UNP Q15561 ? ? 'expression tag' 35 3 
# 
_pdbx_struct_assembly.id                   1 
_pdbx_struct_assembly.details              author_and_software_defined_assembly 
_pdbx_struct_assembly.method_details       PISA 
_pdbx_struct_assembly.oligomeric_details   trimeric 
_pdbx_struct_assembly.oligomeric_count     3 
# 
loop_
_pdbx_struct_assembly_prop.biol_id 
_pdbx_struct_assembly_prop.type 
_pdbx_struct_assembly_prop.value 
_pdbx_struct_assembly_prop.details 
1 'ABSA (A^2)' 3760 ? 
1 MORE         -27  ? 
1 'SSA (A^2)'  9880 ? 
# 
_pdbx_struct_assembly_gen.assembly_id       1 
_pdbx_struct_assembly_gen.oper_expression   1 
_pdbx_struct_assembly_gen.asym_id_list      A,B,C,D,E,F 
# 
_pdbx_struct_oper_list.id                   1 
_pdbx_struct_oper_list.type                 'identity operation' 
_pdbx_struct_oper_list.name                 1_555 
_pdbx_struct_oper_list.symmetry_operation   x,y,z 
_pdbx_struct_oper_list.matrix[1][1]         1.0000000000 
_pdbx_struct_oper_list.matrix[1][2]         0.0000000000 
_pdbx_struct_oper_list.matrix[1][3]         0.0000000000 
_pdbx_struct_oper_list.vector[1]            0.0000000000 
_pdbx_struct_oper_list.matrix[2][1]         0.0000000000 
_pdbx_struct_oper_list.matrix[2][2]         1.0000000000 
_pdbx_struct_oper_list.matrix[2][3]         0.0000000000 
_pdbx_struct_oper_list.vector[2]            0.0000000000 
_pdbx_struct_oper_list.matrix[3][1]         0.0000000000 
_pdbx_struct_oper_list.matrix[3][2]         0.0000000000 
_pdbx_struct_oper_list.matrix[3][3]         1.0000000000 
_pdbx_struct_oper_list.vector[3]            0.0000000000 
# 
loop_
_struct_conf.conf_type_id 
_struct_conf.id 
_struct_conf.pdbx_PDB_helix_id 
_struct_conf.beg_label_comp_id 
_struct_conf.beg_label_asym_id 
_struct_conf.beg_label_seq_id 
_struct_conf.pdbx_beg_PDB_ins_code 
_struct_conf.end_label_comp_id 
_struct_conf.end_label_asym_id 
_struct_conf.end_label_seq_id 
_struct_conf.pdbx_end_PDB_ins_code 
_struct_conf.beg_auth_comp_id 
_struct_conf.beg_auth_asym_id 
_struct_conf.beg_auth_seq_id 
_struct_conf.end_auth_comp_id 
_struct_conf.end_auth_asym_id 
_struct_conf.end_auth_seq_id 
_struct_conf.pdbx_PDB_helix_class 
_struct_conf.details 
_struct_conf.pdbx_PDB_helix_length 
HELX_P HELX_P1 AA1 SER A 12 ? TYR A 26  ? SER A 44  TYR A 58  1 ? 15 
HELX_P HELX_P2 AA2 GLY A 44 ? THR A 57  ? GLY A 76  THR A 89  1 ? 14 
HELX_P HELX_P3 AA3 THR A 62 ? ILE A 81  ? THR A 94  ILE A 113 1 ? 20 
HELX_P HELX_P4 AA4 ILE A 81 ? GLN A 88  ? ILE A 113 GLN A 120 1 ? 8  
HELX_P HELX_P5 AA5 GLN A 88 ? ALA A 100 ? GLN A 120 ALA A 132 1 ? 13 
# 
_struct_conf_type.id          HELX_P 
_struct_conf_type.criteria    ? 
_struct_conf_type.reference   ? 
# 
loop_
_struct_conn.id 
_struct_conn.conn_type_id 
_struct_conn.pdbx_leaving_atom_flag 
_struct_conn.pdbx_PDB_id 
_struct_conn.ptnr1_label_asym_id 
_struct_conn.ptnr1_label_comp_id 
_struct_conn.ptnr1_label_seq_id 
_struct_conn.ptnr1_label_atom_id 
_struct_conn.pdbx_ptnr1_label_alt_id 
_struct_conn.pdbx_ptnr1_PDB_ins_code 
_struct_conn.pdbx_ptnr1_standard_comp_id 
_struct_conn.ptnr1_symmetry 
_struct_conn.ptnr2_label_asym_id 
_struct_conn.ptnr2_label_comp_id 
_struct_conn.ptnr2_label_seq_id 
_struct_conn.ptnr2_label_atom_id 
_struct_conn.pdbx_ptnr2_label_alt_id 
_struct_conn.pdbx_ptnr2_PDB_ins_code 
_struct_conn.ptnr1_auth_asym_id 
_struct_conn.ptnr1_auth_comp_id 
_struct_conn.ptnr1_auth_seq_id 
_struct_conn.ptnr2_auth_asym_id 
_struct_conn.ptnr2_auth_comp_id 
_struct_conn.ptnr2_auth_seq_id 
_struct_conn.ptnr2_symmetry 
_struct_conn.pdbx_ptnr3_label_atom_id 
_struct_conn.pdbx_ptnr3_label_seq_id 
_struct_conn.pdbx_ptnr3_label_comp_id 
_struct_conn.pdbx_ptnr3_label_asym_id 
_struct_conn.pdbx_ptnr3_label_alt_id 
_struct_conn.pdbx_ptnr3_PDB_ins_code 
_struct_conn.details 
_struct_conn.pdbx_dist_value 
_struct_conn.pdbx_value_order 
_struct_conn.pdbx_role 
covale1  covale both ? A LYS 41 C  ? ? ? 1_555 A MSE 42 N  ? ? A LYS 73  A MSE 74  1_555 ? ? ? ? ? ? ?            1.328 ? ? 
covale2  covale both ? A MSE 42 C  ? ? ? 1_555 A TYR 43 N  ? ? A MSE 74  A TYR 75  1_555 ? ? ? ? ? ? ?            1.330 ? ? 
covale3  covale both ? A SER 97 C  ? ? ? 1_555 A MSE 98 N  ? ? A SER 129 A MSE 130 1_555 ? ? ? ? ? ? ?            1.328 ? ? 
covale4  covale both ? A MSE 98 C  ? ? ? 1_555 A ALA 99 N  ? ? A MSE 130 A ALA 131 1_555 ? ? ? ? ? ? ?            1.330 ? ? 
hydrog1  hydrog ?    ? B DT  1  N3 ? ? ? 1_555 C DA  13 N1 ? ? B DT  1   C DA  13  1_555 ? ? ? ? ? ? WATSON-CRICK ?     ? ? 
hydrog2  hydrog ?    ? B DT  1  O4 ? ? ? 1_555 C DA  13 N6 ? ? B DT  1   C DA  13  1_555 ? ? ? ? ? ? WATSON-CRICK ?     ? ? 
hydrog3  hydrog ?    ? B DT  2  N3 ? ? ? 1_555 C DA  12 N1 ? ? B DT  2   C DA  12  1_555 ? ? ? ? ? ? WATSON-CRICK ?     ? ? 
hydrog4  hydrog ?    ? B DT  2  O4 ? ? ? 1_555 C DA  12 N6 ? ? B DT  2   C DA  12  1_555 ? ? ? ? ? ? WATSON-CRICK ?     ? ? 
hydrog5  hydrog ?    ? B DG  3  N1 ? ? ? 1_555 C DC  11 O2 ? ? B DG  3   C DC  11  1_555 ? ? ? ? ? ? 'DG-DC PAIR' ?     ? ? 
hydrog6  hydrog ?    ? B DC  4  N3 ? ? ? 1_555 C DG  10 N1 ? ? B DC  4   C DG  10  1_555 ? ? ? ? ? ? WATSON-CRICK ?     ? ? 
hydrog7  hydrog ?    ? B DC  4  N4 ? ? ? 1_555 C DG  10 O6 ? ? B DC  4   C DG  10  1_555 ? ? ? ? ? ? WATSON-CRICK ?     ? ? 
hydrog8  hydrog ?    ? B DC  4  O2 ? ? ? 1_555 C DG  10 N2 ? ? B DC  4   C DG  10  1_555 ? ? ? ? ? ? WATSON-CRICK ?     ? ? 
hydrog9  hydrog ?    ? B DA  5  N1 ? ? ? 1_555 C DT  9  N3 ? ? B DA  5   C DT  9   1_555 ? ? ? ? ? ? WATSON-CRICK ?     ? ? 
hydrog10 hydrog ?    ? B DA  5  N6 ? ? ? 1_555 C DT  9  O4 ? ? B DA  5   C DT  9   1_555 ? ? ? ? ? ? WATSON-CRICK ?     ? ? 
hydrog11 hydrog ?    ? B DT  6  O4 ? ? ? 1_555 C DA  7  N6 ? ? B DT  6   C DA  7   1_555 ? ? ? ? ? ? 'DT-DA PAIR' ?     ? ? 
hydrog12 hydrog ?    ? B DT  6  N3 ? ? ? 1_555 C DA  8  N1 ? ? B DT  6   C DA  8   1_555 ? ? ? ? ? ? WATSON-CRICK ?     ? ? 
hydrog13 hydrog ?    ? B DT  6  O4 ? ? ? 1_555 C DA  8  N6 ? ? B DT  6   C DA  8   1_555 ? ? ? ? ? ? WATSON-CRICK ?     ? ? 
hydrog14 hydrog ?    ? B DT  7  N3 ? ? ? 1_555 C DA  7  N1 ? ? B DT  7   C DA  7   1_555 ? ? ? ? ? ? WATSON-CRICK ?     ? ? 
hydrog15 hydrog ?    ? B DT  7  O4 ? ? ? 1_555 C DA  7  N6 ? ? B DT  7   C DA  7   1_555 ? ? ? ? ? ? WATSON-CRICK ?     ? ? 
hydrog16 hydrog ?    ? B DC  8  N3 ? ? ? 1_555 C DG  6  N1 ? ? B DC  8   C DG  6   1_555 ? ? ? ? ? ? WATSON-CRICK ?     ? ? 
hydrog17 hydrog ?    ? B DC  8  N4 ? ? ? 1_555 C DG  6  O6 ? ? B DC  8   C DG  6   1_555 ? ? ? ? ? ? WATSON-CRICK ?     ? ? 
hydrog18 hydrog ?    ? B DC  8  O2 ? ? ? 1_555 C DG  6  N2 ? ? B DC  8   C DG  6   1_555 ? ? ? ? ? ? WATSON-CRICK ?     ? ? 
hydrog19 hydrog ?    ? B DC  9  N3 ? ? ? 1_555 C DG  5  N1 ? ? B DC  9   C DG  5   1_555 ? ? ? ? ? ? WATSON-CRICK ?     ? ? 
hydrog20 hydrog ?    ? B DC  9  N4 ? ? ? 1_555 C DG  5  O6 ? ? B DC  9   C DG  5   1_555 ? ? ? ? ? ? WATSON-CRICK ?     ? ? 
hydrog21 hydrog ?    ? B DC  9  O2 ? ? ? 1_555 C DG  5  N2 ? ? B DC  9   C DG  5   1_555 ? ? ? ? ? ? WATSON-CRICK ?     ? ? 
hydrog22 hydrog ?    ? B DT  10 N3 ? ? ? 1_555 C DA  4  N1 ? ? B DT  10  C DA  4   1_555 ? ? ? ? ? ? WATSON-CRICK ?     ? ? 
hydrog23 hydrog ?    ? B DT  10 O4 ? ? ? 1_555 C DA  4  N6 ? ? B DT  10  C DA  4   1_555 ? ? ? ? ? ? WATSON-CRICK ?     ? ? 
hydrog24 hydrog ?    ? B DC  11 N3 ? ? ? 1_555 C DG  3  N1 ? ? B DC  11  C DG  3   1_555 ? ? ? ? ? ? WATSON-CRICK ?     ? ? 
hydrog25 hydrog ?    ? B DC  11 N4 ? ? ? 1_555 C DG  3  O6 ? ? B DC  11  C DG  3   1_555 ? ? ? ? ? ? WATSON-CRICK ?     ? ? 
hydrog26 hydrog ?    ? B DC  11 O2 ? ? ? 1_555 C DG  3  N2 ? ? B DC  11  C DG  3   1_555 ? ? ? ? ? ? WATSON-CRICK ?     ? ? 
hydrog27 hydrog ?    ? B DT  12 N3 ? ? ? 1_555 C DA  2  N1 ? ? B DT  12  C DA  2   1_555 ? ? ? ? ? ? WATSON-CRICK ?     ? ? 
hydrog28 hydrog ?    ? B DT  12 O4 ? ? ? 1_555 C DA  2  N6 ? ? B DT  12  C DA  2   1_555 ? ? ? ? ? ? WATSON-CRICK ?     ? ? 
hydrog29 hydrog ?    ? B DC  13 N3 ? ? ? 1_555 C DG  1  N1 ? ? B DC  13  C DG  1   1_555 ? ? ? ? ? ? WATSON-CRICK ?     ? ? 
hydrog30 hydrog ?    ? B DC  13 N4 ? ? ? 1_555 C DG  1  O6 ? ? B DC  13  C DG  1   1_555 ? ? ? ? ? ? WATSON-CRICK ?     ? ? 
hydrog31 hydrog ?    ? B DC  13 O2 ? ? ? 1_555 C DG  1  N2 ? ? B DC  13  C DG  1   1_555 ? ? ? ? ? ? WATSON-CRICK ?     ? ? 
# 
loop_
_struct_conn_type.id 
_struct_conn_type.criteria 
_struct_conn_type.reference 
covale ? ? 
hydrog ? ? 
# 
loop_
_pdbx_modification_feature.ordinal 
_pdbx_modification_feature.label_comp_id 
_pdbx_modification_feature.label_asym_id 
_pdbx_modification_feature.label_seq_id 
_pdbx_modification_feature.label_alt_id 
_pdbx_modification_feature.modified_residue_label_comp_id 
_pdbx_modification_feature.modified_residue_label_asym_id 
_pdbx_modification_feature.modified_residue_label_seq_id 
_pdbx_modification_feature.modified_residue_label_alt_id 
_pdbx_modification_feature.auth_comp_id 
_pdbx_modification_feature.auth_asym_id 
_pdbx_modification_feature.auth_seq_id 
_pdbx_modification_feature.PDB_ins_code 
_pdbx_modification_feature.symmetry 
_pdbx_modification_feature.modified_residue_auth_comp_id 
_pdbx_modification_feature.modified_residue_auth_asym_id 
_pdbx_modification_feature.modified_residue_auth_seq_id 
_pdbx_modification_feature.modified_residue_PDB_ins_code 
_pdbx_modification_feature.modified_residue_symmetry 
_pdbx_modification_feature.comp_id_linking_atom 
_pdbx_modification_feature.modified_residue_id_linking_atom 
_pdbx_modification_feature.modified_residue_id 
_pdbx_modification_feature.ref_pcm_id 
_pdbx_modification_feature.ref_comp_id 
_pdbx_modification_feature.type 
_pdbx_modification_feature.category 
1 MSE A 42 ? . . . . MSE A 74  ? 1_555 . . . . . . . MET 1 MSE Selenomethionine 'Named protein modification' 
2 MSE A 98 ? . . . . MSE A 130 ? 1_555 . . . . . . . MET 1 MSE Selenomethionine 'Named protein modification' 
# 
_struct_sheet.id               AA1 
_struct_sheet.type             ? 
_struct_sheet.number_strands   2 
_struct_sheet.details          ? 
# 
_struct_sheet_order.sheet_id     AA1 
_struct_sheet_order.range_id_1   1 
_struct_sheet_order.range_id_2   2 
_struct_sheet_order.offset       ? 
_struct_sheet_order.sense        anti-parallel 
# 
loop_
_struct_sheet_range.sheet_id 
_struct_sheet_range.id 
_struct_sheet_range.beg_label_comp_id 
_struct_sheet_range.beg_label_asym_id 
_struct_sheet_range.beg_label_seq_id 
_struct_sheet_range.pdbx_beg_PDB_ins_code 
_struct_sheet_range.end_label_comp_id 
_struct_sheet_range.end_label_asym_id 
_struct_sheet_range.end_label_seq_id 
_struct_sheet_range.pdbx_end_PDB_ins_code 
_struct_sheet_range.beg_auth_comp_id 
_struct_sheet_range.beg_auth_asym_id 
_struct_sheet_range.beg_auth_seq_id 
_struct_sheet_range.end_auth_comp_id 
_struct_sheet_range.end_auth_asym_id 
_struct_sheet_range.end_auth_seq_id 
AA1 1 ILE A 35 ? LEU A 36 ? ILE A 67 LEU A 68 
AA1 2 MSE A 42 ? TYR A 43 ? MSE A 74 TYR A 75 
# 
_pdbx_struct_sheet_hbond.sheet_id                AA1 
_pdbx_struct_sheet_hbond.range_id_1              1 
_pdbx_struct_sheet_hbond.range_id_2              2 
_pdbx_struct_sheet_hbond.range_1_label_atom_id   N 
_pdbx_struct_sheet_hbond.range_1_label_comp_id   ILE 
_pdbx_struct_sheet_hbond.range_1_label_asym_id   A 
_pdbx_struct_sheet_hbond.range_1_label_seq_id    35 
_pdbx_struct_sheet_hbond.range_1_PDB_ins_code    ? 
_pdbx_struct_sheet_hbond.range_1_auth_atom_id    N 
_pdbx_struct_sheet_hbond.range_1_auth_comp_id    ILE 
_pdbx_struct_sheet_hbond.range_1_auth_asym_id    A 
_pdbx_struct_sheet_hbond.range_1_auth_seq_id     67 
_pdbx_struct_sheet_hbond.range_2_label_atom_id   O 
_pdbx_struct_sheet_hbond.range_2_label_comp_id   TYR 
_pdbx_struct_sheet_hbond.range_2_label_asym_id   A 
_pdbx_struct_sheet_hbond.range_2_label_seq_id    43 
_pdbx_struct_sheet_hbond.range_2_PDB_ins_code    ? 
_pdbx_struct_sheet_hbond.range_2_auth_atom_id    O 
_pdbx_struct_sheet_hbond.range_2_auth_comp_id    TYR 
_pdbx_struct_sheet_hbond.range_2_auth_asym_id    A 
_pdbx_struct_sheet_hbond.range_2_auth_seq_id     75 
# 
loop_
_struct_site.id 
_struct_site.pdbx_evidence_code 
_struct_site.pdbx_auth_asym_id 
_struct_site.pdbx_auth_comp_id 
_struct_site.pdbx_auth_seq_id 
_struct_site.pdbx_auth_ins_code 
_struct_site.pdbx_num_residues 
_struct_site.details 
AC1 Software A GOL 201 ? 3 'binding site for residue GOL A 201' 
AC2 Software C PO4 101 ? 2 'binding site for residue PO4 C 101' 
# 
loop_
_struct_site_gen.id 
_struct_site_gen.site_id 
_struct_site_gen.pdbx_num_res 
_struct_site_gen.label_comp_id 
_struct_site_gen.label_asym_id 
_struct_site_gen.label_seq_id 
_struct_site_gen.pdbx_auth_ins_code 
_struct_site_gen.auth_comp_id 
_struct_site_gen.auth_asym_id 
_struct_site_gen.auth_seq_id 
_struct_site_gen.label_atom_id 
_struct_site_gen.label_alt_id 
_struct_site_gen.symmetry 
_struct_site_gen.details 
1 AC1 3 PRO A 27 ? PRO A 59 . ? 1_555 ? 
2 AC1 3 CYS A 29 ? CYS A 61 . ? 1_555 ? 
3 AC1 3 ILE A 35 ? ILE A 67 . ? 6_555 ? 
4 AC2 2 DG  C 3  ? DG  C 3  . ? 1_555 ? 
5 AC2 2 DA  C 4  ? DA  C 4  . ? 1_555 ? 
# 
_pdbx_entry_details.entry_id                   5GZB 
_pdbx_entry_details.compound_details           ? 
_pdbx_entry_details.source_details             ? 
_pdbx_entry_details.nonpolymer_details         ? 
_pdbx_entry_details.sequence_details           ? 
_pdbx_entry_details.has_ligand_of_interest     ? 
_pdbx_entry_details.has_protein_modification   Y 
# 
_pdbx_validate_rmsd_angle.id                         1 
_pdbx_validate_rmsd_angle.PDB_model_num              1 
_pdbx_validate_rmsd_angle.auth_atom_id_1             "O4'" 
_pdbx_validate_rmsd_angle.auth_asym_id_1             C 
_pdbx_validate_rmsd_angle.auth_comp_id_1             DG 
_pdbx_validate_rmsd_angle.auth_seq_id_1              3 
_pdbx_validate_rmsd_angle.PDB_ins_code_1             ? 
_pdbx_validate_rmsd_angle.label_alt_id_1             ? 
_pdbx_validate_rmsd_angle.auth_atom_id_2             "C1'" 
_pdbx_validate_rmsd_angle.auth_asym_id_2             C 
_pdbx_validate_rmsd_angle.auth_comp_id_2             DG 
_pdbx_validate_rmsd_angle.auth_seq_id_2              3 
_pdbx_validate_rmsd_angle.PDB_ins_code_2             ? 
_pdbx_validate_rmsd_angle.label_alt_id_2             ? 
_pdbx_validate_rmsd_angle.auth_atom_id_3             N9 
_pdbx_validate_rmsd_angle.auth_asym_id_3             C 
_pdbx_validate_rmsd_angle.auth_comp_id_3             DG 
_pdbx_validate_rmsd_angle.auth_seq_id_3              3 
_pdbx_validate_rmsd_angle.PDB_ins_code_3             ? 
_pdbx_validate_rmsd_angle.label_alt_id_3             ? 
_pdbx_validate_rmsd_angle.angle_value                110.13 
_pdbx_validate_rmsd_angle.angle_target_value         108.30 
_pdbx_validate_rmsd_angle.angle_deviation            1.83 
_pdbx_validate_rmsd_angle.angle_standard_deviation   0.30 
_pdbx_validate_rmsd_angle.linker_flag                N 
# 
loop_
_pdbx_struct_mod_residue.id 
_pdbx_struct_mod_residue.label_asym_id 
_pdbx_struct_mod_residue.label_comp_id 
_pdbx_struct_mod_residue.label_seq_id 
_pdbx_struct_mod_residue.auth_asym_id 
_pdbx_struct_mod_residue.auth_comp_id 
_pdbx_struct_mod_residue.auth_seq_id 
_pdbx_struct_mod_residue.PDB_ins_code 
_pdbx_struct_mod_residue.parent_comp_id 
_pdbx_struct_mod_residue.details 
1 A MSE 42 A MSE 74  ? MET 'modified residue' 
2 A MSE 98 A MSE 130 ? MET 'modified residue' 
# 
loop_
_pdbx_unobs_or_zero_occ_residues.id 
_pdbx_unobs_or_zero_occ_residues.PDB_model_num 
_pdbx_unobs_or_zero_occ_residues.polymer_flag 
_pdbx_unobs_or_zero_occ_residues.occupancy_flag 
_pdbx_unobs_or_zero_occ_residues.auth_asym_id 
_pdbx_unobs_or_zero_occ_residues.auth_comp_id 
_pdbx_unobs_or_zero_occ_residues.auth_seq_id 
_pdbx_unobs_or_zero_occ_residues.PDB_ins_code 
_pdbx_unobs_or_zero_occ_residues.label_asym_id 
_pdbx_unobs_or_zero_occ_residues.label_comp_id 
_pdbx_unobs_or_zero_occ_residues.label_seq_id 
1  1 Y 1 A SER 33  ? A SER 1   
2  1 Y 1 A THR 34  ? A THR 2   
3  1 Y 1 A MSE 35  ? A MSE 3   
4  1 Y 1 A ASP 36  ? A ASP 4   
5  1 Y 1 A ASN 37  ? A ASN 5   
6  1 Y 1 A ASP 38  ? A ASP 6   
7  1 Y 1 A ALA 39  ? A ALA 7   
8  1 Y 1 A GLU 40  ? A GLU 8   
9  1 Y 1 A GLY 41  ? A GLY 9   
10 1 Y 1 A MSE 133 ? A MSE 101 
11 1 Y 1 A SER 134 ? A SER 102 
12 1 Y 1 A SER 135 ? A SER 103 
13 1 Y 1 A ALA 136 ? A ALA 104 
14 1 Y 1 A GLN 137 ? A GLN 105 
15 1 Y 1 A ILE 138 ? A ILE 106 
16 1 Y 1 A ILE 139 ? A ILE 107 
# 
loop_
_chem_comp_atom.comp_id 
_chem_comp_atom.atom_id 
_chem_comp_atom.type_symbol 
_chem_comp_atom.pdbx_aromatic_flag 
_chem_comp_atom.pdbx_stereo_config 
_chem_comp_atom.pdbx_ordinal 
ALA N      N  N N 1   
ALA CA     C  N S 2   
ALA C      C  N N 3   
ALA O      O  N N 4   
ALA CB     C  N N 5   
ALA OXT    O  N N 6   
ALA H      H  N N 7   
ALA H2     H  N N 8   
ALA HA     H  N N 9   
ALA HB1    H  N N 10  
ALA HB2    H  N N 11  
ALA HB3    H  N N 12  
ALA HXT    H  N N 13  
ARG N      N  N N 14  
ARG CA     C  N S 15  
ARG C      C  N N 16  
ARG O      O  N N 17  
ARG CB     C  N N 18  
ARG CG     C  N N 19  
ARG CD     C  N N 20  
ARG NE     N  N N 21  
ARG CZ     C  N N 22  
ARG NH1    N  N N 23  
ARG NH2    N  N N 24  
ARG OXT    O  N N 25  
ARG H      H  N N 26  
ARG H2     H  N N 27  
ARG HA     H  N N 28  
ARG HB2    H  N N 29  
ARG HB3    H  N N 30  
ARG HG2    H  N N 31  
ARG HG3    H  N N 32  
ARG HD2    H  N N 33  
ARG HD3    H  N N 34  
ARG HE     H  N N 35  
ARG HH11   H  N N 36  
ARG HH12   H  N N 37  
ARG HH21   H  N N 38  
ARG HH22   H  N N 39  
ARG HXT    H  N N 40  
ASN N      N  N N 41  
ASN CA     C  N S 42  
ASN C      C  N N 43  
ASN O      O  N N 44  
ASN CB     C  N N 45  
ASN CG     C  N N 46  
ASN OD1    O  N N 47  
ASN ND2    N  N N 48  
ASN OXT    O  N N 49  
ASN H      H  N N 50  
ASN H2     H  N N 51  
ASN HA     H  N N 52  
ASN HB2    H  N N 53  
ASN HB3    H  N N 54  
ASN HD21   H  N N 55  
ASN HD22   H  N N 56  
ASN HXT    H  N N 57  
ASP N      N  N N 58  
ASP CA     C  N S 59  
ASP C      C  N N 60  
ASP O      O  N N 61  
ASP CB     C  N N 62  
ASP CG     C  N N 63  
ASP OD1    O  N N 64  
ASP OD2    O  N N 65  
ASP OXT    O  N N 66  
ASP H      H  N N 67  
ASP H2     H  N N 68  
ASP HA     H  N N 69  
ASP HB2    H  N N 70  
ASP HB3    H  N N 71  
ASP HD2    H  N N 72  
ASP HXT    H  N N 73  
CYS N      N  N N 74  
CYS CA     C  N R 75  
CYS C      C  N N 76  
CYS O      O  N N 77  
CYS CB     C  N N 78  
CYS SG     S  N N 79  
CYS OXT    O  N N 80  
CYS H      H  N N 81  
CYS H2     H  N N 82  
CYS HA     H  N N 83  
CYS HB2    H  N N 84  
CYS HB3    H  N N 85  
CYS HG     H  N N 86  
CYS HXT    H  N N 87  
DA  OP3    O  N N 88  
DA  P      P  N N 89  
DA  OP1    O  N N 90  
DA  OP2    O  N N 91  
DA  "O5'"  O  N N 92  
DA  "C5'"  C  N N 93  
DA  "C4'"  C  N R 94  
DA  "O4'"  O  N N 95  
DA  "C3'"  C  N S 96  
DA  "O3'"  O  N N 97  
DA  "C2'"  C  N N 98  
DA  "C1'"  C  N R 99  
DA  N9     N  Y N 100 
DA  C8     C  Y N 101 
DA  N7     N  Y N 102 
DA  C5     C  Y N 103 
DA  C6     C  Y N 104 
DA  N6     N  N N 105 
DA  N1     N  Y N 106 
DA  C2     C  Y N 107 
DA  N3     N  Y N 108 
DA  C4     C  Y N 109 
DA  HOP3   H  N N 110 
DA  HOP2   H  N N 111 
DA  "H5'"  H  N N 112 
DA  "H5''" H  N N 113 
DA  "H4'"  H  N N 114 
DA  "H3'"  H  N N 115 
DA  "HO3'" H  N N 116 
DA  "H2'"  H  N N 117 
DA  "H2''" H  N N 118 
DA  "H1'"  H  N N 119 
DA  H8     H  N N 120 
DA  H61    H  N N 121 
DA  H62    H  N N 122 
DA  H2     H  N N 123 
DC  OP3    O  N N 124 
DC  P      P  N N 125 
DC  OP1    O  N N 126 
DC  OP2    O  N N 127 
DC  "O5'"  O  N N 128 
DC  "C5'"  C  N N 129 
DC  "C4'"  C  N R 130 
DC  "O4'"  O  N N 131 
DC  "C3'"  C  N S 132 
DC  "O3'"  O  N N 133 
DC  "C2'"  C  N N 134 
DC  "C1'"  C  N R 135 
DC  N1     N  N N 136 
DC  C2     C  N N 137 
DC  O2     O  N N 138 
DC  N3     N  N N 139 
DC  C4     C  N N 140 
DC  N4     N  N N 141 
DC  C5     C  N N 142 
DC  C6     C  N N 143 
DC  HOP3   H  N N 144 
DC  HOP2   H  N N 145 
DC  "H5'"  H  N N 146 
DC  "H5''" H  N N 147 
DC  "H4'"  H  N N 148 
DC  "H3'"  H  N N 149 
DC  "HO3'" H  N N 150 
DC  "H2'"  H  N N 151 
DC  "H2''" H  N N 152 
DC  "H1'"  H  N N 153 
DC  H41    H  N N 154 
DC  H42    H  N N 155 
DC  H5     H  N N 156 
DC  H6     H  N N 157 
DG  OP3    O  N N 158 
DG  P      P  N N 159 
DG  OP1    O  N N 160 
DG  OP2    O  N N 161 
DG  "O5'"  O  N N 162 
DG  "C5'"  C  N N 163 
DG  "C4'"  C  N R 164 
DG  "O4'"  O  N N 165 
DG  "C3'"  C  N S 166 
DG  "O3'"  O  N N 167 
DG  "C2'"  C  N N 168 
DG  "C1'"  C  N R 169 
DG  N9     N  Y N 170 
DG  C8     C  Y N 171 
DG  N7     N  Y N 172 
DG  C5     C  Y N 173 
DG  C6     C  N N 174 
DG  O6     O  N N 175 
DG  N1     N  N N 176 
DG  C2     C  N N 177 
DG  N2     N  N N 178 
DG  N3     N  N N 179 
DG  C4     C  Y N 180 
DG  HOP3   H  N N 181 
DG  HOP2   H  N N 182 
DG  "H5'"  H  N N 183 
DG  "H5''" H  N N 184 
DG  "H4'"  H  N N 185 
DG  "H3'"  H  N N 186 
DG  "HO3'" H  N N 187 
DG  "H2'"  H  N N 188 
DG  "H2''" H  N N 189 
DG  "H1'"  H  N N 190 
DG  H8     H  N N 191 
DG  H1     H  N N 192 
DG  H21    H  N N 193 
DG  H22    H  N N 194 
DT  OP3    O  N N 195 
DT  P      P  N N 196 
DT  OP1    O  N N 197 
DT  OP2    O  N N 198 
DT  "O5'"  O  N N 199 
DT  "C5'"  C  N N 200 
DT  "C4'"  C  N R 201 
DT  "O4'"  O  N N 202 
DT  "C3'"  C  N S 203 
DT  "O3'"  O  N N 204 
DT  "C2'"  C  N N 205 
DT  "C1'"  C  N R 206 
DT  N1     N  N N 207 
DT  C2     C  N N 208 
DT  O2     O  N N 209 
DT  N3     N  N N 210 
DT  C4     C  N N 211 
DT  O4     O  N N 212 
DT  C5     C  N N 213 
DT  C7     C  N N 214 
DT  C6     C  N N 215 
DT  HOP3   H  N N 216 
DT  HOP2   H  N N 217 
DT  "H5'"  H  N N 218 
DT  "H5''" H  N N 219 
DT  "H4'"  H  N N 220 
DT  "H3'"  H  N N 221 
DT  "HO3'" H  N N 222 
DT  "H2'"  H  N N 223 
DT  "H2''" H  N N 224 
DT  "H1'"  H  N N 225 
DT  H3     H  N N 226 
DT  H71    H  N N 227 
DT  H72    H  N N 228 
DT  H73    H  N N 229 
DT  H6     H  N N 230 
GLN N      N  N N 231 
GLN CA     C  N S 232 
GLN C      C  N N 233 
GLN O      O  N N 234 
GLN CB     C  N N 235 
GLN CG     C  N N 236 
GLN CD     C  N N 237 
GLN OE1    O  N N 238 
GLN NE2    N  N N 239 
GLN OXT    O  N N 240 
GLN H      H  N N 241 
GLN H2     H  N N 242 
GLN HA     H  N N 243 
GLN HB2    H  N N 244 
GLN HB3    H  N N 245 
GLN HG2    H  N N 246 
GLN HG3    H  N N 247 
GLN HE21   H  N N 248 
GLN HE22   H  N N 249 
GLN HXT    H  N N 250 
GLU N      N  N N 251 
GLU CA     C  N S 252 
GLU C      C  N N 253 
GLU O      O  N N 254 
GLU CB     C  N N 255 
GLU CG     C  N N 256 
GLU CD     C  N N 257 
GLU OE1    O  N N 258 
GLU OE2    O  N N 259 
GLU OXT    O  N N 260 
GLU H      H  N N 261 
GLU H2     H  N N 262 
GLU HA     H  N N 263 
GLU HB2    H  N N 264 
GLU HB3    H  N N 265 
GLU HG2    H  N N 266 
GLU HG3    H  N N 267 
GLU HE2    H  N N 268 
GLU HXT    H  N N 269 
GLY N      N  N N 270 
GLY CA     C  N N 271 
GLY C      C  N N 272 
GLY O      O  N N 273 
GLY OXT    O  N N 274 
GLY H      H  N N 275 
GLY H2     H  N N 276 
GLY HA2    H  N N 277 
GLY HA3    H  N N 278 
GLY HXT    H  N N 279 
GOL C1     C  N N 280 
GOL O1     O  N N 281 
GOL C2     C  N N 282 
GOL O2     O  N N 283 
GOL C3     C  N N 284 
GOL O3     O  N N 285 
GOL H11    H  N N 286 
GOL H12    H  N N 287 
GOL HO1    H  N N 288 
GOL H2     H  N N 289 
GOL HO2    H  N N 290 
GOL H31    H  N N 291 
GOL H32    H  N N 292 
GOL HO3    H  N N 293 
HIS N      N  N N 294 
HIS CA     C  N S 295 
HIS C      C  N N 296 
HIS O      O  N N 297 
HIS CB     C  N N 298 
HIS CG     C  Y N 299 
HIS ND1    N  Y N 300 
HIS CD2    C  Y N 301 
HIS CE1    C  Y N 302 
HIS NE2    N  Y N 303 
HIS OXT    O  N N 304 
HIS H      H  N N 305 
HIS H2     H  N N 306 
HIS HA     H  N N 307 
HIS HB2    H  N N 308 
HIS HB3    H  N N 309 
HIS HD1    H  N N 310 
HIS HD2    H  N N 311 
HIS HE1    H  N N 312 
HIS HE2    H  N N 313 
HIS HXT    H  N N 314 
HOH O      O  N N 315 
HOH H1     H  N N 316 
HOH H2     H  N N 317 
ILE N      N  N N 318 
ILE CA     C  N S 319 
ILE C      C  N N 320 
ILE O      O  N N 321 
ILE CB     C  N S 322 
ILE CG1    C  N N 323 
ILE CG2    C  N N 324 
ILE CD1    C  N N 325 
ILE OXT    O  N N 326 
ILE H      H  N N 327 
ILE H2     H  N N 328 
ILE HA     H  N N 329 
ILE HB     H  N N 330 
ILE HG12   H  N N 331 
ILE HG13   H  N N 332 
ILE HG21   H  N N 333 
ILE HG22   H  N N 334 
ILE HG23   H  N N 335 
ILE HD11   H  N N 336 
ILE HD12   H  N N 337 
ILE HD13   H  N N 338 
ILE HXT    H  N N 339 
LEU N      N  N N 340 
LEU CA     C  N S 341 
LEU C      C  N N 342 
LEU O      O  N N 343 
LEU CB     C  N N 344 
LEU CG     C  N N 345 
LEU CD1    C  N N 346 
LEU CD2    C  N N 347 
LEU OXT    O  N N 348 
LEU H      H  N N 349 
LEU H2     H  N N 350 
LEU HA     H  N N 351 
LEU HB2    H  N N 352 
LEU HB3    H  N N 353 
LEU HG     H  N N 354 
LEU HD11   H  N N 355 
LEU HD12   H  N N 356 
LEU HD13   H  N N 357 
LEU HD21   H  N N 358 
LEU HD22   H  N N 359 
LEU HD23   H  N N 360 
LEU HXT    H  N N 361 
LYS N      N  N N 362 
LYS CA     C  N S 363 
LYS C      C  N N 364 
LYS O      O  N N 365 
LYS CB     C  N N 366 
LYS CG     C  N N 367 
LYS CD     C  N N 368 
LYS CE     C  N N 369 
LYS NZ     N  N N 370 
LYS OXT    O  N N 371 
LYS H      H  N N 372 
LYS H2     H  N N 373 
LYS HA     H  N N 374 
LYS HB2    H  N N 375 
LYS HB3    H  N N 376 
LYS HG2    H  N N 377 
LYS HG3    H  N N 378 
LYS HD2    H  N N 379 
LYS HD3    H  N N 380 
LYS HE2    H  N N 381 
LYS HE3    H  N N 382 
LYS HZ1    H  N N 383 
LYS HZ2    H  N N 384 
LYS HZ3    H  N N 385 
LYS HXT    H  N N 386 
MSE N      N  N N 387 
MSE CA     C  N S 388 
MSE C      C  N N 389 
MSE O      O  N N 390 
MSE OXT    O  N N 391 
MSE CB     C  N N 392 
MSE CG     C  N N 393 
MSE SE     SE N N 394 
MSE CE     C  N N 395 
MSE H      H  N N 396 
MSE H2     H  N N 397 
MSE HA     H  N N 398 
MSE HXT    H  N N 399 
MSE HB2    H  N N 400 
MSE HB3    H  N N 401 
MSE HG2    H  N N 402 
MSE HG3    H  N N 403 
MSE HE1    H  N N 404 
MSE HE2    H  N N 405 
MSE HE3    H  N N 406 
PHE N      N  N N 407 
PHE CA     C  N S 408 
PHE C      C  N N 409 
PHE O      O  N N 410 
PHE CB     C  N N 411 
PHE CG     C  Y N 412 
PHE CD1    C  Y N 413 
PHE CD2    C  Y N 414 
PHE CE1    C  Y N 415 
PHE CE2    C  Y N 416 
PHE CZ     C  Y N 417 
PHE OXT    O  N N 418 
PHE H      H  N N 419 
PHE H2     H  N N 420 
PHE HA     H  N N 421 
PHE HB2    H  N N 422 
PHE HB3    H  N N 423 
PHE HD1    H  N N 424 
PHE HD2    H  N N 425 
PHE HE1    H  N N 426 
PHE HE2    H  N N 427 
PHE HZ     H  N N 428 
PHE HXT    H  N N 429 
PO4 P      P  N N 430 
PO4 O1     O  N N 431 
PO4 O2     O  N N 432 
PO4 O3     O  N N 433 
PO4 O4     O  N N 434 
PRO N      N  N N 435 
PRO CA     C  N S 436 
PRO C      C  N N 437 
PRO O      O  N N 438 
PRO CB     C  N N 439 
PRO CG     C  N N 440 
PRO CD     C  N N 441 
PRO OXT    O  N N 442 
PRO H      H  N N 443 
PRO HA     H  N N 444 
PRO HB2    H  N N 445 
PRO HB3    H  N N 446 
PRO HG2    H  N N 447 
PRO HG3    H  N N 448 
PRO HD2    H  N N 449 
PRO HD3    H  N N 450 
PRO HXT    H  N N 451 
SER N      N  N N 452 
SER CA     C  N S 453 
SER C      C  N N 454 
SER O      O  N N 455 
SER CB     C  N N 456 
SER OG     O  N N 457 
SER OXT    O  N N 458 
SER H      H  N N 459 
SER H2     H  N N 460 
SER HA     H  N N 461 
SER HB2    H  N N 462 
SER HB3    H  N N 463 
SER HG     H  N N 464 
SER HXT    H  N N 465 
THR N      N  N N 466 
THR CA     C  N S 467 
THR C      C  N N 468 
THR O      O  N N 469 
THR CB     C  N R 470 
THR OG1    O  N N 471 
THR CG2    C  N N 472 
THR OXT    O  N N 473 
THR H      H  N N 474 
THR H2     H  N N 475 
THR HA     H  N N 476 
THR HB     H  N N 477 
THR HG1    H  N N 478 
THR HG21   H  N N 479 
THR HG22   H  N N 480 
THR HG23   H  N N 481 
THR HXT    H  N N 482 
TRP N      N  N N 483 
TRP CA     C  N S 484 
TRP C      C  N N 485 
TRP O      O  N N 486 
TRP CB     C  N N 487 
TRP CG     C  Y N 488 
TRP CD1    C  Y N 489 
TRP CD2    C  Y N 490 
TRP NE1    N  Y N 491 
TRP CE2    C  Y N 492 
TRP CE3    C  Y N 493 
TRP CZ2    C  Y N 494 
TRP CZ3    C  Y N 495 
TRP CH2    C  Y N 496 
TRP OXT    O  N N 497 
TRP H      H  N N 498 
TRP H2     H  N N 499 
TRP HA     H  N N 500 
TRP HB2    H  N N 501 
TRP HB3    H  N N 502 
TRP HD1    H  N N 503 
TRP HE1    H  N N 504 
TRP HE3    H  N N 505 
TRP HZ2    H  N N 506 
TRP HZ3    H  N N 507 
TRP HH2    H  N N 508 
TRP HXT    H  N N 509 
TYR N      N  N N 510 
TYR CA     C  N S 511 
TYR C      C  N N 512 
TYR O      O  N N 513 
TYR CB     C  N N 514 
TYR CG     C  Y N 515 
TYR CD1    C  Y N 516 
TYR CD2    C  Y N 517 
TYR CE1    C  Y N 518 
TYR CE2    C  Y N 519 
TYR CZ     C  Y N 520 
TYR OH     O  N N 521 
TYR OXT    O  N N 522 
TYR H      H  N N 523 
TYR H2     H  N N 524 
TYR HA     H  N N 525 
TYR HB2    H  N N 526 
TYR HB3    H  N N 527 
TYR HD1    H  N N 528 
TYR HD2    H  N N 529 
TYR HE1    H  N N 530 
TYR HE2    H  N N 531 
TYR HH     H  N N 532 
TYR HXT    H  N N 533 
VAL N      N  N N 534 
VAL CA     C  N S 535 
VAL C      C  N N 536 
VAL O      O  N N 537 
VAL CB     C  N N 538 
VAL CG1    C  N N 539 
VAL CG2    C  N N 540 
VAL OXT    O  N N 541 
VAL H      H  N N 542 
VAL H2     H  N N 543 
VAL HA     H  N N 544 
VAL HB     H  N N 545 
VAL HG11   H  N N 546 
VAL HG12   H  N N 547 
VAL HG13   H  N N 548 
VAL HG21   H  N N 549 
VAL HG22   H  N N 550 
VAL HG23   H  N N 551 
VAL HXT    H  N N 552 
# 
loop_
_chem_comp_bond.comp_id 
_chem_comp_bond.atom_id_1 
_chem_comp_bond.atom_id_2 
_chem_comp_bond.value_order 
_chem_comp_bond.pdbx_aromatic_flag 
_chem_comp_bond.pdbx_stereo_config 
_chem_comp_bond.pdbx_ordinal 
ALA N     CA     sing N N 1   
ALA N     H      sing N N 2   
ALA N     H2     sing N N 3   
ALA CA    C      sing N N 4   
ALA CA    CB     sing N N 5   
ALA CA    HA     sing N N 6   
ALA C     O      doub N N 7   
ALA C     OXT    sing N N 8   
ALA CB    HB1    sing N N 9   
ALA CB    HB2    sing N N 10  
ALA CB    HB3    sing N N 11  
ALA OXT   HXT    sing N N 12  
ARG N     CA     sing N N 13  
ARG N     H      sing N N 14  
ARG N     H2     sing N N 15  
ARG CA    C      sing N N 16  
ARG CA    CB     sing N N 17  
ARG CA    HA     sing N N 18  
ARG C     O      doub N N 19  
ARG C     OXT    sing N N 20  
ARG CB    CG     sing N N 21  
ARG CB    HB2    sing N N 22  
ARG CB    HB3    sing N N 23  
ARG CG    CD     sing N N 24  
ARG CG    HG2    sing N N 25  
ARG CG    HG3    sing N N 26  
ARG CD    NE     sing N N 27  
ARG CD    HD2    sing N N 28  
ARG CD    HD3    sing N N 29  
ARG NE    CZ     sing N N 30  
ARG NE    HE     sing N N 31  
ARG CZ    NH1    sing N N 32  
ARG CZ    NH2    doub N N 33  
ARG NH1   HH11   sing N N 34  
ARG NH1   HH12   sing N N 35  
ARG NH2   HH21   sing N N 36  
ARG NH2   HH22   sing N N 37  
ARG OXT   HXT    sing N N 38  
ASN N     CA     sing N N 39  
ASN N     H      sing N N 40  
ASN N     H2     sing N N 41  
ASN CA    C      sing N N 42  
ASN CA    CB     sing N N 43  
ASN CA    HA     sing N N 44  
ASN C     O      doub N N 45  
ASN C     OXT    sing N N 46  
ASN CB    CG     sing N N 47  
ASN CB    HB2    sing N N 48  
ASN CB    HB3    sing N N 49  
ASN CG    OD1    doub N N 50  
ASN CG    ND2    sing N N 51  
ASN ND2   HD21   sing N N 52  
ASN ND2   HD22   sing N N 53  
ASN OXT   HXT    sing N N 54  
ASP N     CA     sing N N 55  
ASP N     H      sing N N 56  
ASP N     H2     sing N N 57  
ASP CA    C      sing N N 58  
ASP CA    CB     sing N N 59  
ASP CA    HA     sing N N 60  
ASP C     O      doub N N 61  
ASP C     OXT    sing N N 62  
ASP CB    CG     sing N N 63  
ASP CB    HB2    sing N N 64  
ASP CB    HB3    sing N N 65  
ASP CG    OD1    doub N N 66  
ASP CG    OD2    sing N N 67  
ASP OD2   HD2    sing N N 68  
ASP OXT   HXT    sing N N 69  
CYS N     CA     sing N N 70  
CYS N     H      sing N N 71  
CYS N     H2     sing N N 72  
CYS CA    C      sing N N 73  
CYS CA    CB     sing N N 74  
CYS CA    HA     sing N N 75  
CYS C     O      doub N N 76  
CYS C     OXT    sing N N 77  
CYS CB    SG     sing N N 78  
CYS CB    HB2    sing N N 79  
CYS CB    HB3    sing N N 80  
CYS SG    HG     sing N N 81  
CYS OXT   HXT    sing N N 82  
DA  OP3   P      sing N N 83  
DA  OP3   HOP3   sing N N 84  
DA  P     OP1    doub N N 85  
DA  P     OP2    sing N N 86  
DA  P     "O5'"  sing N N 87  
DA  OP2   HOP2   sing N N 88  
DA  "O5'" "C5'"  sing N N 89  
DA  "C5'" "C4'"  sing N N 90  
DA  "C5'" "H5'"  sing N N 91  
DA  "C5'" "H5''" sing N N 92  
DA  "C4'" "O4'"  sing N N 93  
DA  "C4'" "C3'"  sing N N 94  
DA  "C4'" "H4'"  sing N N 95  
DA  "O4'" "C1'"  sing N N 96  
DA  "C3'" "O3'"  sing N N 97  
DA  "C3'" "C2'"  sing N N 98  
DA  "C3'" "H3'"  sing N N 99  
DA  "O3'" "HO3'" sing N N 100 
DA  "C2'" "C1'"  sing N N 101 
DA  "C2'" "H2'"  sing N N 102 
DA  "C2'" "H2''" sing N N 103 
DA  "C1'" N9     sing N N 104 
DA  "C1'" "H1'"  sing N N 105 
DA  N9    C8     sing Y N 106 
DA  N9    C4     sing Y N 107 
DA  C8    N7     doub Y N 108 
DA  C8    H8     sing N N 109 
DA  N7    C5     sing Y N 110 
DA  C5    C6     sing Y N 111 
DA  C5    C4     doub Y N 112 
DA  C6    N6     sing N N 113 
DA  C6    N1     doub Y N 114 
DA  N6    H61    sing N N 115 
DA  N6    H62    sing N N 116 
DA  N1    C2     sing Y N 117 
DA  C2    N3     doub Y N 118 
DA  C2    H2     sing N N 119 
DA  N3    C4     sing Y N 120 
DC  OP3   P      sing N N 121 
DC  OP3   HOP3   sing N N 122 
DC  P     OP1    doub N N 123 
DC  P     OP2    sing N N 124 
DC  P     "O5'"  sing N N 125 
DC  OP2   HOP2   sing N N 126 
DC  "O5'" "C5'"  sing N N 127 
DC  "C5'" "C4'"  sing N N 128 
DC  "C5'" "H5'"  sing N N 129 
DC  "C5'" "H5''" sing N N 130 
DC  "C4'" "O4'"  sing N N 131 
DC  "C4'" "C3'"  sing N N 132 
DC  "C4'" "H4'"  sing N N 133 
DC  "O4'" "C1'"  sing N N 134 
DC  "C3'" "O3'"  sing N N 135 
DC  "C3'" "C2'"  sing N N 136 
DC  "C3'" "H3'"  sing N N 137 
DC  "O3'" "HO3'" sing N N 138 
DC  "C2'" "C1'"  sing N N 139 
DC  "C2'" "H2'"  sing N N 140 
DC  "C2'" "H2''" sing N N 141 
DC  "C1'" N1     sing N N 142 
DC  "C1'" "H1'"  sing N N 143 
DC  N1    C2     sing N N 144 
DC  N1    C6     sing N N 145 
DC  C2    O2     doub N N 146 
DC  C2    N3     sing N N 147 
DC  N3    C4     doub N N 148 
DC  C4    N4     sing N N 149 
DC  C4    C5     sing N N 150 
DC  N4    H41    sing N N 151 
DC  N4    H42    sing N N 152 
DC  C5    C6     doub N N 153 
DC  C5    H5     sing N N 154 
DC  C6    H6     sing N N 155 
DG  OP3   P      sing N N 156 
DG  OP3   HOP3   sing N N 157 
DG  P     OP1    doub N N 158 
DG  P     OP2    sing N N 159 
DG  P     "O5'"  sing N N 160 
DG  OP2   HOP2   sing N N 161 
DG  "O5'" "C5'"  sing N N 162 
DG  "C5'" "C4'"  sing N N 163 
DG  "C5'" "H5'"  sing N N 164 
DG  "C5'" "H5''" sing N N 165 
DG  "C4'" "O4'"  sing N N 166 
DG  "C4'" "C3'"  sing N N 167 
DG  "C4'" "H4'"  sing N N 168 
DG  "O4'" "C1'"  sing N N 169 
DG  "C3'" "O3'"  sing N N 170 
DG  "C3'" "C2'"  sing N N 171 
DG  "C3'" "H3'"  sing N N 172 
DG  "O3'" "HO3'" sing N N 173 
DG  "C2'" "C1'"  sing N N 174 
DG  "C2'" "H2'"  sing N N 175 
DG  "C2'" "H2''" sing N N 176 
DG  "C1'" N9     sing N N 177 
DG  "C1'" "H1'"  sing N N 178 
DG  N9    C8     sing Y N 179 
DG  N9    C4     sing Y N 180 
DG  C8    N7     doub Y N 181 
DG  C8    H8     sing N N 182 
DG  N7    C5     sing Y N 183 
DG  C5    C6     sing N N 184 
DG  C5    C4     doub Y N 185 
DG  C6    O6     doub N N 186 
DG  C6    N1     sing N N 187 
DG  N1    C2     sing N N 188 
DG  N1    H1     sing N N 189 
DG  C2    N2     sing N N 190 
DG  C2    N3     doub N N 191 
DG  N2    H21    sing N N 192 
DG  N2    H22    sing N N 193 
DG  N3    C4     sing N N 194 
DT  OP3   P      sing N N 195 
DT  OP3   HOP3   sing N N 196 
DT  P     OP1    doub N N 197 
DT  P     OP2    sing N N 198 
DT  P     "O5'"  sing N N 199 
DT  OP2   HOP2   sing N N 200 
DT  "O5'" "C5'"  sing N N 201 
DT  "C5'" "C4'"  sing N N 202 
DT  "C5'" "H5'"  sing N N 203 
DT  "C5'" "H5''" sing N N 204 
DT  "C4'" "O4'"  sing N N 205 
DT  "C4'" "C3'"  sing N N 206 
DT  "C4'" "H4'"  sing N N 207 
DT  "O4'" "C1'"  sing N N 208 
DT  "C3'" "O3'"  sing N N 209 
DT  "C3'" "C2'"  sing N N 210 
DT  "C3'" "H3'"  sing N N 211 
DT  "O3'" "HO3'" sing N N 212 
DT  "C2'" "C1'"  sing N N 213 
DT  "C2'" "H2'"  sing N N 214 
DT  "C2'" "H2''" sing N N 215 
DT  "C1'" N1     sing N N 216 
DT  "C1'" "H1'"  sing N N 217 
DT  N1    C2     sing N N 218 
DT  N1    C6     sing N N 219 
DT  C2    O2     doub N N 220 
DT  C2    N3     sing N N 221 
DT  N3    C4     sing N N 222 
DT  N3    H3     sing N N 223 
DT  C4    O4     doub N N 224 
DT  C4    C5     sing N N 225 
DT  C5    C7     sing N N 226 
DT  C5    C6     doub N N 227 
DT  C7    H71    sing N N 228 
DT  C7    H72    sing N N 229 
DT  C7    H73    sing N N 230 
DT  C6    H6     sing N N 231 
GLN N     CA     sing N N 232 
GLN N     H      sing N N 233 
GLN N     H2     sing N N 234 
GLN CA    C      sing N N 235 
GLN CA    CB     sing N N 236 
GLN CA    HA     sing N N 237 
GLN C     O      doub N N 238 
GLN C     OXT    sing N N 239 
GLN CB    CG     sing N N 240 
GLN CB    HB2    sing N N 241 
GLN CB    HB3    sing N N 242 
GLN CG    CD     sing N N 243 
GLN CG    HG2    sing N N 244 
GLN CG    HG3    sing N N 245 
GLN CD    OE1    doub N N 246 
GLN CD    NE2    sing N N 247 
GLN NE2   HE21   sing N N 248 
GLN NE2   HE22   sing N N 249 
GLN OXT   HXT    sing N N 250 
GLU N     CA     sing N N 251 
GLU N     H      sing N N 252 
GLU N     H2     sing N N 253 
GLU CA    C      sing N N 254 
GLU CA    CB     sing N N 255 
GLU CA    HA     sing N N 256 
GLU C     O      doub N N 257 
GLU C     OXT    sing N N 258 
GLU CB    CG     sing N N 259 
GLU CB    HB2    sing N N 260 
GLU CB    HB3    sing N N 261 
GLU CG    CD     sing N N 262 
GLU CG    HG2    sing N N 263 
GLU CG    HG3    sing N N 264 
GLU CD    OE1    doub N N 265 
GLU CD    OE2    sing N N 266 
GLU OE2   HE2    sing N N 267 
GLU OXT   HXT    sing N N 268 
GLY N     CA     sing N N 269 
GLY N     H      sing N N 270 
GLY N     H2     sing N N 271 
GLY CA    C      sing N N 272 
GLY CA    HA2    sing N N 273 
GLY CA    HA3    sing N N 274 
GLY C     O      doub N N 275 
GLY C     OXT    sing N N 276 
GLY OXT   HXT    sing N N 277 
GOL C1    O1     sing N N 278 
GOL C1    C2     sing N N 279 
GOL C1    H11    sing N N 280 
GOL C1    H12    sing N N 281 
GOL O1    HO1    sing N N 282 
GOL C2    O2     sing N N 283 
GOL C2    C3     sing N N 284 
GOL C2    H2     sing N N 285 
GOL O2    HO2    sing N N 286 
GOL C3    O3     sing N N 287 
GOL C3    H31    sing N N 288 
GOL C3    H32    sing N N 289 
GOL O3    HO3    sing N N 290 
HIS N     CA     sing N N 291 
HIS N     H      sing N N 292 
HIS N     H2     sing N N 293 
HIS CA    C      sing N N 294 
HIS CA    CB     sing N N 295 
HIS CA    HA     sing N N 296 
HIS C     O      doub N N 297 
HIS C     OXT    sing N N 298 
HIS CB    CG     sing N N 299 
HIS CB    HB2    sing N N 300 
HIS CB    HB3    sing N N 301 
HIS CG    ND1    sing Y N 302 
HIS CG    CD2    doub Y N 303 
HIS ND1   CE1    doub Y N 304 
HIS ND1   HD1    sing N N 305 
HIS CD2   NE2    sing Y N 306 
HIS CD2   HD2    sing N N 307 
HIS CE1   NE2    sing Y N 308 
HIS CE1   HE1    sing N N 309 
HIS NE2   HE2    sing N N 310 
HIS OXT   HXT    sing N N 311 
HOH O     H1     sing N N 312 
HOH O     H2     sing N N 313 
ILE N     CA     sing N N 314 
ILE N     H      sing N N 315 
ILE N     H2     sing N N 316 
ILE CA    C      sing N N 317 
ILE CA    CB     sing N N 318 
ILE CA    HA     sing N N 319 
ILE C     O      doub N N 320 
ILE C     OXT    sing N N 321 
ILE CB    CG1    sing N N 322 
ILE CB    CG2    sing N N 323 
ILE CB    HB     sing N N 324 
ILE CG1   CD1    sing N N 325 
ILE CG1   HG12   sing N N 326 
ILE CG1   HG13   sing N N 327 
ILE CG2   HG21   sing N N 328 
ILE CG2   HG22   sing N N 329 
ILE CG2   HG23   sing N N 330 
ILE CD1   HD11   sing N N 331 
ILE CD1   HD12   sing N N 332 
ILE CD1   HD13   sing N N 333 
ILE OXT   HXT    sing N N 334 
LEU N     CA     sing N N 335 
LEU N     H      sing N N 336 
LEU N     H2     sing N N 337 
LEU CA    C      sing N N 338 
LEU CA    CB     sing N N 339 
LEU CA    HA     sing N N 340 
LEU C     O      doub N N 341 
LEU C     OXT    sing N N 342 
LEU CB    CG     sing N N 343 
LEU CB    HB2    sing N N 344 
LEU CB    HB3    sing N N 345 
LEU CG    CD1    sing N N 346 
LEU CG    CD2    sing N N 347 
LEU CG    HG     sing N N 348 
LEU CD1   HD11   sing N N 349 
LEU CD1   HD12   sing N N 350 
LEU CD1   HD13   sing N N 351 
LEU CD2   HD21   sing N N 352 
LEU CD2   HD22   sing N N 353 
LEU CD2   HD23   sing N N 354 
LEU OXT   HXT    sing N N 355 
LYS N     CA     sing N N 356 
LYS N     H      sing N N 357 
LYS N     H2     sing N N 358 
LYS CA    C      sing N N 359 
LYS CA    CB     sing N N 360 
LYS CA    HA     sing N N 361 
LYS C     O      doub N N 362 
LYS C     OXT    sing N N 363 
LYS CB    CG     sing N N 364 
LYS CB    HB2    sing N N 365 
LYS CB    HB3    sing N N 366 
LYS CG    CD     sing N N 367 
LYS CG    HG2    sing N N 368 
LYS CG    HG3    sing N N 369 
LYS CD    CE     sing N N 370 
LYS CD    HD2    sing N N 371 
LYS CD    HD3    sing N N 372 
LYS CE    NZ     sing N N 373 
LYS CE    HE2    sing N N 374 
LYS CE    HE3    sing N N 375 
LYS NZ    HZ1    sing N N 376 
LYS NZ    HZ2    sing N N 377 
LYS NZ    HZ3    sing N N 378 
LYS OXT   HXT    sing N N 379 
MSE N     CA     sing N N 380 
MSE N     H      sing N N 381 
MSE N     H2     sing N N 382 
MSE CA    C      sing N N 383 
MSE CA    CB     sing N N 384 
MSE CA    HA     sing N N 385 
MSE C     O      doub N N 386 
MSE C     OXT    sing N N 387 
MSE OXT   HXT    sing N N 388 
MSE CB    CG     sing N N 389 
MSE CB    HB2    sing N N 390 
MSE CB    HB3    sing N N 391 
MSE CG    SE     sing N N 392 
MSE CG    HG2    sing N N 393 
MSE CG    HG3    sing N N 394 
MSE SE    CE     sing N N 395 
MSE CE    HE1    sing N N 396 
MSE CE    HE2    sing N N 397 
MSE CE    HE3    sing N N 398 
PHE N     CA     sing N N 399 
PHE N     H      sing N N 400 
PHE N     H2     sing N N 401 
PHE CA    C      sing N N 402 
PHE CA    CB     sing N N 403 
PHE CA    HA     sing N N 404 
PHE C     O      doub N N 405 
PHE C     OXT    sing N N 406 
PHE CB    CG     sing N N 407 
PHE CB    HB2    sing N N 408 
PHE CB    HB3    sing N N 409 
PHE CG    CD1    doub Y N 410 
PHE CG    CD2    sing Y N 411 
PHE CD1   CE1    sing Y N 412 
PHE CD1   HD1    sing N N 413 
PHE CD2   CE2    doub Y N 414 
PHE CD2   HD2    sing N N 415 
PHE CE1   CZ     doub Y N 416 
PHE CE1   HE1    sing N N 417 
PHE CE2   CZ     sing Y N 418 
PHE CE2   HE2    sing N N 419 
PHE CZ    HZ     sing N N 420 
PHE OXT   HXT    sing N N 421 
PO4 P     O1     doub N N 422 
PO4 P     O2     sing N N 423 
PO4 P     O3     sing N N 424 
PO4 P     O4     sing N N 425 
PRO N     CA     sing N N 426 
PRO N     CD     sing N N 427 
PRO N     H      sing N N 428 
PRO CA    C      sing N N 429 
PRO CA    CB     sing N N 430 
PRO CA    HA     sing N N 431 
PRO C     O      doub N N 432 
PRO C     OXT    sing N N 433 
PRO CB    CG     sing N N 434 
PRO CB    HB2    sing N N 435 
PRO CB    HB3    sing N N 436 
PRO CG    CD     sing N N 437 
PRO CG    HG2    sing N N 438 
PRO CG    HG3    sing N N 439 
PRO CD    HD2    sing N N 440 
PRO CD    HD3    sing N N 441 
PRO OXT   HXT    sing N N 442 
SER N     CA     sing N N 443 
SER N     H      sing N N 444 
SER N     H2     sing N N 445 
SER CA    C      sing N N 446 
SER CA    CB     sing N N 447 
SER CA    HA     sing N N 448 
SER C     O      doub N N 449 
SER C     OXT    sing N N 450 
SER CB    OG     sing N N 451 
SER CB    HB2    sing N N 452 
SER CB    HB3    sing N N 453 
SER OG    HG     sing N N 454 
SER OXT   HXT    sing N N 455 
THR N     CA     sing N N 456 
THR N     H      sing N N 457 
THR N     H2     sing N N 458 
THR CA    C      sing N N 459 
THR CA    CB     sing N N 460 
THR CA    HA     sing N N 461 
THR C     O      doub N N 462 
THR C     OXT    sing N N 463 
THR CB    OG1    sing N N 464 
THR CB    CG2    sing N N 465 
THR CB    HB     sing N N 466 
THR OG1   HG1    sing N N 467 
THR CG2   HG21   sing N N 468 
THR CG2   HG22   sing N N 469 
THR CG2   HG23   sing N N 470 
THR OXT   HXT    sing N N 471 
TRP N     CA     sing N N 472 
TRP N     H      sing N N 473 
TRP N     H2     sing N N 474 
TRP CA    C      sing N N 475 
TRP CA    CB     sing N N 476 
TRP CA    HA     sing N N 477 
TRP C     O      doub N N 478 
TRP C     OXT    sing N N 479 
TRP CB    CG     sing N N 480 
TRP CB    HB2    sing N N 481 
TRP CB    HB3    sing N N 482 
TRP CG    CD1    doub Y N 483 
TRP CG    CD2    sing Y N 484 
TRP CD1   NE1    sing Y N 485 
TRP CD1   HD1    sing N N 486 
TRP CD2   CE2    doub Y N 487 
TRP CD2   CE3    sing Y N 488 
TRP NE1   CE2    sing Y N 489 
TRP NE1   HE1    sing N N 490 
TRP CE2   CZ2    sing Y N 491 
TRP CE3   CZ3    doub Y N 492 
TRP CE3   HE3    sing N N 493 
TRP CZ2   CH2    doub Y N 494 
TRP CZ2   HZ2    sing N N 495 
TRP CZ3   CH2    sing Y N 496 
TRP CZ3   HZ3    sing N N 497 
TRP CH2   HH2    sing N N 498 
TRP OXT   HXT    sing N N 499 
TYR N     CA     sing N N 500 
TYR N     H      sing N N 501 
TYR N     H2     sing N N 502 
TYR CA    C      sing N N 503 
TYR CA    CB     sing N N 504 
TYR CA    HA     sing N N 505 
TYR C     O      doub N N 506 
TYR C     OXT    sing N N 507 
TYR CB    CG     sing N N 508 
TYR CB    HB2    sing N N 509 
TYR CB    HB3    sing N N 510 
TYR CG    CD1    doub Y N 511 
TYR CG    CD2    sing Y N 512 
TYR CD1   CE1    sing Y N 513 
TYR CD1   HD1    sing N N 514 
TYR CD2   CE2    doub Y N 515 
TYR CD2   HD2    sing N N 516 
TYR CE1   CZ     doub Y N 517 
TYR CE1   HE1    sing N N 518 
TYR CE2   CZ     sing Y N 519 
TYR CE2   HE2    sing N N 520 
TYR CZ    OH     sing N N 521 
TYR OH    HH     sing N N 522 
TYR OXT   HXT    sing N N 523 
VAL N     CA     sing N N 524 
VAL N     H      sing N N 525 
VAL N     H2     sing N N 526 
VAL CA    C      sing N N 527 
VAL CA    CB     sing N N 528 
VAL CA    HA     sing N N 529 
VAL C     O      doub N N 530 
VAL C     OXT    sing N N 531 
VAL CB    CG1    sing N N 532 
VAL CB    CG2    sing N N 533 
VAL CB    HB     sing N N 534 
VAL CG1   HG11   sing N N 535 
VAL CG1   HG12   sing N N 536 
VAL CG1   HG13   sing N N 537 
VAL CG2   HG21   sing N N 538 
VAL CG2   HG22   sing N N 539 
VAL CG2   HG23   sing N N 540 
VAL OXT   HXT    sing N N 541 
# 
loop_
_ndb_struct_conf_na.entry_id 
_ndb_struct_conf_na.feature 
5GZB 'double helix'        
5GZB 'b-form double helix' 
# 
loop_
_ndb_struct_na_base_pair.model_number 
_ndb_struct_na_base_pair.i_label_asym_id 
_ndb_struct_na_base_pair.i_label_comp_id 
_ndb_struct_na_base_pair.i_label_seq_id 
_ndb_struct_na_base_pair.i_symmetry 
_ndb_struct_na_base_pair.j_label_asym_id 
_ndb_struct_na_base_pair.j_label_comp_id 
_ndb_struct_na_base_pair.j_label_seq_id 
_ndb_struct_na_base_pair.j_symmetry 
_ndb_struct_na_base_pair.shear 
_ndb_struct_na_base_pair.stretch 
_ndb_struct_na_base_pair.stagger 
_ndb_struct_na_base_pair.buckle 
_ndb_struct_na_base_pair.propeller 
_ndb_struct_na_base_pair.opening 
_ndb_struct_na_base_pair.pair_number 
_ndb_struct_na_base_pair.pair_name 
_ndb_struct_na_base_pair.i_auth_asym_id 
_ndb_struct_na_base_pair.i_auth_seq_id 
_ndb_struct_na_base_pair.i_PDB_ins_code 
_ndb_struct_na_base_pair.j_auth_asym_id 
_ndb_struct_na_base_pair.j_auth_seq_id 
_ndb_struct_na_base_pair.j_PDB_ins_code 
_ndb_struct_na_base_pair.hbond_type_28 
_ndb_struct_na_base_pair.hbond_type_12 
1 B DT 1  1_555 C DA 13 1_555 -0.313 -0.366 0.123  -14.917 -8.390  10.753 1  B_DT1:DA13_C B 1  ? C 13 ? 20 1 
1 B DT 2  1_555 C DA 12 1_555 0.646  -0.524 0.139  0.875   3.331   1.947  2  B_DT2:DA12_C B 2  ? C 12 ? 20 1 
1 B DG 3  1_555 C DC 11 1_555 -1.163 -0.021 0.697  9.457   -12.400 11.929 3  B_DG3:DC11_C B 3  ? C 11 ? ?  1 
1 B DC 4  1_555 C DG 10 1_555 -0.176 -0.254 0.243  7.518   -13.545 1.653  4  B_DC4:DG10_C B 4  ? C 10 ? 19 1 
1 B DA 5  1_555 C DT 9  1_555 0.220  -0.174 0.185  -2.952  -14.438 2.018  5  B_DA5:DT9_C  B 5  ? C 9  ? 20 1 
1 B DT 6  1_555 C DA 8  1_555 0.224  -0.230 0.725  -9.007  -16.388 7.342  6  B_DT6:DA8_C  B 6  ? C 8  ? 20 1 
1 B DT 7  1_555 C DA 7  1_555 -0.136 -0.104 0.744  -15.526 -19.142 -2.202 7  B_DT7:DA7_C  B 7  ? C 7  ? 20 1 
1 B DC 8  1_555 C DG 6  1_555 0.294  -0.068 0.430  -15.686 -12.062 6.130  8  B_DC8:DG6_C  B 8  ? C 6  ? 19 1 
1 B DC 9  1_555 C DG 5  1_555 0.282  -0.238 0.747  -19.703 -10.925 1.049  9  B_DC9:DG5_C  B 9  ? C 5  ? 19 1 
1 B DT 10 1_555 C DA 4  1_555 -0.102 -0.154 -0.070 6.383   -15.690 5.615  10 B_DT10:DA4_C B 10 ? C 4  ? 20 1 
1 B DC 11 1_555 C DG 3  1_555 -0.333 -0.341 -0.016 -4.934  -15.743 -2.906 11 B_DC11:DG3_C B 11 ? C 3  ? 19 1 
1 B DT 12 1_555 C DA 2  1_555 -0.298 -0.182 0.010  -1.512  -12.369 -0.607 12 B_DT12:DA2_C B 12 ? C 2  ? 20 1 
1 B DC 13 1_555 C DG 1  1_555 0.379  -0.120 -0.160 2.999   -9.758  1.060  13 B_DC13:DG1_C B 13 ? C 1  ? 19 1 
# 
loop_
_ndb_struct_na_base_pair_step.model_number 
_ndb_struct_na_base_pair_step.i_label_asym_id_1 
_ndb_struct_na_base_pair_step.i_label_comp_id_1 
_ndb_struct_na_base_pair_step.i_label_seq_id_1 
_ndb_struct_na_base_pair_step.i_symmetry_1 
_ndb_struct_na_base_pair_step.j_label_asym_id_1 
_ndb_struct_na_base_pair_step.j_label_comp_id_1 
_ndb_struct_na_base_pair_step.j_label_seq_id_1 
_ndb_struct_na_base_pair_step.j_symmetry_1 
_ndb_struct_na_base_pair_step.i_label_asym_id_2 
_ndb_struct_na_base_pair_step.i_label_comp_id_2 
_ndb_struct_na_base_pair_step.i_label_seq_id_2 
_ndb_struct_na_base_pair_step.i_symmetry_2 
_ndb_struct_na_base_pair_step.j_label_asym_id_2 
_ndb_struct_na_base_pair_step.j_label_comp_id_2 
_ndb_struct_na_base_pair_step.j_label_seq_id_2 
_ndb_struct_na_base_pair_step.j_symmetry_2 
_ndb_struct_na_base_pair_step.shift 
_ndb_struct_na_base_pair_step.slide 
_ndb_struct_na_base_pair_step.rise 
_ndb_struct_na_base_pair_step.tilt 
_ndb_struct_na_base_pair_step.roll 
_ndb_struct_na_base_pair_step.twist 
_ndb_struct_na_base_pair_step.x_displacement 
_ndb_struct_na_base_pair_step.y_displacement 
_ndb_struct_na_base_pair_step.helical_rise 
_ndb_struct_na_base_pair_step.inclination 
_ndb_struct_na_base_pair_step.tip 
_ndb_struct_na_base_pair_step.helical_twist 
_ndb_struct_na_base_pair_step.step_number 
_ndb_struct_na_base_pair_step.step_name 
_ndb_struct_na_base_pair_step.i_auth_asym_id_1 
_ndb_struct_na_base_pair_step.i_auth_seq_id_1 
_ndb_struct_na_base_pair_step.i_PDB_ins_code_1 
_ndb_struct_na_base_pair_step.j_auth_asym_id_1 
_ndb_struct_na_base_pair_step.j_auth_seq_id_1 
_ndb_struct_na_base_pair_step.j_PDB_ins_code_1 
_ndb_struct_na_base_pair_step.i_auth_asym_id_2 
_ndb_struct_na_base_pair_step.i_auth_seq_id_2 
_ndb_struct_na_base_pair_step.i_PDB_ins_code_2 
_ndb_struct_na_base_pair_step.j_auth_asym_id_2 
_ndb_struct_na_base_pair_step.j_auth_seq_id_2 
_ndb_struct_na_base_pair_step.j_PDB_ins_code_2 
1 B DT 1  1_555 C DA 13 1_555 B DT 2  1_555 C DA 12 1_555 0.063  0.491  3.284 -2.086 1.114  38.448 0.605  -0.355 3.289 1.689  
3.164  38.518 1  BB_DT1DT2:DA12DA13_CC B 1  ? C 13 ? B 2  ? C 12 ? 
1 B DT 2  1_555 C DA 12 1_555 B DG 3  1_555 C DC 11 1_555 0.311  1.434  3.218 -2.509 -3.121 32.988 3.010  -0.947 3.042 -5.472 
4.397  33.224 2  BB_DT2DG3:DC11DA12_CC B 2  ? C 12 ? B 3  ? C 11 ? 
1 B DG 3  1_555 C DC 11 1_555 B DC 4  1_555 C DG 10 1_555 -0.300 -0.364 3.307 0.174  1.836  33.528 -0.933 0.548  3.281 3.179  
-0.302 33.577 3  BB_DG3DC4:DG10DC11_CC B 3  ? C 11 ? B 4  ? C 10 ? 
1 B DC 4  1_555 C DG 10 1_555 B DA 5  1_555 C DT 9  1_555 0.353  -0.727 3.505 5.027  5.781  38.520 -1.816 0.112  3.383 8.658  
-7.529 39.246 4  BB_DC4DA5:DT9DG10_CC  B 4  ? C 10 ? B 5  ? C 9  ? 
1 B DA 5  1_555 C DT 9  1_555 B DT 6  1_555 C DA 8  1_555 0.064  -0.861 3.473 -1.861 -4.225 31.960 -0.740 -0.472 3.546 -7.624 
3.359  32.283 5  BB_DA5DT6:DA8DT9_CC   B 5  ? C 9  ? B 6  ? C 8  ? 
1 B DT 6  1_555 C DA 8  1_555 B DT 7  1_555 C DA 7  1_555 -0.450 -0.854 3.194 0.902  -0.412 37.178 -1.285 0.822  3.192 -0.646 
-1.415 37.191 6  BB_DT6DT7:DA7DA8_CC   B 6  ? C 8  ? B 7  ? C 7  ? 
1 B DT 7  1_555 C DA 7  1_555 B DC 8  1_555 C DG 6  1_555 0.353  -0.050 3.155 3.041  -4.295 44.652 0.311  -0.196 3.162 -5.629 
-3.986 44.945 7  BB_DT7DC8:DG6DA7_CC   B 7  ? C 7  ? B 8  ? C 6  ? 
1 B DC 8  1_555 C DG 6  1_555 B DC 9  1_555 C DG 5  1_555 -0.415 -0.493 3.346 -3.045 6.030  30.476 -2.081 0.183  3.217 11.297 
5.704  31.198 8  BB_DC8DC9:DG5DG6_CC   B 8  ? C 6  ? B 9  ? C 5  ? 
1 B DC 9  1_555 C DG 5  1_555 B DT 10 1_555 C DA 4  1_555 0.597  0.064  2.798 3.042  6.224  28.609 -1.029 -0.611 2.796 12.366 
-6.044 29.419 9  BB_DC9DT10:DA4DG5_CC  B 9  ? C 5  ? B 10 ? C 4  ? 
1 B DT 10 1_555 C DA 4  1_555 B DC 11 1_555 C DG 3  1_555 -0.456 -0.261 3.409 -2.310 0.011  37.410 -0.408 0.393  3.430 0.018  
3.598  37.478 10 BB_DT10DC11:DG3DA4_CC B 10 ? C 4  ? B 11 ? C 3  ? 
1 B DC 11 1_555 C DG 3  1_555 B DT 12 1_555 C DA 2  1_555 -0.564 -0.479 3.325 1.145  10.387 31.532 -2.571 1.179  2.999 18.489 
-2.037 33.177 11 BB_DC11DT12:DA2DG3_CC B 11 ? C 3  ? B 12 ? C 2  ? 
1 B DT 12 1_555 C DA 2  1_555 B DC 13 1_555 C DG 1  1_555 0.568  -0.406 3.088 1.686  -0.441 36.812 -0.586 -0.682 3.115 -0.697 
-2.668 36.852 12 BB_DT12DC13:DG1DA2_CC B 12 ? C 2  ? B 13 ? C 1  ? 
# 
_atom_sites.entry_id                    5GZB 
_atom_sites.fract_transf_matrix[1][1]   0.00106369 
_atom_sites.fract_transf_matrix[1][2]   -0.00439422 
_atom_sites.fract_transf_matrix[1][3]   0.00711745 
_atom_sites.fract_transf_matrix[2][1]   0.00628689 
_atom_sites.fract_transf_matrix[2][2]   -0.00431259 
_atom_sites.fract_transf_matrix[2][3]   -0.00360210 
_atom_sites.fract_transf_matrix[3][1]   0.00593491 
_atom_sites.fract_transf_matrix[3][2]   0.00619708 
_atom_sites.fract_transf_matrix[3][3]   0.00293903 
_atom_sites.fract_transf_vector[1]      0.455182 
_atom_sites.fract_transf_vector[2]      0.378578 
_atom_sites.fract_transf_vector[3]      0.172327 
# 
loop_
_atom_type.symbol 
C  
N  
O  
P  
S  
SE 
# 
loop_
_atom_site.group_PDB 
_atom_site.id 
_atom_site.type_symbol 
_atom_site.label_atom_id 
_atom_site.label_alt_id 
_atom_site.label_comp_id 
_atom_site.label_asym_id 
_atom_site.label_entity_id 
_atom_site.label_seq_id 
_atom_site.pdbx_PDB_ins_code 
_atom_site.Cartn_x 
_atom_site.Cartn_y 
_atom_site.Cartn_z 
_atom_site.occupancy 
_atom_site.B_iso_or_equiv 
_atom_site.pdbx_formal_charge 
_atom_site.auth_seq_id 
_atom_site.auth_comp_id 
_atom_site.auth_asym_id 
_atom_site.auth_atom_id 
_atom_site.pdbx_PDB_model_num 
ATOM   1    N  N     . VAL A 1 10  ? 6.975   3.770   14.106  1.00 80.98  ? 42  VAL A N     1 
ATOM   2    C  CA    . VAL A 1 10  ? 6.325   4.583   13.085  1.00 100.09 ? 42  VAL A CA    1 
ATOM   3    C  C     . VAL A 1 10  ? 5.171   3.812   12.453  1.00 95.17  ? 42  VAL A C     1 
ATOM   4    O  O     . VAL A 1 10  ? 4.079   4.348   12.264  1.00 94.29  ? 42  VAL A O     1 
ATOM   5    C  CB    . VAL A 1 10  ? 7.321   5.022   11.994  1.00 85.38  ? 42  VAL A CB    1 
ATOM   6    C  CG1   . VAL A 1 10  ? 6.588   5.610   10.796  1.00 73.15  ? 42  VAL A CG1   1 
ATOM   7    C  CG2   . VAL A 1 10  ? 8.324   6.015   12.563  1.00 101.58 ? 42  VAL A CG2   1 
ATOM   8    N  N     . TRP A 1 11  ? 5.419   2.548   12.130  1.00 83.81  ? 43  TRP A N     1 
ATOM   9    C  CA    . TRP A 1 11  ? 4.355   1.664   11.677  1.00 81.30  ? 43  TRP A CA    1 
ATOM   10   C  C     . TRP A 1 11  ? 4.274   0.460   12.601  1.00 77.24  ? 43  TRP A C     1 
ATOM   11   O  O     . TRP A 1 11  ? 4.245   -0.690  12.159  1.00 79.86  ? 43  TRP A O     1 
ATOM   12   C  CB    . TRP A 1 11  ? 4.576   1.252   10.222  1.00 74.60  ? 43  TRP A CB    1 
ATOM   13   C  CG    . TRP A 1 11  ? 4.271   2.380   9.291   1.00 83.15  ? 43  TRP A CG    1 
ATOM   14   C  CD1   . TRP A 1 11  ? 5.157   3.071   8.518   1.00 91.63  ? 43  TRP A CD1   1 
ATOM   15   C  CD2   . TRP A 1 11  ? 2.989   2.975   9.065   1.00 86.71  ? 43  TRP A CD2   1 
ATOM   16   N  NE1   . TRP A 1 11  ? 4.502   4.053   7.812   1.00 88.97  ? 43  TRP A NE1   1 
ATOM   17   C  CE2   . TRP A 1 11  ? 3.171   4.015   8.130   1.00 89.09  ? 43  TRP A CE2   1 
ATOM   18   C  CE3   . TRP A 1 11  ? 1.703   2.723   9.552   1.00 80.31  ? 43  TRP A CE3   1 
ATOM   19   C  CZ2   . TRP A 1 11  ? 2.113   4.802   7.676   1.00 88.69  ? 43  TRP A CZ2   1 
ATOM   20   C  CZ3   . TRP A 1 11  ? 0.656   3.506   9.100   1.00 74.41  ? 43  TRP A CZ3   1 
ATOM   21   C  CH2   . TRP A 1 11  ? 0.867   4.531   8.171   1.00 72.22  ? 43  TRP A CH2   1 
ATOM   22   N  N     . SER A 1 12  ? 4.240   0.762   13.897  1.00 78.63  ? 44  SER A N     1 
ATOM   23   C  CA    . SER A 1 12  ? 4.129   -0.223  14.968  1.00 93.54  ? 44  SER A CA    1 
ATOM   24   C  C     . SER A 1 12  ? 2.959   -1.180  14.737  1.00 97.51  ? 44  SER A C     1 
ATOM   25   O  O     . SER A 1 12  ? 1.976   -0.804  14.099  1.00 100.66 ? 44  SER A O     1 
ATOM   26   C  CB    . SER A 1 12  ? 3.966   0.497   16.311  1.00 84.27  ? 44  SER A CB    1 
ATOM   27   O  OG    . SER A 1 12  ? 4.746   1.679   16.357  1.00 94.14  ? 44  SER A OG    1 
ATOM   28   N  N     . PRO A 1 13  ? 3.062   -2.419  15.258  1.00 100.95 ? 45  PRO A N     1 
ATOM   29   C  CA    . PRO A 1 13  ? 2.060   -3.475  15.059  1.00 102.29 ? 45  PRO A CA    1 
ATOM   30   C  C     . PRO A 1 13  ? 0.614   -3.028  15.271  1.00 108.32 ? 45  PRO A C     1 
ATOM   31   O  O     . PRO A 1 13  ? -0.274  -3.508  14.568  1.00 107.03 ? 45  PRO A O     1 
ATOM   32   C  CB    . PRO A 1 13  ? 2.450   -4.521  16.106  1.00 101.28 ? 45  PRO A CB    1 
ATOM   33   C  CG    . PRO A 1 13  ? 3.911   -4.359  16.252  1.00 108.09 ? 45  PRO A CG    1 
ATOM   34   C  CD    . PRO A 1 13  ? 4.191   -2.892  16.083  1.00 100.98 ? 45  PRO A CD    1 
ATOM   35   N  N     . ASP A 1 14  ? 0.383   -2.127  16.220  1.00 94.32  ? 46  ASP A N     1 
ATOM   36   C  CA    . ASP A 1 14  ? -0.963  -1.625  16.476  1.00 102.72 ? 46  ASP A CA    1 
ATOM   37   C  C     . ASP A 1 14  ? -1.387  -0.615  15.412  1.00 99.01  ? 46  ASP A C     1 
ATOM   38   O  O     . ASP A 1 14  ? -2.477  -0.721  14.849  1.00 98.86  ? 46  ASP A O     1 
ATOM   39   C  CB    . ASP A 1 14  ? -1.049  -0.998  17.870  1.00 106.88 ? 46  ASP A CB    1 
ATOM   40   C  CG    . ASP A 1 14  ? 0.030   0.036   18.111  1.00 111.93 ? 46  ASP A CG    1 
ATOM   41   O  OD1   . ASP A 1 14  ? 1.016   0.051   17.346  1.00 116.02 ? 46  ASP A OD1   1 
ATOM   42   O  OD2   . ASP A 1 14  ? -0.110  0.834   19.060  1.00 109.50 ? 46  ASP A OD2   1 
ATOM   43   N  N     . ILE A 1 15  ? -0.526  0.364   15.141  1.00 91.78  ? 47  ILE A N     1 
ATOM   44   C  CA    . ILE A 1 15  ? -0.780  1.330   14.079  1.00 80.38  ? 47  ILE A CA    1 
ATOM   45   C  C     . ILE A 1 15  ? -0.855  0.602   12.740  1.00 77.59  ? 47  ILE A C     1 
ATOM   46   O  O     . ILE A 1 15  ? -1.700  0.911   11.897  1.00 79.36  ? 47  ILE A O     1 
ATOM   47   C  CB    . ILE A 1 15  ? 0.309   2.426   14.028  1.00 76.16  ? 47  ILE A CB    1 
ATOM   48   C  CG1   . ILE A 1 15  ? 0.119   3.420   15.174  1.00 64.36  ? 47  ILE A CG1   1 
ATOM   49   C  CG2   . ILE A 1 15  ? 0.261   3.178   12.710  1.00 63.44  ? 47  ILE A CG2   1 
ATOM   50   C  CD1   . ILE A 1 15  ? 0.995   3.149   16.371  1.00 94.37  ? 47  ILE A CD1   1 
ATOM   51   N  N     . GLU A 1 16  ? 0.023   -0.380  12.563  1.00 76.43  ? 48  GLU A N     1 
ATOM   52   C  CA    . GLU A 1 16  ? 0.020   -1.207  11.362  1.00 81.61  ? 48  GLU A CA    1 
ATOM   53   C  C     . GLU A 1 16  ? -1.269  -2.008  11.251  1.00 77.46  ? 48  GLU A C     1 
ATOM   54   O  O     . GLU A 1 16  ? -1.799  -2.200  10.155  1.00 74.69  ? 48  GLU A O     1 
ATOM   55   C  CB    . GLU A 1 16  ? 1.228   -2.149  11.352  1.00 77.84  ? 48  GLU A CB    1 
ATOM   56   C  CG    . GLU A 1 16  ? 1.217   -3.172  10.224  1.00 68.25  ? 48  GLU A CG    1 
ATOM   57   C  CD    . GLU A 1 16  ? 1.198   -2.530  8.853   1.00 80.86  ? 48  GLU A CD    1 
ATOM   58   O  OE1   . GLU A 1 16  ? 1.695   -1.395  8.725   1.00 81.95  ? 48  GLU A OE1   1 
ATOM   59   O  OE2   . GLU A 1 16  ? 0.682   -3.158  7.904   1.00 73.48  ? 48  GLU A OE2   1 
ATOM   60   N  N     . GLN A 1 17  ? -1.770  -2.474  12.390  1.00 82.66  ? 49  GLN A N     1 
ATOM   61   C  CA    . GLN A 1 17  ? -3.018  -3.226  12.419  1.00 87.87  ? 49  GLN A CA    1 
ATOM   62   C  C     . GLN A 1 17  ? -4.172  -2.375  11.904  1.00 82.32  ? 49  GLN A C     1 
ATOM   63   O  O     . GLN A 1 17  ? -4.871  -2.770  10.972  1.00 86.13  ? 49  GLN A O     1 
ATOM   64   C  CB    . GLN A 1 17  ? -3.321  -3.726  13.835  1.00 88.25  ? 49  GLN A CB    1 
ATOM   65   C  CG    . GLN A 1 17  ? -4.726  -4.289  14.024  1.00 106.53 ? 49  GLN A CG    1 
ATOM   66   C  CD    . GLN A 1 17  ? -4.937  -5.628  13.333  1.00 106.03 ? 49  GLN A CD    1 
ATOM   67   O  OE1   . GLN A 1 17  ? -4.811  -5.743  12.113  1.00 114.19 ? 49  GLN A OE1   1 
ATOM   68   N  NE2   . GLN A 1 17  ? -5.271  -6.647  14.115  1.00 110.09 ? 49  GLN A NE2   1 
ATOM   69   N  N     . SER A 1 18  ? -4.353  -1.203  12.503  1.00 81.58  ? 50  SER A N     1 
ATOM   70   C  CA    . SER A 1 18  ? -5.443  -0.304  12.133  1.00 74.46  ? 50  SER A CA    1 
ATOM   71   C  C     . SER A 1 18  ? -5.293  0.203   10.703  1.00 76.04  ? 50  SER A C     1 
ATOM   72   O  O     . SER A 1 18  ? -6.285  0.485   10.029  1.00 86.63  ? 50  SER A O     1 
ATOM   73   C  CB    . SER A 1 18  ? -5.516  0.874   13.105  1.00 77.88  ? 50  SER A CB    1 
ATOM   74   O  OG    . SER A 1 18  ? -4.262  1.522   13.222  1.00 85.65  ? 50  SER A OG    1 
ATOM   75   N  N     . PHE A 1 19  ? -4.052  0.325   10.244  1.00 74.19  ? 51  PHE A N     1 
ATOM   76   C  CA    . PHE A 1 19  ? -3.795  0.698   8.859   1.00 66.19  ? 51  PHE A CA    1 
ATOM   77   C  C     . PHE A 1 19  ? -4.292  -0.399  7.929   1.00 66.41  ? 51  PHE A C     1 
ATOM   78   O  O     . PHE A 1 19  ? -4.952  -0.124  6.926   1.00 73.22  ? 51  PHE A O     1 
ATOM   79   C  CB    . PHE A 1 19  ? -2.307  0.961   8.629   1.00 62.13  ? 51  PHE A CB    1 
ATOM   80   C  CG    . PHE A 1 19  ? -1.933  1.088   7.180   1.00 69.92  ? 51  PHE A CG    1 
ATOM   81   C  CD1   . PHE A 1 19  ? -2.138  2.277   6.499   1.00 59.45  ? 51  PHE A CD1   1 
ATOM   82   C  CD2   . PHE A 1 19  ? -1.372  0.020   6.497   1.00 72.33  ? 51  PHE A CD2   1 
ATOM   83   C  CE1   . PHE A 1 19  ? -1.796  2.396   5.164   1.00 62.81  ? 51  PHE A CE1   1 
ATOM   84   C  CE2   . PHE A 1 19  ? -1.028  0.134   5.164   1.00 68.84  ? 51  PHE A CE2   1 
ATOM   85   C  CZ    . PHE A 1 19  ? -1.240  1.323   4.498   1.00 62.70  ? 51  PHE A CZ    1 
ATOM   86   N  N     . GLN A 1 20  ? -3.969  -1.643  8.270   1.00 66.34  ? 52  GLN A N     1 
ATOM   87   C  CA    . GLN A 1 20  ? -4.453  -2.795  7.520   1.00 80.73  ? 52  GLN A CA    1 
ATOM   88   C  C     . GLN A 1 20  ? -5.975  -2.864  7.586   1.00 75.74  ? 52  GLN A C     1 
ATOM   89   O  O     . GLN A 1 20  ? -6.632  -3.283  6.633   1.00 80.02  ? 52  GLN A O     1 
ATOM   90   C  CB    . GLN A 1 20  ? -3.829  -4.088  8.054   1.00 74.58  ? 52  GLN A CB    1 
ATOM   91   C  CG    . GLN A 1 20  ? -2.390  -4.315  7.606   1.00 75.52  ? 52  GLN A CG    1 
ATOM   92   C  CD    . GLN A 1 20  ? -2.286  -4.569  6.115   1.00 70.15  ? 52  GLN A CD    1 
ATOM   93   O  OE1   . GLN A 1 20  ? -3.165  -5.191  5.519   1.00 74.72  ? 52  GLN A OE1   1 
ATOM   94   N  NE2   . GLN A 1 20  ? -1.209  -4.086  5.503   1.00 66.86  ? 52  GLN A NE2   1 
ATOM   95   N  N     . GLU A 1 21  ? -6.527  -2.440  8.717   1.00 80.56  ? 53  GLU A N     1 
ATOM   96   C  CA    . GLU A 1 21  ? -7.973  -2.369  8.885   1.00 81.33  ? 53  GLU A CA    1 
ATOM   97   C  C     . GLU A 1 21  ? -8.576  -1.324  7.951   1.00 75.14  ? 53  GLU A C     1 
ATOM   98   O  O     . GLU A 1 21  ? -9.603  -1.565  7.316   1.00 71.44  ? 53  GLU A O     1 
ATOM   99   C  CB    . GLU A 1 21  ? -8.329  -2.049  10.337  1.00 69.94  ? 53  GLU A CB    1 
ATOM   100  C  CG    . GLU A 1 21  ? -7.963  -3.144  11.324  1.00 89.78  ? 53  GLU A CG    1 
ATOM   101  C  CD    . GLU A 1 21  ? -8.613  -2.940  12.675  1.00 91.59  ? 53  GLU A CD    1 
ATOM   102  O  OE1   . GLU A 1 21  ? -8.914  -3.945  13.352  1.00 102.89 ? 53  GLU A OE1   1 
ATOM   103  O  OE2   . GLU A 1 21  ? -8.830  -1.771  13.055  1.00 100.71 ? 53  GLU A OE2   1 
ATOM   104  N  N     . ALA A 1 22  ? -7.928  -0.166  7.870   1.00 65.00  ? 54  ALA A N     1 
ATOM   105  C  CA    . ALA A 1 22  ? -8.384  0.911   6.999   1.00 50.55  ? 54  ALA A CA    1 
ATOM   106  C  C     . ALA A 1 22  ? -8.423  0.466   5.539   1.00 63.97  ? 54  ALA A C     1 
ATOM   107  O  O     . ALA A 1 22  ? -9.362  0.789   4.813   1.00 76.11  ? 54  ALA A O     1 
ATOM   108  C  CB    . ALA A 1 22  ? -7.492  2.132   7.154   1.00 59.01  ? 54  ALA A CB    1 
ATOM   109  N  N     . LEU A 1 23  ? -7.403  -0.280  5.122   1.00 69.39  ? 55  LEU A N     1 
ATOM   110  C  CA    . LEU A 1 23  ? -7.306  -0.756  3.744   1.00 67.87  ? 55  LEU A CA    1 
ATOM   111  C  C     . LEU A 1 23  ? -8.490  -1.640  3.368   1.00 62.96  ? 55  LEU A C     1 
ATOM   112  O  O     . LEU A 1 23  ? -8.922  -1.659  2.214   1.00 54.13  ? 55  LEU A O     1 
ATOM   113  C  CB    . LEU A 1 23  ? -5.998  -1.523  3.532   1.00 75.94  ? 55  LEU A CB    1 
ATOM   114  C  CG    . LEU A 1 23  ? -4.690  -0.744  3.680   1.00 64.21  ? 55  LEU A CG    1 
ATOM   115  C  CD1   . LEU A 1 23  ? -3.513  -1.637  3.341   1.00 51.13  ? 55  LEU A CD1   1 
ATOM   116  C  CD2   . LEU A 1 23  ? -4.696  0.489   2.793   1.00 57.96  ? 55  LEU A CD2   1 
ATOM   117  N  N     . ALA A 1 24  ? -9.005  -2.372  4.349   1.00 61.70  ? 56  ALA A N     1 
ATOM   118  C  CA    . ALA A 1 24  ? -10.154 -3.242  4.141   1.00 72.41  ? 56  ALA A CA    1 
ATOM   119  C  C     . ALA A 1 24  ? -11.446 -2.443  4.233   1.00 72.22  ? 56  ALA A C     1 
ATOM   120  O  O     . ALA A 1 24  ? -12.448 -2.782  3.603   1.00 73.79  ? 56  ALA A O     1 
ATOM   121  C  CB    . ALA A 1 24  ? -10.153 -4.373  5.156   1.00 74.38  ? 56  ALA A CB    1 
ATOM   122  N  N     . ILE A 1 25  ? -11.409 -1.378  5.024   1.00 71.13  ? 57  ILE A N     1 
ATOM   123  C  CA    . ILE A 1 25  ? -12.571 -0.530  5.240   1.00 64.71  ? 57  ILE A CA    1 
ATOM   124  C  C     . ILE A 1 25  ? -12.789 0.432   4.075   1.00 68.22  ? 57  ILE A C     1 
ATOM   125  O  O     . ILE A 1 25  ? -13.907 0.572   3.578   1.00 77.50  ? 57  ILE A O     1 
ATOM   126  C  CB    . ILE A 1 25  ? -12.434 0.266   6.550   1.00 57.77  ? 57  ILE A CB    1 
ATOM   127  C  CG1   . ILE A 1 25  ? -12.656 -0.656  7.748   1.00 56.21  ? 57  ILE A CG1   1 
ATOM   128  C  CG2   . ILE A 1 25  ? -13.423 1.409   6.588   1.00 61.71  ? 57  ILE A CG2   1 
ATOM   129  C  CD1   . ILE A 1 25  ? -12.382 -0.002  9.076   1.00 68.30  ? 57  ILE A CD1   1 
ATOM   130  N  N     . TYR A 1 26  ? -11.718 1.091   3.643   1.00 69.28  ? 58  TYR A N     1 
ATOM   131  C  CA    . TYR A 1 26  ? -11.790 2.001   2.505   1.00 66.98  ? 58  TYR A CA    1 
ATOM   132  C  C     . TYR A 1 26  ? -11.115 1.393   1.280   1.00 69.79  ? 58  TYR A C     1 
ATOM   133  O  O     . TYR A 1 26  ? -9.893  1.461   1.144   1.00 74.20  ? 58  TYR A O     1 
ATOM   134  C  CB    . TYR A 1 26  ? -11.139 3.347   2.838   1.00 61.74  ? 58  TYR A CB    1 
ATOM   135  C  CG    . TYR A 1 26  ? -11.633 3.991   4.114   1.00 63.01  ? 58  TYR A CG    1 
ATOM   136  C  CD1   . TYR A 1 26  ? -12.784 4.772   4.126   1.00 73.54  ? 58  TYR A CD1   1 
ATOM   137  C  CD2   . TYR A 1 26  ? -10.940 3.831   5.306   1.00 66.84  ? 58  TYR A CD2   1 
ATOM   138  C  CE1   . TYR A 1 26  ? -13.232 5.367   5.293   1.00 65.23  ? 58  TYR A CE1   1 
ATOM   139  C  CE2   . TYR A 1 26  ? -11.380 4.421   6.477   1.00 72.33  ? 58  TYR A CE2   1 
ATOM   140  C  CZ    . TYR A 1 26  ? -12.525 5.188   6.464   1.00 75.60  ? 58  TYR A CZ    1 
ATOM   141  O  OH    . TYR A 1 26  ? -12.963 5.777   7.628   1.00 66.36  ? 58  TYR A OH    1 
ATOM   142  N  N     . PRO A 1 27  ? -11.914 0.794   0.383   1.00 61.88  ? 59  PRO A N     1 
ATOM   143  C  CA    . PRO A 1 27  ? -11.401 0.183   -0.849  1.00 62.41  ? 59  PRO A CA    1 
ATOM   144  C  C     . PRO A 1 27  ? -10.676 1.188   -1.740  1.00 67.21  ? 59  PRO A C     1 
ATOM   145  O  O     . PRO A 1 27  ? -11.025 2.369   -1.732  1.00 74.09  ? 59  PRO A O     1 
ATOM   146  C  CB    . PRO A 1 27  ? -12.670 -0.341  -1.535  1.00 57.65  ? 59  PRO A CB    1 
ATOM   147  C  CG    . PRO A 1 27  ? -13.780 0.450   -0.931  1.00 69.85  ? 59  PRO A CG    1 
ATOM   148  C  CD    . PRO A 1 27  ? -13.378 0.688   0.480   1.00 61.52  ? 59  PRO A CD    1 
ATOM   149  N  N     . PRO A 1 28  ? -9.668  0.722   -2.493  1.00 73.29  ? 60  PRO A N     1 
ATOM   150  C  CA    . PRO A 1 28  ? -8.845  1.570   -3.363  1.00 63.27  ? 60  PRO A CA    1 
ATOM   151  C  C     . PRO A 1 28  ? -9.661  2.375   -4.372  1.00 67.08  ? 60  PRO A C     1 
ATOM   152  O  O     . PRO A 1 28  ? -10.687 1.902   -4.860  1.00 68.24  ? 60  PRO A O     1 
ATOM   153  C  CB    . PRO A 1 28  ? -7.943  0.560   -4.076  1.00 62.69  ? 60  PRO A CB    1 
ATOM   154  C  CG    . PRO A 1 28  ? -7.844  -0.575  -3.124  1.00 55.62  ? 60  PRO A CG    1 
ATOM   155  C  CD    . PRO A 1 28  ? -9.199  -0.675  -2.491  1.00 59.18  ? 60  PRO A CD    1 
ATOM   156  N  N     . CYS A 1 29  ? -9.190  3.581   -4.675  1.00 68.82  ? 61  CYS A N     1 
ATOM   157  C  CA    . CYS A 1 29  ? -9.891  4.494   -5.570  1.00 68.72  ? 61  CYS A CA    1 
ATOM   158  C  C     . CYS A 1 29  ? -9.716  4.147   -7.044  1.00 66.49  ? 61  CYS A C     1 
ATOM   159  O  O     . CYS A 1 29  ? -8.715  3.553   -7.442  1.00 78.10  ? 61  CYS A O     1 
ATOM   160  C  CB    . CYS A 1 29  ? -9.414  5.929   -5.339  1.00 77.40  ? 61  CYS A CB    1 
ATOM   161  S  SG    . CYS A 1 29  ? -10.349 6.858   -4.110  1.00 99.59  ? 61  CYS A SG    1 
ATOM   162  N  N     . GLY A 1 30  ? -10.699 4.536   -7.851  1.00 86.34  ? 62  GLY A N     1 
ATOM   163  C  CA    . GLY A 1 30  ? -10.581 4.456   -9.295  1.00 71.65  ? 62  GLY A CA    1 
ATOM   164  C  C     . GLY A 1 30  ? -9.882  5.699   -9.809  1.00 65.29  ? 62  GLY A C     1 
ATOM   165  O  O     . GLY A 1 30  ? -8.929  6.175   -9.193  1.00 63.83  ? 62  GLY A O     1 
ATOM   166  N  N     . ARG A 1 31  ? -10.354 6.238   -10.929 1.00 72.50  ? 63  ARG A N     1 
ATOM   167  C  CA    . ARG A 1 31  ? -9.751  7.443   -11.488 1.00 72.41  ? 63  ARG A CA    1 
ATOM   168  C  C     . ARG A 1 31  ? -10.096 8.675   -10.651 1.00 79.51  ? 63  ARG A C     1 
ATOM   169  O  O     . ARG A 1 31  ? -9.279  9.583   -10.508 1.00 78.59  ? 63  ARG A O     1 
ATOM   170  C  CB    . ARG A 1 31  ? -10.192 7.647   -12.940 1.00 81.05  ? 63  ARG A CB    1 
ATOM   171  C  CG    . ARG A 1 31  ? -9.584  8.878   -13.601 1.00 93.38  ? 63  ARG A CG    1 
ATOM   172  C  CD    . ARG A 1 31  ? -10.016 9.018   -15.053 1.00 112.77 ? 63  ARG A CD    1 
ATOM   173  N  NE    . ARG A 1 31  ? -9.317  8.079   -15.924 1.00 130.18 ? 63  ARG A NE    1 
ATOM   174  C  CZ    . ARG A 1 31  ? -8.137  8.319   -16.489 1.00 133.72 ? 63  ARG A CZ    1 
ATOM   175  N  NH1   . ARG A 1 31  ? -7.521  9.473   -16.278 1.00 139.64 ? 63  ARG A NH1   1 
ATOM   176  N  NH2   . ARG A 1 31  ? -7.574  7.404   -17.268 1.00 138.33 ? 63  ARG A NH2   1 
ATOM   177  N  N     . ARG A 1 32  ? -11.304 8.700   -10.095 1.00 82.03  ? 64  ARG A N     1 
ATOM   178  C  CA    . ARG A 1 32  ? -11.723 9.812   -9.247  1.00 67.03  ? 64  ARG A CA    1 
ATOM   179  C  C     . ARG A 1 32  ? -11.126 9.667   -7.851  1.00 62.56  ? 64  ARG A C     1 
ATOM   180  O  O     . ARG A 1 32  ? -11.395 8.695   -7.146  1.00 78.20  ? 64  ARG A O     1 
ATOM   181  C  CB    . ARG A 1 32  ? -13.249 9.896   -9.177  1.00 69.91  ? 64  ARG A CB    1 
ATOM   182  C  CG    . ARG A 1 32  ? -13.768 11.063  -8.352  1.00 68.33  ? 64  ARG A CG    1 
ATOM   183  C  CD    . ARG A 1 32  ? -15.099 11.570  -8.885  1.00 65.38  ? 64  ARG A CD    1 
ATOM   184  N  NE    . ARG A 1 32  ? -14.916 12.702  -9.787  1.00 72.87  ? 64  ARG A NE    1 
ATOM   185  C  CZ    . ARG A 1 32  ? -15.605 12.887  -10.908 1.00 78.55  ? 64  ARG A CZ    1 
ATOM   186  N  NH1   . ARG A 1 32  ? -16.531 12.011  -11.270 1.00 81.74  ? 64  ARG A NH1   1 
ATOM   187  N  NH2   . ARG A 1 32  ? -15.368 13.948  -11.667 1.00 69.30  ? 64  ARG A NH2   1 
ATOM   188  N  N     . LYS A 1 33  ? -10.316 10.644  -7.463  1.00 64.97  ? 65  LYS A N     1 
ATOM   189  C  CA    . LYS A 1 33  ? -9.531  10.557  -6.237  1.00 56.84  ? 65  LYS A CA    1 
ATOM   190  C  C     . LYS A 1 33  ? -10.078 11.442  -5.125  1.00 71.08  ? 65  LYS A C     1 
ATOM   191  O  O     . LYS A 1 33  ? -9.594  11.398  -3.994  1.00 74.52  ? 65  LYS A O     1 
ATOM   192  C  CB    . LYS A 1 33  ? -8.079  10.941  -6.522  1.00 59.40  ? 65  LYS A CB    1 
ATOM   193  C  CG    . LYS A 1 33  ? -7.412  10.096  -7.590  1.00 77.60  ? 65  LYS A CG    1 
ATOM   194  C  CD    . LYS A 1 33  ? -7.400  8.634   -7.187  1.00 75.15  ? 65  LYS A CD    1 
ATOM   195  C  CE    . LYS A 1 33  ? -6.459  7.833   -8.067  1.00 59.19  ? 65  LYS A CE    1 
ATOM   196  N  NZ    . LYS A 1 33  ? -6.223  6.468   -7.518  1.00 75.27  ? 65  LYS A NZ    1 
ATOM   197  N  N     . ILE A 1 34  ? -11.092 12.237  -5.451  1.00 76.03  ? 66  ILE A N     1 
ATOM   198  C  CA    . ILE A 1 34  ? -11.553 13.284  -4.552  1.00 65.95  ? 66  ILE A CA    1 
ATOM   199  C  C     . ILE A 1 34  ? -13.065 13.269  -4.345  1.00 65.56  ? 66  ILE A C     1 
ATOM   200  O  O     . ILE A 1 34  ? -13.833 13.078  -5.288  1.00 78.42  ? 66  ILE A O     1 
ATOM   201  C  CB    . ILE A 1 34  ? -11.108 14.669  -5.077  1.00 65.85  ? 66  ILE A CB    1 
ATOM   202  C  CG1   . ILE A 1 34  ? -9.713  14.991  -4.540  1.00 70.36  ? 66  ILE A CG1   1 
ATOM   203  C  CG2   . ILE A 1 34  ? -12.127 15.758  -4.756  1.00 64.46  ? 66  ILE A CG2   1 
ATOM   204  C  CD1   . ILE A 1 34  ? -9.563  14.722  -3.064  1.00 77.61  ? 66  ILE A CD1   1 
ATOM   205  N  N     . ILE A 1 35  ? -13.482 13.466  -3.098  1.00 69.19  ? 67  ILE A N     1 
ATOM   206  C  CA    . ILE A 1 35  ? -14.897 13.499  -2.764  1.00 73.20  ? 67  ILE A CA    1 
ATOM   207  C  C     . ILE A 1 35  ? -15.180 14.553  -1.688  1.00 71.24  ? 67  ILE A C     1 
ATOM   208  O  O     . ILE A 1 35  ? -14.352 14.799  -0.810  1.00 78.93  ? 67  ILE A O     1 
ATOM   209  C  CB    . ILE A 1 35  ? -15.384 12.107  -2.299  1.00 71.17  ? 67  ILE A CB    1 
ATOM   210  C  CG1   . ILE A 1 35  ? -16.911 12.051  -2.253  1.00 66.45  ? 67  ILE A CG1   1 
ATOM   211  C  CG2   . ILE A 1 35  ? -14.759 11.724  -0.969  1.00 72.97  ? 67  ILE A CG2   1 
ATOM   212  C  CD1   . ILE A 1 35  ? -17.540 11.937  -3.616  1.00 63.83  ? 67  ILE A CD1   1 
ATOM   213  N  N     . LEU A 1 36  ? -16.346 15.190  -1.773  1.00 68.30  ? 68  LEU A N     1 
ATOM   214  C  CA    . LEU A 1 36  ? -16.710 16.244  -0.831  1.00 69.17  ? 68  LEU A CA    1 
ATOM   215  C  C     . LEU A 1 36  ? -17.769 15.783  0.165   1.00 64.73  ? 68  LEU A C     1 
ATOM   216  O  O     . LEU A 1 36  ? -18.758 15.154  -0.212  1.00 69.44  ? 68  LEU A O     1 
ATOM   217  C  CB    . LEU A 1 36  ? -17.219 17.479  -1.581  1.00 65.71  ? 68  LEU A CB    1 
ATOM   218  C  CG    . LEU A 1 36  ? -16.236 18.628  -1.816  1.00 71.54  ? 68  LEU A CG    1 
ATOM   219  C  CD1   . LEU A 1 36  ? -14.960 18.116  -2.451  1.00 68.23  ? 68  LEU A CD1   1 
ATOM   220  C  CD2   . LEU A 1 36  ? -16.870 19.703  -2.687  1.00 72.22  ? 68  LEU A CD2   1 
ATOM   221  N  N     . SER A 1 37  ? -17.558 16.106  1.438   1.00 58.17  ? 69  SER A N     1 
ATOM   222  C  CA    . SER A 1 37  ? -18.553 15.839  2.469   1.00 71.82  ? 69  SER A CA    1 
ATOM   223  C  C     . SER A 1 37  ? -19.726 16.803  2.329   1.00 71.20  ? 69  SER A C     1 
ATOM   224  O  O     . SER A 1 37  ? -19.678 17.734  1.524   1.00 73.66  ? 69  SER A O     1 
ATOM   225  C  CB    . SER A 1 37  ? -17.934 15.953  3.862   1.00 74.91  ? 69  SER A CB    1 
ATOM   226  O  OG    . SER A 1 37  ? -17.343 17.226  4.051   1.00 81.99  ? 69  SER A OG    1 
ATOM   227  N  N     . ASP A 1 38  ? -20.774 16.586  3.119   1.00 73.27  ? 70  ASP A N     1 
ATOM   228  C  CA    . ASP A 1 38  ? -21.959 17.436  3.055   1.00 73.51  ? 70  ASP A CA    1 
ATOM   229  C  C     . ASP A 1 38  ? -21.663 18.849  3.554   1.00 67.40  ? 70  ASP A C     1 
ATOM   230  O  O     . ASP A 1 38  ? -22.408 19.785  3.266   1.00 83.03  ? 70  ASP A O     1 
ATOM   231  C  CB    . ASP A 1 38  ? -23.111 16.821  3.856   1.00 76.41  ? 70  ASP A CB    1 
ATOM   232  C  CG    . ASP A 1 38  ? -22.750 16.562  5.306   1.00 76.84  ? 70  ASP A CG    1 
ATOM   233  O  OD1   . ASP A 1 38  ? -21.550 16.622  5.646   1.00 79.13  ? 70  ASP A OD1   1 
ATOM   234  O  OD2   . ASP A 1 38  ? -23.670 16.296  6.107   1.00 82.92  ? 70  ASP A OD2   1 
ATOM   235  N  N     . GLU A 1 39  ? -20.571 18.999  4.300   1.00 72.91  ? 71  GLU A N     1 
ATOM   236  C  CA    . GLU A 1 39  ? -20.141 20.314  4.763   1.00 66.97  ? 71  GLU A CA    1 
ATOM   237  C  C     . GLU A 1 39  ? -19.138 20.940  3.795   1.00 73.93  ? 71  GLU A C     1 
ATOM   238  O  O     . GLU A 1 39  ? -18.821 22.125  3.901   1.00 84.63  ? 71  GLU A O     1 
ATOM   239  C  CB    . GLU A 1 39  ? -19.541 20.220  6.168   1.00 67.18  ? 71  GLU A CB    1 
ATOM   240  C  CG    . GLU A 1 39  ? -20.507 19.675  7.210   1.00 97.16  ? 71  GLU A CG    1 
ATOM   241  C  CD    . GLU A 1 39  ? -19.989 19.825  8.627   1.00 123.84 ? 71  GLU A CD    1 
ATOM   242  O  OE1   . GLU A 1 39  ? -18.760 19.967  8.803   1.00 134.01 ? 71  GLU A OE1   1 
ATOM   243  O  OE2   . GLU A 1 39  ? -20.812 19.801  9.566   1.00 137.49 ? 71  GLU A OE2   1 
ATOM   244  N  N     . GLY A 1 40  ? -18.644 20.142  2.855   1.00 74.36  ? 72  GLY A N     1 
ATOM   245  C  CA    . GLY A 1 40  ? -17.812 20.657  1.781   1.00 69.92  ? 72  GLY A CA    1 
ATOM   246  C  C     . GLY A 1 40  ? -16.325 20.403  1.941   1.00 74.28  ? 72  GLY A C     1 
ATOM   247  O  O     . GLY A 1 40  ? -15.523 20.855  1.126   1.00 72.81  ? 72  GLY A O     1 
ATOM   248  N  N     . LYS A 1 41  ? -15.946 19.688  2.994   1.00 77.90  ? 73  LYS A N     1 
ATOM   249  C  CA    . LYS A 1 41  ? -14.541 19.374  3.219   1.00 73.79  ? 73  LYS A CA    1 
ATOM   250  C  C     . LYS A 1 41  ? -14.125 18.296  2.235   1.00 76.54  ? 73  LYS A C     1 
ATOM   251  O  O     . LYS A 1 41  ? -14.849 17.324  2.047   1.00 76.10  ? 73  LYS A O     1 
ATOM   252  C  CB    . LYS A 1 41  ? -14.311 18.927  4.663   1.00 79.95  ? 73  LYS A CB    1 
ATOM   253  C  CG    . LYS A 1 41  ? -12.852 18.678  5.028   1.00 73.13  ? 73  LYS A CG    1 
ATOM   254  C  CD    . LYS A 1 41  ? -12.720 18.256  6.504   1.00 75.89  ? 73  LYS A CD    1 
ATOM   255  C  CE    . LYS A 1 41  ? -11.273 18.218  7.013   1.00 88.55  ? 73  LYS A CE    1 
ATOM   256  N  NZ    . LYS A 1 41  ? -10.549 19.521  7.033   1.00 94.61  ? 73  LYS A NZ    1 
HETATM 257  N  N     . MSE A 1 42  ? -12.970 18.454  1.599   1.00 73.43  ? 74  MSE A N     1 
HETATM 258  C  CA    . MSE A 1 42  ? -12.628 17.565  0.494   1.00 68.52  ? 74  MSE A CA    1 
HETATM 259  C  C     . MSE A 1 42  ? -11.823 16.360  0.960   1.00 82.06  ? 74  MSE A C     1 
HETATM 260  O  O     . MSE A 1 42  ? -10.830 16.500  1.677   1.00 75.50  ? 74  MSE A O     1 
HETATM 261  C  CB    . MSE A 1 42  ? -11.860 18.326  -0.578  1.00 64.31  ? 74  MSE A CB    1 
HETATM 262  C  CG    . MSE A 1 42  ? -11.480 17.501  -1.788  1.00 72.87  ? 74  MSE A CG    1 
HETATM 263  SE SE    . MSE A 1 42  ? -10.573 18.571  -3.134  1.00 109.85 ? 74  MSE A SE    1 
HETATM 264  C  CE    . MSE A 1 42  ? -8.912  18.807  -2.173  1.00 68.39  ? 74  MSE A CE    1 
ATOM   265  N  N     . TYR A 1 43  ? -12.254 15.176  0.532   1.00 87.55  ? 75  TYR A N     1 
ATOM   266  C  CA    . TYR A 1 43  ? -11.730 13.931  1.081   1.00 68.89  ? 75  TYR A CA    1 
ATOM   267  C  C     . TYR A 1 43  ? -10.984 13.038  0.104   1.00 71.75  ? 75  TYR A C     1 
ATOM   268  O  O     . TYR A 1 43  ? -11.404 12.850  -1.037  1.00 74.91  ? 75  TYR A O     1 
ATOM   269  C  CB    . TYR A 1 43  ? -12.877 13.128  1.698   1.00 74.22  ? 75  TYR A CB    1 
ATOM   270  C  CG    . TYR A 1 43  ? -13.223 13.572  3.098   1.00 72.03  ? 75  TYR A CG    1 
ATOM   271  C  CD1   . TYR A 1 43  ? -12.903 14.853  3.537   1.00 97.32  ? 75  TYR A CD1   1 
ATOM   272  C  CD2   . TYR A 1 43  ? -13.873 12.722  3.974   1.00 81.80  ? 75  TYR A CD2   1 
ATOM   273  C  CE1   . TYR A 1 43  ? -13.202 15.272  4.792   1.00 114.33 ? 75  TYR A CE1   1 
ATOM   274  C  CE2   . TYR A 1 43  ? -14.184 13.133  5.248   1.00 96.00  ? 75  TYR A CE2   1 
ATOM   275  C  CZ    . TYR A 1 43  ? -13.848 14.410  5.652   1.00 106.44 ? 75  TYR A CZ    1 
ATOM   276  O  OH    . TYR A 1 43  ? -14.163 14.806  6.924   1.00 102.45 ? 75  TYR A OH    1 
ATOM   277  N  N     . GLY A 1 44  ? -9.886  12.472  0.590   1.00 76.55  ? 76  GLY A N     1 
ATOM   278  C  CA    . GLY A 1 44  ? -9.153  11.455  -0.133  1.00 68.71  ? 76  GLY A CA    1 
ATOM   279  C  C     . GLY A 1 44  ? -9.085  10.173  0.677   1.00 66.97  ? 76  GLY A C     1 
ATOM   280  O  O     . GLY A 1 44  ? -9.404  10.167  1.868   1.00 60.21  ? 76  GLY A O     1 
ATOM   281  N  N     . ARG A 1 45  ? -8.667  9.085   0.038   1.00 72.23  ? 77  ARG A N     1 
ATOM   282  C  CA    . ARG A 1 45  ? -8.631  7.784   0.699   1.00 62.19  ? 77  ARG A CA    1 
ATOM   283  C  C     . ARG A 1 45  ? -7.594  7.733   1.816   1.00 49.57  ? 77  ARG A C     1 
ATOM   284  O  O     . ARG A 1 45  ? -7.872  7.233   2.903   1.00 69.30  ? 77  ARG A O     1 
ATOM   285  C  CB    . ARG A 1 45  ? -8.358  6.680   -0.321  1.00 68.77  ? 77  ARG A CB    1 
ATOM   286  C  CG    . ARG A 1 45  ? -8.384  5.277   0.259   1.00 70.66  ? 77  ARG A CG    1 
ATOM   287  C  CD    . ARG A 1 45  ? -8.394  4.243   -0.851  1.00 72.75  ? 77  ARG A CD    1 
ATOM   288  N  NE    . ARG A 1 45  ? -8.317  2.877   -0.341  1.00 68.28  ? 77  ARG A NE    1 
ATOM   289  C  CZ    . ARG A 1 45  ? -7.180  2.241   -0.087  1.00 67.60  ? 77  ARG A CZ    1 
ATOM   290  N  NH1   . ARG A 1 45  ? -6.019  2.848   -0.287  1.00 63.20  ? 77  ARG A NH1   1 
ATOM   291  N  NH2   . ARG A 1 45  ? -7.204  0.997   0.373   1.00 77.55  ? 77  ARG A NH2   1 
ATOM   292  N  N     . ASN A 1 46  ? -6.399  8.253   1.548   1.00 58.99  ? 78  ASN A N     1 
ATOM   293  C  CA    . ASN A 1 46  ? -5.340  8.259   2.550   1.00 60.18  ? 78  ASN A CA    1 
ATOM   294  C  C     . ASN A 1 46  ? -5.709  9.138   3.739   1.00 60.58  ? 78  ASN A C     1 
ATOM   295  O  O     . ASN A 1 46  ? -5.342  8.848   4.878   1.00 66.97  ? 78  ASN A O     1 
ATOM   296  C  CB    . ASN A 1 46  ? -4.020  8.728   1.935   1.00 67.51  ? 78  ASN A CB    1 
ATOM   297  C  CG    . ASN A 1 46  ? -3.629  7.921   0.711   1.00 62.67  ? 78  ASN A CG    1 
ATOM   298  O  OD1   . ASN A 1 46  ? -4.168  6.843   0.464   1.00 55.83  ? 78  ASN A OD1   1 
ATOM   299  N  ND2   . ASN A 1 46  ? -2.685  8.444   -0.065  1.00 70.82  ? 78  ASN A ND2   1 
ATOM   300  N  N     . GLU A 1 47  ? -6.448  10.208  3.466   1.00 69.71  ? 79  GLU A N     1 
ATOM   301  C  CA    . GLU A 1 47  ? -6.924  11.100  4.515   1.00 71.80  ? 79  GLU A CA    1 
ATOM   302  C  C     . GLU A 1 47  ? -7.897  10.371  5.436   1.00 65.29  ? 79  GLU A C     1 
ATOM   303  O  O     . GLU A 1 47  ? -7.811  10.482  6.659   1.00 62.34  ? 79  GLU A O     1 
ATOM   304  C  CB    . GLU A 1 47  ? -7.591  12.334  3.908   1.00 68.91  ? 79  GLU A CB    1 
ATOM   305  C  CG    . GLU A 1 47  ? -7.632  13.533  4.833   1.00 81.08  ? 79  GLU A CG    1 
ATOM   306  C  CD    . GLU A 1 47  ? -8.548  14.620  4.320   1.00 90.73  ? 79  GLU A CD    1 
ATOM   307  O  OE1   . GLU A 1 47  ? -8.881  14.591  3.118   1.00 99.09  ? 79  GLU A OE1   1 
ATOM   308  O  OE2   . GLU A 1 47  ? -8.935  15.502  5.116   1.00 103.87 ? 79  GLU A OE2   1 
ATOM   309  N  N     . LEU A 1 48  ? -8.822  9.629   4.835   1.00 69.95  ? 80  LEU A N     1 
ATOM   310  C  CA    . LEU A 1 48  ? -9.756  8.795   5.584   1.00 54.09  ? 80  LEU A CA    1 
ATOM   311  C  C     . LEU A 1 48  ? -9.011  7.732   6.375   1.00 70.31  ? 80  LEU A C     1 
ATOM   312  O  O     . LEU A 1 48  ? -9.322  7.478   7.541   1.00 78.14  ? 80  LEU A O     1 
ATOM   313  C  CB    . LEU A 1 48  ? -10.759 8.130   4.644   1.00 64.92  ? 80  LEU A CB    1 
ATOM   314  C  CG    . LEU A 1 48  ? -11.805 9.024   3.987   1.00 62.48  ? 80  LEU A CG    1 
ATOM   315  C  CD1   . LEU A 1 48  ? -12.440 8.306   2.810   1.00 54.84  ? 80  LEU A CD1   1 
ATOM   316  C  CD2   . LEU A 1 48  ? -12.860 9.424   5.003   1.00 63.05  ? 80  LEU A CD2   1 
ATOM   317  N  N     . ILE A 1 49  ? -8.035  7.106   5.722   1.00 72.40  ? 81  ILE A N     1 
ATOM   318  C  CA    . ILE A 1 49  ? -7.204  6.089   6.356   1.00 69.59  ? 81  ILE A CA    1 
ATOM   319  C  C     . ILE A 1 49  ? -6.507  6.659   7.583   1.00 61.91  ? 81  ILE A C     1 
ATOM   320  O  O     . ILE A 1 49  ? -6.558  6.074   8.664   1.00 67.37  ? 81  ILE A O     1 
ATOM   321  C  CB    . ILE A 1 49  ? -6.149  5.529   5.380   1.00 69.69  ? 81  ILE A CB    1 
ATOM   322  C  CG1   . ILE A 1 49  ? -6.808  4.593   4.367   1.00 60.51  ? 81  ILE A CG1   1 
ATOM   323  C  CG2   . ILE A 1 49  ? -5.058  4.782   6.134   1.00 62.35  ? 81  ILE A CG2   1 
ATOM   324  C  CD1   . ILE A 1 49  ? -5.860  4.084   3.307   1.00 67.57  ? 81  ILE A CD1   1 
ATOM   325  N  N     . ALA A 1 50  ? -5.866  7.810   7.406   1.00 61.22  ? 82  ALA A N     1 
ATOM   326  C  CA    . ALA A 1 50  ? -5.204  8.505   8.503   1.00 59.64  ? 82  ALA A CA    1 
ATOM   327  C  C     . ALA A 1 50  ? -6.194  8.821   9.617   1.00 77.33  ? 82  ALA A C     1 
ATOM   328  O  O     . ALA A 1 50  ? -5.896  8.652   10.800  1.00 75.34  ? 82  ALA A O     1 
ATOM   329  C  CB    . ALA A 1 50  ? -4.552  9.777   7.998   1.00 55.65  ? 82  ALA A CB    1 
ATOM   330  N  N     . ARG A 1 51  ? -7.376  9.283   9.220   1.00 81.70  ? 83  ARG A N     1 
ATOM   331  C  CA    . ARG A 1 51  ? -8.460  9.573   10.149  1.00 67.59  ? 83  ARG A CA    1 
ATOM   332  C  C     . ARG A 1 51  ? -8.840  8.339   10.959  1.00 67.86  ? 83  ARG A C     1 
ATOM   333  O  O     . ARG A 1 51  ? -8.984  8.409   12.179  1.00 82.24  ? 83  ARG A O     1 
ATOM   334  C  CB    . ARG A 1 51  ? -9.675  10.101  9.381   1.00 83.01  ? 83  ARG A CB    1 
ATOM   335  C  CG    . ARG A 1 51  ? -10.944 10.277  10.202  1.00 74.67  ? 83  ARG A CG    1 
ATOM   336  C  CD    . ARG A 1 51  ? -12.120 10.569  9.276   1.00 81.16  ? 83  ARG A CD    1 
ATOM   337  N  NE    . ARG A 1 51  ? -13.225 11.239  9.953   1.00 78.49  ? 83  ARG A NE    1 
ATOM   338  C  CZ    . ARG A 1 51  ? -14.392 10.663  10.224  1.00 70.97  ? 83  ARG A CZ    1 
ATOM   339  N  NH1   . ARG A 1 51  ? -14.606 9.402   9.878   1.00 82.37  ? 83  ARG A NH1   1 
ATOM   340  N  NH2   . ARG A 1 51  ? -15.345 11.349  10.841  1.00 103.07 ? 83  ARG A NH2   1 
ATOM   341  N  N     . TYR A 1 52  ? -8.987  7.207   10.276  1.00 67.96  ? 84  TYR A N     1 
ATOM   342  C  CA    . TYR A 1 52  ? -9.394  5.969   10.933  1.00 67.76  ? 84  TYR A CA    1 
ATOM   343  C  C     . TYR A 1 52  ? -8.340  5.462   11.912  1.00 71.68  ? 84  TYR A C     1 
ATOM   344  O  O     . TYR A 1 52  ? -8.676  4.836   12.920  1.00 76.10  ? 84  TYR A O     1 
ATOM   345  C  CB    . TYR A 1 52  ? -9.702  4.883   9.903   1.00 70.02  ? 84  TYR A CB    1 
ATOM   346  C  CG    . TYR A 1 52  ? -9.988  3.545   10.539  1.00 63.33  ? 84  TYR A CG    1 
ATOM   347  C  CD1   . TYR A 1 52  ? -11.210 3.290   11.143  1.00 61.45  ? 84  TYR A CD1   1 
ATOM   348  C  CD2   . TYR A 1 52  ? -9.027  2.542   10.550  1.00 72.38  ? 84  TYR A CD2   1 
ATOM   349  C  CE1   . TYR A 1 52  ? -11.472 2.072   11.736  1.00 73.95  ? 84  TYR A CE1   1 
ATOM   350  C  CE2   . TYR A 1 52  ? -9.281  1.321   11.139  1.00 79.01  ? 84  TYR A CE2   1 
ATOM   351  C  CZ    . TYR A 1 52  ? -10.504 1.090   11.730  1.00 75.94  ? 84  TYR A CZ    1 
ATOM   352  O  OH    . TYR A 1 52  ? -10.760 -0.127  12.317  1.00 75.36  ? 84  TYR A OH    1 
ATOM   353  N  N     . ILE A 1 53  ? -7.072  5.717   11.604  1.00 73.52  ? 85  ILE A N     1 
ATOM   354  C  CA    . ILE A 1 53  ? -5.980  5.375   12.509  1.00 73.26  ? 85  ILE A CA    1 
ATOM   355  C  C     . ILE A 1 53  ? -6.228  6.010   13.868  1.00 77.92  ? 85  ILE A C     1 
ATOM   356  O  O     . ILE A 1 53  ? -6.294  5.324   14.885  1.00 84.80  ? 85  ILE A O     1 
ATOM   357  C  CB    . ILE A 1 53  ? -4.614  5.848   11.975  1.00 87.19  ? 85  ILE A CB    1 
ATOM   358  C  CG1   . ILE A 1 53  ? -4.280  5.152   10.654  1.00 72.94  ? 85  ILE A CG1   1 
ATOM   359  C  CG2   . ILE A 1 53  ? -3.522  5.588   13.002  1.00 77.38  ? 85  ILE A CG2   1 
ATOM   360  C  CD1   . ILE A 1 53  ? -3.893  3.707   10.814  1.00 82.20  ? 85  ILE A CD1   1 
ATOM   361  N  N     . LYS A 1 54  ? -6.384  7.330   13.863  1.00 85.83  ? 86  LYS A N     1 
ATOM   362  C  CA    . LYS A 1 54  ? -6.643  8.098   15.075  1.00 86.93  ? 86  LYS A CA    1 
ATOM   363  C  C     . LYS A 1 54  ? -7.878  7.593   15.817  1.00 75.61  ? 86  LYS A C     1 
ATOM   364  O  O     . LYS A 1 54  ? -7.909  7.577   17.045  1.00 82.33  ? 86  LYS A O     1 
ATOM   365  C  CB    . LYS A 1 54  ? -6.810  9.577   14.726  1.00 80.06  ? 86  LYS A CB    1 
ATOM   366  C  CG    . LYS A 1 54  ? -6.877  10.511  15.921  1.00 78.80  ? 86  LYS A CG    1 
ATOM   367  C  CD    . LYS A 1 54  ? -5.867  11.636  15.770  1.00 84.83  ? 86  LYS A CD    1 
ATOM   368  C  CE    . LYS A 1 54  ? -6.415  12.951  16.289  1.00 97.97  ? 86  LYS A CE    1 
ATOM   369  N  NZ    . LYS A 1 54  ? -5.600  14.105  15.818  1.00 98.96  ? 86  LYS A NZ    1 
ATOM   370  N  N     . LEU A 1 55  ? -8.893  7.182   15.064  1.00 81.65  ? 87  LEU A N     1 
ATOM   371  C  CA    . LEU A 1 55  ? -10.127 6.673   15.654  1.00 77.31  ? 87  LEU A CA    1 
ATOM   372  C  C     . LEU A 1 55  ? -9.878  5.419   16.484  1.00 77.40  ? 87  LEU A C     1 
ATOM   373  O  O     . LEU A 1 55  ? -10.404 5.282   17.589  1.00 104.65 ? 87  LEU A O     1 
ATOM   374  C  CB    . LEU A 1 55  ? -11.161 6.376   14.566  1.00 86.59  ? 87  LEU A CB    1 
ATOM   375  C  CG    . LEU A 1 55  ? -12.273 7.401   14.335  1.00 79.65  ? 87  LEU A CG    1 
ATOM   376  C  CD1   . LEU A 1 55  ? -11.702 8.760   13.959  1.00 73.03  ? 87  LEU A CD1   1 
ATOM   377  C  CD2   . LEU A 1 55  ? -13.230 6.904   13.260  1.00 77.84  ? 87  LEU A CD2   1 
ATOM   378  N  N     . ARG A 1 56  ? -9.067  4.509   15.956  1.00 81.33  ? 88  ARG A N     1 
ATOM   379  C  CA    . ARG A 1 56  ? -8.845  3.229   16.618  1.00 91.79  ? 88  ARG A CA    1 
ATOM   380  C  C     . ARG A 1 56  ? -7.559  3.203   17.439  1.00 87.84  ? 88  ARG A C     1 
ATOM   381  O  O     . ARG A 1 56  ? -7.541  2.694   18.559  1.00 94.11  ? 88  ARG A O     1 
ATOM   382  C  CB    . ARG A 1 56  ? -8.834  2.097   15.590  1.00 64.56  ? 88  ARG A CB    1 
ATOM   383  C  CG    . ARG A 1 56  ? -8.582  0.732   16.198  1.00 98.47  ? 88  ARG A CG    1 
ATOM   384  C  CD    . ARG A 1 56  ? -9.595  -0.282  15.702  1.00 123.28 ? 88  ARG A CD    1 
ATOM   385  N  NE    . ARG A 1 56  ? -9.714  -1.417  16.611  1.00 151.72 ? 88  ARG A NE    1 
ATOM   386  C  CZ    . ARG A 1 56  ? -10.797 -2.179  16.712  1.00 135.96 ? 88  ARG A CZ    1 
ATOM   387  N  NH1   . ARG A 1 56  ? -11.858 -1.923  15.960  1.00 121.56 ? 88  ARG A NH1   1 
ATOM   388  N  NH2   . ARG A 1 56  ? -10.823 -3.194  17.567  1.00 138.16 ? 88  ARG A NH2   1 
ATOM   389  N  N     . THR A 1 57  ? -6.484  3.748   16.881  1.00 97.62  ? 89  THR A N     1 
ATOM   390  C  CA    . THR A 1 57  ? -5.212  3.790   17.592  1.00 90.55  ? 89  THR A CA    1 
ATOM   391  C  C     . THR A 1 57  ? -5.195  4.930   18.603  1.00 85.08  ? 89  THR A C     1 
ATOM   392  O  O     . THR A 1 57  ? -4.911  4.727   19.783  1.00 92.48  ? 89  THR A O     1 
ATOM   393  C  CB    . THR A 1 57  ? -4.021  3.957   16.627  1.00 72.50  ? 89  THR A CB    1 
ATOM   394  N  N     . GLY A 1 58  ? -5.514  6.129   18.129  1.00 84.09  ? 90  GLY A N     1 
ATOM   395  C  CA    . GLY A 1 58  ? -5.421  7.325   18.943  1.00 76.50  ? 90  GLY A CA    1 
ATOM   396  C  C     . GLY A 1 58  ? -4.235  8.165   18.511  1.00 95.52  ? 90  GLY A C     1 
ATOM   397  O  O     . GLY A 1 58  ? -4.156  9.353   18.820  1.00 87.79  ? 90  GLY A O     1 
ATOM   398  N  N     . LYS A 1 59  ? -3.314  7.540   17.785  1.00 88.85  ? 91  LYS A N     1 
ATOM   399  C  CA    . LYS A 1 59  ? -2.096  8.215   17.351  1.00 85.64  ? 91  LYS A CA    1 
ATOM   400  C  C     . LYS A 1 59  ? -2.307  9.009   16.065  1.00 89.08  ? 91  LYS A C     1 
ATOM   401  O  O     . LYS A 1 59  ? -3.245  8.753   15.308  1.00 85.09  ? 91  LYS A O     1 
ATOM   402  C  CB    . LYS A 1 59  ? -0.968  7.200   17.157  1.00 80.30  ? 91  LYS A CB    1 
ATOM   403  N  N     . THR A 1 60  ? -1.424  9.973   15.825  1.00 82.90  ? 92  THR A N     1 
ATOM   404  C  CA    . THR A 1 60  ? -1.506  10.817  14.640  1.00 82.31  ? 92  THR A CA    1 
ATOM   405  C  C     . THR A 1 60  ? -0.604  10.307  13.522  1.00 88.42  ? 92  THR A C     1 
ATOM   406  O  O     . THR A 1 60  ? 0.601   10.139  13.707  1.00 80.04  ? 92  THR A O     1 
ATOM   407  C  CB    . THR A 1 60  ? -1.126  12.275  14.962  1.00 89.89  ? 92  THR A CB    1 
ATOM   408  O  OG1   . THR A 1 60  ? -2.031  12.801  15.942  1.00 105.49 ? 92  THR A OG1   1 
ATOM   409  C  CG2   . THR A 1 60  ? -1.190  13.135  13.707  1.00 80.70  ? 92  THR A CG2   1 
ATOM   410  N  N     . ARG A 1 61  ? -1.200  10.059  12.361  1.00 80.69  ? 93  ARG A N     1 
ATOM   411  C  CA    . ARG A 1 61  ? -0.446  9.645   11.186  1.00 82.64  ? 93  ARG A CA    1 
ATOM   412  C  C     . ARG A 1 61  ? -0.817  10.519  9.997   1.00 82.05  ? 93  ARG A C     1 
ATOM   413  O  O     . ARG A 1 61  ? -1.957  10.511  9.543   1.00 80.05  ? 93  ARG A O     1 
ATOM   414  C  CB    . ARG A 1 61  ? -0.698  8.171   10.869  1.00 88.04  ? 93  ARG A CB    1 
ATOM   415  C  CG    . ARG A 1 61  ? -0.082  7.211   11.873  1.00 89.81  ? 93  ARG A CG    1 
ATOM   416  C  CD    . ARG A 1 61  ? 1.435   7.318   11.882  1.00 75.06  ? 93  ARG A CD    1 
ATOM   417  N  NE    . ARG A 1 61  ? 2.037   6.338   12.782  1.00 89.35  ? 93  ARG A NE    1 
ATOM   418  C  CZ    . ARG A 1 61  ? 2.607   6.641   13.944  1.00 98.33  ? 93  ARG A CZ    1 
ATOM   419  N  NH1   . ARG A 1 61  ? 2.662   7.902   14.350  1.00 103.63 ? 93  ARG A NH1   1 
ATOM   420  N  NH2   . ARG A 1 61  ? 3.126   5.683   14.699  1.00 103.89 ? 93  ARG A NH2   1 
ATOM   421  N  N     . THR A 1 62  ? 0.158   11.275  9.501   1.00 73.15  ? 94  THR A N     1 
ATOM   422  C  CA    . THR A 1 62  ? -0.083  12.253  8.449   1.00 61.55  ? 94  THR A CA    1 
ATOM   423  C  C     . THR A 1 62  ? -0.580  11.613  7.157   1.00 70.75  ? 94  THR A C     1 
ATOM   424  O  O     . THR A 1 62  ? -0.187  10.502  6.800   1.00 81.25  ? 94  THR A O     1 
ATOM   425  C  CB    . THR A 1 62  ? 1.195   13.070  8.149   1.00 78.51  ? 94  THR A CB    1 
ATOM   426  O  OG1   . THR A 1 62  ? 1.703   13.624  9.368   1.00 92.55  ? 94  THR A OG1   1 
ATOM   427  C  CG2   . THR A 1 62  ? 0.911   14.203  7.168   1.00 73.90  ? 94  THR A CG2   1 
ATOM   428  N  N     . ARG A 1 63  ? -1.473  12.333  6.488   1.00 67.57  ? 95  ARG A N     1 
ATOM   429  C  CA    . ARG A 1 63  ? -1.942  12.019  5.146   1.00 70.34  ? 95  ARG A CA    1 
ATOM   430  C  C     . ARG A 1 63  ? -0.822  11.571  4.206   1.00 75.09  ? 95  ARG A C     1 
ATOM   431  O  O     . ARG A 1 63  ? -1.021  10.694  3.363   1.00 77.09  ? 95  ARG A O     1 
ATOM   432  C  CB    . ARG A 1 63  ? -2.645  13.251  4.578   1.00 76.67  ? 95  ARG A CB    1 
ATOM   433  C  CG    . ARG A 1 63  ? -3.026  13.168  3.129   1.00 61.30  ? 95  ARG A CG    1 
ATOM   434  C  CD    . ARG A 1 63  ? -3.618  14.492  2.682   1.00 67.02  ? 95  ARG A CD    1 
ATOM   435  N  NE    . ARG A 1 63  ? -2.595  15.439  2.250   1.00 53.58  ? 95  ARG A NE    1 
ATOM   436  C  CZ    . ARG A 1 63  ? -2.184  15.564  0.993   1.00 59.14  ? 95  ARG A CZ    1 
ATOM   437  N  NH1   . ARG A 1 63  ? -2.706  14.802  0.043   1.00 65.61  ? 95  ARG A NH1   1 
ATOM   438  N  NH2   . ARG A 1 63  ? -1.250  16.454  0.685   1.00 71.45  ? 95  ARG A NH2   1 
ATOM   439  N  N     . LYS A 1 64  ? 0.354   12.170  4.362   1.00 78.00  ? 96  LYS A N     1 
ATOM   440  C  CA    . LYS A 1 64  ? 1.498   11.847  3.517   1.00 75.50  ? 96  LYS A CA    1 
ATOM   441  C  C     . LYS A 1 64  ? 2.288   10.649  4.041   1.00 79.77  ? 96  LYS A C     1 
ATOM   442  O  O     . LYS A 1 64  ? 2.926   9.935   3.265   1.00 73.98  ? 96  LYS A O     1 
ATOM   443  C  CB    . LYS A 1 64  ? 2.417   13.064  3.379   1.00 55.50  ? 96  LYS A CB    1 
ATOM   444  C  CG    . LYS A 1 64  ? 1.841   14.208  2.544   1.00 65.11  ? 96  LYS A CG    1 
ATOM   445  C  CD    . LYS A 1 64  ? 2.178   14.073  1.055   1.00 58.72  ? 96  LYS A CD    1 
ATOM   446  C  CE    . LYS A 1 64  ? 1.174   13.204  0.306   1.00 68.76  ? 96  LYS A CE    1 
ATOM   447  N  NZ    . LYS A 1 64  ? 1.470   13.125  -1.154  1.00 59.13  ? 96  LYS A NZ    1 
ATOM   448  N  N     . GLN A 1 65  ? 2.253   10.431  5.352   1.00 77.99  ? 97  GLN A N     1 
ATOM   449  C  CA    . GLN A 1 65  ? 2.873   9.244   5.933   1.00 71.86  ? 97  GLN A CA    1 
ATOM   450  C  C     . GLN A 1 65  ? 2.183   7.996   5.403   1.00 75.92  ? 97  GLN A C     1 
ATOM   451  O  O     . GLN A 1 65  ? 2.829   6.990   5.108   1.00 84.77  ? 97  GLN A O     1 
ATOM   452  C  CB    . GLN A 1 65  ? 2.804   9.272   7.460   1.00 63.99  ? 97  GLN A CB    1 
ATOM   453  C  CG    . GLN A 1 65  ? 3.728   10.286  8.104   1.00 72.31  ? 97  GLN A CG    1 
ATOM   454  C  CD    . GLN A 1 65  ? 3.664   10.247  9.618   1.00 86.46  ? 97  GLN A CD    1 
ATOM   455  O  OE1   . GLN A 1 65  ? 2.607   10.005  10.200  1.00 87.22  ? 97  GLN A OE1   1 
ATOM   456  N  NE2   . GLN A 1 65  ? 4.799   10.485  10.263  1.00 97.36  ? 97  GLN A NE2   1 
ATOM   457  N  N     . VAL A 1 66  ? 0.864   8.077   5.282   1.00 74.02  ? 98  VAL A N     1 
ATOM   458  C  CA    . VAL A 1 66  ? 0.071   6.982   4.746   1.00 61.67  ? 98  VAL A CA    1 
ATOM   459  C  C     . VAL A 1 66  ? 0.434   6.717   3.291   1.00 65.35  ? 98  VAL A C     1 
ATOM   460  O  O     . VAL A 1 66  ? 0.683   5.577   2.904   1.00 78.45  ? 98  VAL A O     1 
ATOM   461  C  CB    . VAL A 1 66  ? -1.436  7.273   4.846   1.00 49.26  ? 98  VAL A CB    1 
ATOM   462  C  CG1   . VAL A 1 66  ? -2.230  6.236   4.063   1.00 64.54  ? 98  VAL A CG1   1 
ATOM   463  C  CG2   . VAL A 1 66  ? -1.873  7.302   6.303   1.00 39.27  ? 98  VAL A CG2   1 
ATOM   464  N  N     . SER A 1 67  ? 0.475   7.783   2.496   1.00 66.44  ? 99  SER A N     1 
ATOM   465  C  CA    . SER A 1 67  ? 0.795   7.679   1.077   1.00 62.74  ? 99  SER A CA    1 
ATOM   466  C  C     . SER A 1 67  ? 2.162   7.043   0.856   1.00 75.83  ? 99  SER A C     1 
ATOM   467  O  O     . SER A 1 67  ? 2.366   6.303   -0.107  1.00 60.40  ? 99  SER A O     1 
ATOM   468  C  CB    . SER A 1 67  ? 0.751   9.058   0.419   1.00 54.43  ? 99  SER A CB    1 
ATOM   469  O  OG    . SER A 1 67  ? 1.788   9.886   0.913   1.00 61.22  ? 99  SER A OG    1 
ATOM   470  N  N     . SER A 1 68  ? 3.097   7.339   1.754   1.00 66.14  ? 100 SER A N     1 
ATOM   471  C  CA    . SER A 1 68  ? 4.433   6.765   1.685   1.00 73.36  ? 100 SER A CA    1 
ATOM   472  C  C     . SER A 1 68  ? 4.390   5.265   1.943   1.00 73.04  ? 100 SER A C     1 
ATOM   473  O  O     . SER A 1 68  ? 5.083   4.490   1.285   1.00 73.47  ? 100 SER A O     1 
ATOM   474  C  CB    . SER A 1 68  ? 5.362   7.443   2.691   1.00 73.84  ? 100 SER A CB    1 
ATOM   475  O  OG    . SER A 1 68  ? 6.692   6.982   2.541   1.00 84.67  ? 100 SER A OG    1 
ATOM   476  N  N     . HIS A 1 69  ? 3.564   4.865   2.902   1.00 69.27  ? 101 HIS A N     1 
ATOM   477  C  CA    . HIS A 1 69  ? 3.440   3.460   3.258   1.00 62.39  ? 101 HIS A CA    1 
ATOM   478  C  C     . HIS A 1 69  ? 2.755   2.664   2.154   1.00 60.91  ? 101 HIS A C     1 
ATOM   479  O  O     . HIS A 1 69  ? 3.194   1.569   1.812   1.00 84.40  ? 101 HIS A O     1 
ATOM   480  C  CB    . HIS A 1 69  ? 2.668   3.304   4.563   1.00 59.51  ? 101 HIS A CB    1 
ATOM   481  C  CG    . HIS A 1 69  ? 2.928   2.006   5.258   1.00 73.24  ? 101 HIS A CG    1 
ATOM   482  N  ND1   . HIS A 1 69  ? 2.265   1.629   6.403   1.00 72.39  ? 101 HIS A ND1   1 
ATOM   483  C  CD2   . HIS A 1 69  ? 3.789   1.002   4.968   1.00 81.28  ? 101 HIS A CD2   1 
ATOM   484  C  CE1   . HIS A 1 69  ? 2.704   0.443   6.790   1.00 72.95  ? 101 HIS A CE1   1 
ATOM   485  N  NE2   . HIS A 1 69  ? 3.627   0.041   5.938   1.00 92.66  ? 101 HIS A NE2   1 
ATOM   486  N  N     . ILE A 1 70  ? 1.675   3.221   1.609   1.00 63.75  ? 102 ILE A N     1 
ATOM   487  C  CA    . ILE A 1 70  ? 0.978   2.622   0.471   1.00 70.22  ? 102 ILE A CA    1 
ATOM   488  C  C     . ILE A 1 70  ? 1.962   2.333   -0.654  1.00 76.41  ? 102 ILE A C     1 
ATOM   489  O  O     . ILE A 1 70  ? 1.859   1.323   -1.355  1.00 59.99  ? 102 ILE A O     1 
ATOM   490  C  CB    . ILE A 1 70  ? -0.140  3.546   -0.065  1.00 65.18  ? 102 ILE A CB    1 
ATOM   491  C  CG1   . ILE A 1 70  ? -1.152  3.878   1.033   1.00 68.78  ? 102 ILE A CG1   1 
ATOM   492  C  CG2   . ILE A 1 70  ? -0.850  2.908   -1.251  1.00 45.57  ? 102 ILE A CG2   1 
ATOM   493  C  CD1   . ILE A 1 70  ? -2.047  2.723   1.405   1.00 79.56  ? 102 ILE A CD1   1 
ATOM   494  N  N     . GLN A 1 71  ? 2.930   3.231   -0.800  1.00 69.06  ? 103 GLN A N     1 
ATOM   495  C  CA    . GLN A 1 71  ? 3.922   3.145   -1.857  1.00 59.40  ? 103 GLN A CA    1 
ATOM   496  C  C     . GLN A 1 71  ? 4.899   1.995   -1.641  1.00 69.54  ? 103 GLN A C     1 
ATOM   497  O  O     . GLN A 1 71  ? 5.147   1.212   -2.555  1.00 69.41  ? 103 GLN A O     1 
ATOM   498  C  CB    . GLN A 1 71  ? 4.685   4.465   -1.963  1.00 53.80  ? 103 GLN A CB    1 
ATOM   499  C  CG    . GLN A 1 71  ? 5.276   4.726   -3.333  1.00 57.07  ? 103 GLN A CG    1 
ATOM   500  C  CD    . GLN A 1 71  ? 6.111   5.987   -3.371  1.00 61.57  ? 103 GLN A CD    1 
ATOM   501  O  OE1   . GLN A 1 71  ? 6.674   6.405   -2.360  1.00 58.04  ? 103 GLN A OE1   1 
ATOM   502  N  NE2   . GLN A 1 71  ? 6.188   6.607   -4.542  1.00 52.46  ? 103 GLN A NE2   1 
ATOM   503  N  N     . VAL A 1 72  ? 5.447   1.892   -0.432  1.00 63.18  ? 104 VAL A N     1 
ATOM   504  C  CA    . VAL A 1 72  ? 6.471   0.888   -0.158  1.00 67.51  ? 104 VAL A CA    1 
ATOM   505  C  C     . VAL A 1 72  ? 5.898   -0.527  -0.219  1.00 70.89  ? 104 VAL A C     1 
ATOM   506  O  O     . VAL A 1 72  ? 6.597   -1.461  -0.605  1.00 83.87  ? 104 VAL A O     1 
ATOM   507  C  CB    . VAL A 1 72  ? 7.156   1.112   1.217   1.00 51.74  ? 104 VAL A CB    1 
ATOM   508  C  CG1   . VAL A 1 72  ? 7.652   2.542   1.332   1.00 53.46  ? 104 VAL A CG1   1 
ATOM   509  C  CG2   . VAL A 1 72  ? 6.221   0.776   2.368   1.00 61.02  ? 104 VAL A CG2   1 
ATOM   510  N  N     . LEU A 1 73  ? 4.627   -0.683  0.142   1.00 57.17  ? 105 LEU A N     1 
ATOM   511  C  CA    . LEU A 1 73  ? 3.982   -1.986  0.058   1.00 59.66  ? 105 LEU A CA    1 
ATOM   512  C  C     . LEU A 1 73  ? 3.826   -2.367  -1.407  1.00 67.10  ? 105 LEU A C     1 
ATOM   513  O  O     . LEU A 1 73  ? 3.973   -3.532  -1.779  1.00 83.36  ? 105 LEU A O     1 
ATOM   514  C  CB    . LEU A 1 73  ? 2.622   -1.979  0.758   1.00 56.15  ? 105 LEU A CB    1 
ATOM   515  C  CG    . LEU A 1 73  ? 2.581   -1.535  2.223   1.00 61.21  ? 105 LEU A CG    1 
ATOM   516  C  CD1   . LEU A 1 73  ? 1.261   -1.930  2.861   1.00 63.82  ? 105 LEU A CD1   1 
ATOM   517  C  CD2   . LEU A 1 73  ? 3.751   -2.105  3.010   1.00 68.81  ? 105 LEU A CD2   1 
ATOM   518  N  N     . ALA A 1 74  ? 3.535   -1.369  -2.236  1.00 64.86  ? 106 ALA A N     1 
ATOM   519  C  CA    . ALA A 1 74  ? 3.421   -1.575  -3.673  1.00 74.29  ? 106 ALA A CA    1 
ATOM   520  C  C     . ALA A 1 74  ? 4.779   -1.942  -4.258  1.00 72.18  ? 106 ALA A C     1 
ATOM   521  O  O     . ALA A 1 74  ? 4.871   -2.799  -5.136  1.00 71.99  ? 106 ALA A O     1 
ATOM   522  C  CB    . ALA A 1 74  ? 2.863   -0.332  -4.349  1.00 40.49  ? 106 ALA A CB    1 
ATOM   523  N  N     . ARG A 1 75  ? 5.827   -1.289  -3.763  1.00 71.60  ? 107 ARG A N     1 
ATOM   524  C  CA    . ARG A 1 75  ? 7.194   -1.576  -4.188  1.00 68.71  ? 107 ARG A CA    1 
ATOM   525  C  C     . ARG A 1 75  ? 7.567   -3.024  -3.886  1.00 80.39  ? 107 ARG A C     1 
ATOM   526  O  O     . ARG A 1 75  ? 8.038   -3.748  -4.764  1.00 82.24  ? 107 ARG A O     1 
ATOM   527  C  CB    . ARG A 1 75  ? 8.191   -0.638  -3.499  1.00 65.15  ? 107 ARG A CB    1 
ATOM   528  C  CG    . ARG A 1 75  ? 8.021   0.845   -3.802  1.00 60.27  ? 107 ARG A CG    1 
ATOM   529  C  CD    . ARG A 1 75  ? 8.149   1.151   -5.284  1.00 61.04  ? 107 ARG A CD    1 
ATOM   530  N  NE    . ARG A 1 75  ? 8.375   2.575   -5.521  1.00 68.00  ? 107 ARG A NE    1 
ATOM   531  C  CZ    . ARG A 1 75  ? 8.382   3.141   -6.723  1.00 76.18  ? 107 ARG A CZ    1 
ATOM   532  N  NH1   . ARG A 1 75  ? 8.168   2.405   -7.806  1.00 69.13  ? 107 ARG A NH1   1 
ATOM   533  N  NH2   . ARG A 1 75  ? 8.599   4.445   -6.845  1.00 66.08  ? 107 ARG A NH2   1 
ATOM   534  N  N     . ARG A 1 76  ? 7.355   -3.430  -2.636  1.00 70.99  ? 108 ARG A N     1 
ATOM   535  C  CA    . ARG A 1 76  ? 7.691   -4.776  -2.182  1.00 68.23  ? 108 ARG A CA    1 
ATOM   536  C  C     . ARG A 1 76  ? 7.053   -5.858  -3.042  1.00 81.44  ? 108 ARG A C     1 
ATOM   537  O  O     . ARG A 1 76  ? 7.742   -6.727  -3.573  1.00 97.51  ? 108 ARG A O     1 
ATOM   538  C  CB    . ARG A 1 76  ? 7.259   -4.973  -0.727  1.00 59.71  ? 108 ARG A CB    1 
ATOM   539  C  CG    . ARG A 1 76  ? 8.044   -4.170  0.292   1.00 67.38  ? 108 ARG A CG    1 
ATOM   540  C  CD    . ARG A 1 76  ? 7.562   -4.496  1.696   1.00 64.90  ? 108 ARG A CD    1 
ATOM   541  N  NE    . ARG A 1 76  ? 7.983   -3.507  2.681   1.00 67.76  ? 108 ARG A NE    1 
ATOM   542  C  CZ    . ARG A 1 76  ? 7.354   -3.294  3.832   1.00 75.09  ? 108 ARG A CZ    1 
ATOM   543  N  NH1   . ARG A 1 76  ? 6.274   -4.001  4.137   1.00 65.50  ? 108 ARG A NH1   1 
ATOM   544  N  NH2   . ARG A 1 76  ? 7.802   -2.376  4.677   1.00 75.79  ? 108 ARG A NH2   1 
ATOM   545  N  N     . LYS A 1 77  ? 5.731   -5.798  -3.172  1.00 80.17  ? 109 LYS A N     1 
ATOM   546  C  CA    . LYS A 1 77  ? 4.984   -6.803  -3.921  1.00 84.92  ? 109 LYS A CA    1 
ATOM   547  C  C     . LYS A 1 77  ? 5.409   -6.802  -5.387  1.00 90.85  ? 109 LYS A C     1 
ATOM   548  O  O     . LYS A 1 77  ? 5.386   -7.840  -6.050  1.00 95.59  ? 109 LYS A O     1 
ATOM   549  C  CB    . LYS A 1 77  ? 3.475   -6.563  -3.784  1.00 75.04  ? 109 LYS A CB    1 
ATOM   550  C  CG    . LYS A 1 77  ? 2.621   -7.278  -4.824  1.00 95.97  ? 109 LYS A CG    1 
ATOM   551  C  CD    . LYS A 1 77  ? 1.213   -7.561  -4.312  1.00 98.21  ? 109 LYS A CD    1 
ATOM   552  C  CE    . LYS A 1 77  ? 1.194   -8.818  -3.451  1.00 109.77 ? 109 LYS A CE    1 
ATOM   553  N  NZ    . LYS A 1 77  ? -0.166  -9.152  -2.945  1.00 112.01 ? 109 LYS A NZ    1 
ATOM   554  N  N     . ALA A 1 78  ? 5.828   -5.639  -5.875  1.00 85.86  ? 110 ALA A N     1 
ATOM   555  C  CA    . ALA A 1 78  ? 6.325   -5.515  -7.239  1.00 80.12  ? 110 ALA A CA    1 
ATOM   556  C  C     . ALA A 1 78  ? 7.686   -6.188  -7.392  1.00 92.71  ? 110 ALA A C     1 
ATOM   557  O  O     . ALA A 1 78  ? 8.075   -6.577  -8.495  1.00 91.96  ? 110 ALA A O     1 
ATOM   558  C  CB    . ALA A 1 78  ? 6.410   -4.050  -7.641  1.00 77.43  ? 110 ALA A CB    1 
ATOM   559  N  N     . ARG A 1 79  ? 8.410   -6.307  -6.283  1.00 92.90  ? 111 ARG A N     1 
ATOM   560  C  CA    . ARG A 1 79  ? 9.708   -6.971  -6.283  1.00 87.36  ? 111 ARG A CA    1 
ATOM   561  C  C     . ARG A 1 79  ? 9.560   -8.478  -6.126  1.00 93.30  ? 111 ARG A C     1 
ATOM   562  O  O     . ARG A 1 79  ? 10.087  -9.245  -6.930  1.00 93.73  ? 111 ARG A O     1 
ATOM   563  C  CB    . ARG A 1 79  ? 10.597  -6.426  -5.167  1.00 77.88  ? 111 ARG A CB    1 
ATOM   564  C  CG    . ARG A 1 79  ? 11.118  -5.026  -5.407  1.00 88.42  ? 111 ARG A CG    1 
ATOM   565  C  CD    . ARG A 1 79  ? 12.250  -4.705  -4.446  1.00 75.43  ? 111 ARG A CD    1 
ATOM   566  N  NE    . ARG A 1 79  ? 11.835  -4.804  -3.051  1.00 81.38  ? 111 ARG A NE    1 
ATOM   567  C  CZ    . ARG A 1 79  ? 11.897  -3.799  -2.185  1.00 90.57  ? 111 ARG A CZ    1 
ATOM   568  N  NH1   . ARG A 1 79  ? 12.361  -2.618  -2.571  1.00 103.64 ? 111 ARG A NH1   1 
ATOM   569  N  NH2   . ARG A 1 79  ? 11.498  -3.971  -0.932  1.00 92.02  ? 111 ARG A NH2   1 
ATOM   570  N  N     . GLU A 1 80  ? 8.842   -8.888  -5.082  1.00 93.44  ? 112 GLU A N     1 
ATOM   571  C  CA    . GLU A 1 80  ? 8.640   -10.298 -4.764  1.00 84.52  ? 112 GLU A CA    1 
ATOM   572  C  C     . GLU A 1 80  ? 8.150   -11.110 -5.965  1.00 104.08 ? 112 GLU A C     1 
ATOM   573  O  O     . GLU A 1 80  ? 8.472   -12.292 -6.094  1.00 112.77 ? 112 GLU A O     1 
ATOM   574  C  CB    . GLU A 1 80  ? 7.646   -10.443 -3.608  1.00 82.86  ? 112 GLU A CB    1 
ATOM   575  C  CG    . GLU A 1 80  ? 8.190   -10.006 -2.253  1.00 86.07  ? 112 GLU A CG    1 
ATOM   576  N  N     . ILE A 1 81  ? 7.381   -10.472 -6.844  1.00 99.60  ? 113 ILE A N     1 
ATOM   577  C  CA    . ILE A 1 81  ? 6.839   -11.154 -8.014  1.00 97.62  ? 113 ILE A CA    1 
ATOM   578  C  C     . ILE A 1 81  ? 7.864   -11.308 -9.138  1.00 101.77 ? 113 ILE A C     1 
ATOM   579  O  O     . ILE A 1 81  ? 7.837   -12.288 -9.878  1.00 110.38 ? 113 ILE A O     1 
ATOM   580  C  CB    . ILE A 1 81  ? 5.564   -10.421 -8.548  1.00 98.37  ? 113 ILE A CB    1 
ATOM   581  C  CG1   . ILE A 1 81  ? 5.873   -8.990  -9.001  1.00 102.31 ? 113 ILE A CG1   1 
ATOM   582  C  CG2   . ILE A 1 81  ? 4.444   -10.457 -7.516  1.00 83.28  ? 113 ILE A CG2   1 
ATOM   583  C  CD1   . ILE A 1 81  ? 6.124   -8.829  -10.494 1.00 112.14 ? 113 ILE A CD1   1 
ATOM   584  N  N     . GLN A 1 82  ? 8.777   -10.348 -9.244  1.00 95.27  ? 114 GLN A N     1 
ATOM   585  C  CA    . GLN A 1 82  ? 9.745   -10.319 -10.338 1.00 97.48  ? 114 GLN A CA    1 
ATOM   586  C  C     . GLN A 1 82  ? 11.030  -11.017 -9.921  1.00 101.54 ? 114 GLN A C     1 
ATOM   587  O  O     . GLN A 1 82  ? 11.730  -11.608 -10.750 1.00 103.11 ? 114 GLN A O     1 
ATOM   588  C  CB    . GLN A 1 82  ? 10.032  -8.878  -10.763 1.00 97.96  ? 114 GLN A CB    1 
ATOM   589  C  CG    . GLN A 1 82  ? 11.236  -8.702  -11.686 1.00 108.21 ? 114 GLN A CG    1 
ATOM   590  C  CD    . GLN A 1 82  ? 12.361  -7.858  -11.094 1.00 119.58 ? 114 GLN A CD    1 
ATOM   591  O  OE1   . GLN A 1 82  ? 12.248  -7.311  -9.996  1.00 110.95 ? 114 GLN A OE1   1 
ATOM   592  N  NE2   . GLN A 1 82  ? 13.468  -7.772  -11.822 1.00 109.54 ? 114 GLN A NE2   1 
ATOM   593  N  N     . ALA A 1 83  ? 11.332  -10.950 -8.627  1.00 108.92 ? 115 ALA A N     1 
ATOM   594  C  CA    . ALA A 1 83  ? 12.433  -11.711 -8.061  1.00 94.79  ? 115 ALA A CA    1 
ATOM   595  C  C     . ALA A 1 83  ? 12.166  -13.203 -8.230  1.00 100.65 ? 115 ALA A C     1 
ATOM   596  O  O     . ALA A 1 83  ? 13.093  -14.011 -8.221  1.00 102.86 ? 115 ALA A O     1 
ATOM   597  C  CB    . ALA A 1 83  ? 12.627  -11.358 -6.593  1.00 83.52  ? 115 ALA A CB    1 
ATOM   598  N  N     . LYS A 1 84  ? 10.889  -13.553 -8.358  1.00 104.32 ? 116 LYS A N     1 
ATOM   599  C  CA    . LYS A 1 84  ? 10.492  -14.908 -8.703  1.00 100.73 ? 116 LYS A CA    1 
ATOM   600  C  C     . LYS A 1 84  ? 10.575  -15.113 -10.215 1.00 108.88 ? 116 LYS A C     1 
ATOM   601  O  O     . LYS A 1 84  ? 10.875  -16.210 -10.686 1.00 102.55 ? 116 LYS A O     1 
ATOM   602  C  CB    . LYS A 1 84  ? 9.078   -15.197 -8.200  1.00 71.82  ? 116 LYS A CB    1 
ATOM   603  N  N     . LEU A 1 85  ? 10.312  -14.052 -10.972 1.00 105.33 ? 117 LEU A N     1 
ATOM   604  C  CA    . LEU A 1 85  ? 10.383  -14.117 -12.429 1.00 104.83 ? 117 LEU A CA    1 
ATOM   605  C  C     . LEU A 1 85  ? 11.822  -13.979 -12.918 1.00 110.36 ? 117 LEU A C     1 
ATOM   606  O  O     . LEU A 1 85  ? 12.087  -14.032 -14.120 1.00 111.09 ? 117 LEU A O     1 
ATOM   607  C  CB    . LEU A 1 85  ? 9.508   -13.032 -13.062 1.00 92.03  ? 117 LEU A CB    1 
ATOM   608  N  N     . LYS A 1 86  ? 12.748  -13.802 -11.980 1.00 101.87 ? 118 LYS A N     1 
ATOM   609  C  CA    . LYS A 1 86  ? 14.161  -13.671 -12.311 1.00 101.98 ? 118 LYS A CA    1 
ATOM   610  C  C     . LYS A 1 86  ? 14.970  -14.822 -11.723 1.00 110.36 ? 118 LYS A C     1 
ATOM   611  O  O     . LYS A 1 86  ? 16.013  -15.196 -12.258 1.00 102.49 ? 118 LYS A O     1 
ATOM   612  C  CB    . LYS A 1 86  ? 14.709  -12.334 -11.809 1.00 87.38  ? 118 LYS A CB    1 
ATOM   613  N  N     . ASP A 1 87  ? 14.480  -15.384 -10.621 1.00 115.98 ? 119 ASP A N     1 
ATOM   614  C  CA    . ASP A 1 87  ? 15.152  -16.504 -9.970  1.00 106.36 ? 119 ASP A CA    1 
ATOM   615  C  C     . ASP A 1 87  ? 15.092  -17.757 -10.834 1.00 115.71 ? 119 ASP A C     1 
ATOM   616  O  O     . ASP A 1 87  ? 15.913  -18.661 -10.685 1.00 122.36 ? 119 ASP A O     1 
ATOM   617  C  CB    . ASP A 1 87  ? 14.530  -16.785 -8.600  1.00 89.78  ? 119 ASP A CB    1 
ATOM   618  N  N     . GLN A 1 88  ? 14.119  -17.805 -11.738 1.00 107.57 ? 120 GLN A N     1 
ATOM   619  C  CA    . GLN A 1 88  ? 13.959  -18.948 -12.628 1.00 116.03 ? 120 GLN A CA    1 
ATOM   620  C  C     . GLN A 1 88  ? 14.425  -18.611 -14.041 1.00 113.76 ? 120 GLN A C     1 
ATOM   621  O  O     . GLN A 1 88  ? 14.817  -19.494 -14.805 1.00 110.62 ? 120 GLN A O     1 
ATOM   622  C  CB    . GLN A 1 88  ? 12.500  -19.412 -12.642 1.00 107.20 ? 120 GLN A CB    1 
ATOM   623  C  CG    . GLN A 1 88  ? 12.248  -20.653 -13.483 1.00 120.33 ? 120 GLN A CG    1 
ATOM   624  C  CD    . GLN A 1 88  ? 11.535  -21.744 -12.711 1.00 130.62 ? 120 GLN A CD    1 
ATOM   625  O  OE1   . GLN A 1 88  ? 10.982  -21.501 -11.637 1.00 135.69 ? 120 GLN A OE1   1 
ATOM   626  N  NE2   . GLN A 1 88  ? 11.544  -22.956 -13.253 1.00 126.54 ? 120 GLN A NE2   1 
ATOM   627  N  N     . ALA A 1 89  ? 14.393  -17.326 -14.379 1.00 104.15 ? 121 ALA A N     1 
ATOM   628  C  CA    . ALA A 1 89  ? 14.839  -16.868 -15.690 1.00 106.52 ? 121 ALA A CA    1 
ATOM   629  C  C     . ALA A 1 89  ? 16.339  -17.086 -15.865 1.00 117.25 ? 121 ALA A C     1 
ATOM   630  O  O     . ALA A 1 89  ? 16.834  -17.188 -16.987 1.00 114.73 ? 121 ALA A O     1 
ATOM   631  C  CB    . ALA A 1 89  ? 14.488  -15.402 -15.890 1.00 106.85 ? 121 ALA A CB    1 
ATOM   632  N  N     . ALA A 1 90  ? 17.057  -17.155 -14.749 1.00 113.37 ? 122 ALA A N     1 
ATOM   633  C  CA    . ALA A 1 90  ? 18.490  -17.427 -14.776 1.00 103.07 ? 122 ALA A CA    1 
ATOM   634  C  C     . ALA A 1 90  ? 18.746  -18.929 -14.850 1.00 103.70 ? 122 ALA A C     1 
ATOM   635  O  O     . ALA A 1 90  ? 19.735  -19.372 -15.435 1.00 98.57  ? 122 ALA A O     1 
ATOM   636  C  CB    . ALA A 1 90  ? 19.169  -16.828 -13.554 1.00 82.30  ? 122 ALA A CB    1 
ATOM   637  N  N     . LYS A 1 91  ? 17.848  -19.707 -14.255 1.00 105.65 ? 123 LYS A N     1 
ATOM   638  C  CA    . LYS A 1 91  ? 17.943  -21.162 -14.297 1.00 91.96  ? 123 LYS A CA    1 
ATOM   639  C  C     . LYS A 1 91  ? 17.525  -21.683 -15.668 1.00 108.21 ? 123 LYS A C     1 
ATOM   640  O  O     . LYS A 1 91  ? 18.026  -22.705 -16.136 1.00 113.43 ? 123 LYS A O     1 
ATOM   641  C  CB    . LYS A 1 91  ? 17.078  -21.791 -13.202 1.00 84.45  ? 123 LYS A CB    1 
ATOM   642  C  CG    . LYS A 1 91  ? 17.414  -21.304 -11.802 1.00 96.80  ? 123 LYS A CG    1 
ATOM   643  C  CD    . LYS A 1 91  ? 16.619  -22.049 -10.741 1.00 93.84  ? 123 LYS A CD    1 
ATOM   644  C  CE    . LYS A 1 91  ? 16.851  -21.450 -9.361  1.00 88.00  ? 123 LYS A CE    1 
ATOM   645  N  NZ    . LYS A 1 91  ? 18.246  -20.948 -9.202  1.00 90.08  ? 123 LYS A NZ    1 
ATOM   646  N  N     . ASP A 1 92  ? 16.605  -20.970 -16.308 1.00 116.91 ? 124 ASP A N     1 
ATOM   647  C  CA    . ASP A 1 92  ? 16.155  -21.327 -17.646 1.00 109.38 ? 124 ASP A CA    1 
ATOM   648  C  C     . ASP A 1 92  ? 17.208  -20.950 -18.683 1.00 104.51 ? 124 ASP A C     1 
ATOM   649  O  O     . ASP A 1 92  ? 17.413  -21.664 -19.663 1.00 95.12  ? 124 ASP A O     1 
ATOM   650  C  CB    . ASP A 1 92  ? 14.825  -20.643 -17.968 1.00 104.15 ? 124 ASP A CB    1 
ATOM   651  N  N     . LYS A 1 93  ? 17.874  -19.821 -18.454 1.00 113.36 ? 125 LYS A N     1 
ATOM   652  C  CA    . LYS A 1 93  ? 18.891  -19.321 -19.373 1.00 108.35 ? 125 LYS A CA    1 
ATOM   653  C  C     . LYS A 1 93  ? 20.117  -20.227 -19.393 1.00 111.15 ? 125 LYS A C     1 
ATOM   654  O  O     . LYS A 1 93  ? 20.685  -20.495 -20.452 1.00 115.90 ? 125 LYS A O     1 
ATOM   655  C  CB    . LYS A 1 93  ? 19.299  -17.895 -18.995 1.00 105.57 ? 125 LYS A CB    1 
ATOM   656  C  CG    . LYS A 1 93  ? 20.360  -17.279 -19.896 1.00 94.60  ? 125 LYS A CG    1 
ATOM   657  C  CD    . LYS A 1 93  ? 20.707  -15.867 -19.448 1.00 95.29  ? 125 LYS A CD    1 
ATOM   658  C  CE    . LYS A 1 93  ? 21.539  -15.136 -20.490 1.00 111.04 ? 125 LYS A CE    1 
ATOM   659  N  NZ    . LYS A 1 93  ? 22.977  -15.514 -20.435 1.00 107.39 ? 125 LYS A NZ    1 
ATOM   660  N  N     . ALA A 1 94  ? 20.515  -20.698 -18.215 1.00 110.49 ? 126 ALA A N     1 
ATOM   661  C  CA    . ALA A 1 94  ? 21.681  -21.563 -18.077 1.00 103.74 ? 126 ALA A CA    1 
ATOM   662  C  C     . ALA A 1 94  ? 21.497  -22.873 -18.835 1.00 102.88 ? 126 ALA A C     1 
ATOM   663  O  O     . ALA A 1 94  ? 22.323  -23.233 -19.674 1.00 113.18 ? 126 ALA A O     1 
ATOM   664  C  CB    . ALA A 1 94  ? 21.963  -21.838 -16.609 1.00 94.60  ? 126 ALA A CB    1 
ATOM   665  N  N     . LEU A 1 95  ? 20.411  -23.578 -18.529 1.00 101.20 ? 127 LEU A N     1 
ATOM   666  C  CA    . LEU A 1 95  ? 20.103  -24.854 -19.169 1.00 96.75  ? 127 LEU A CA    1 
ATOM   667  C  C     . LEU A 1 95  ? 20.029  -24.734 -20.689 1.00 107.70 ? 127 LEU A C     1 
ATOM   668  O  O     . LEU A 1 95  ? 20.362  -25.675 -21.407 1.00 118.36 ? 127 LEU A O     1 
ATOM   669  C  CB    . LEU A 1 95  ? 18.783  -25.414 -18.630 1.00 80.62  ? 127 LEU A CB    1 
ATOM   670  C  CG    . LEU A 1 95  ? 18.869  -26.653 -17.735 1.00 97.54  ? 127 LEU A CG    1 
ATOM   671  C  CD1   . LEU A 1 95  ? 19.525  -26.328 -16.402 1.00 96.34  ? 127 LEU A CD1   1 
ATOM   672  C  CD2   . LEU A 1 95  ? 17.489  -27.261 -17.524 1.00 94.92  ? 127 LEU A CD2   1 
ATOM   673  N  N     . GLN A 1 96  ? 19.600  -23.571 -21.169 1.00 103.86 ? 128 GLN A N     1 
ATOM   674  C  CA    . GLN A 1 96  ? 19.474  -23.325 -22.602 1.00 100.34 ? 128 GLN A CA    1 
ATOM   675  C  C     . GLN A 1 96  ? 20.813  -22.948 -23.230 1.00 102.01 ? 128 GLN A C     1 
ATOM   676  O  O     . GLN A 1 96  ? 21.159  -23.427 -24.310 1.00 115.67 ? 128 GLN A O     1 
ATOM   677  C  CB    . GLN A 1 96  ? 18.447  -22.222 -22.865 1.00 100.95 ? 128 GLN A CB    1 
ATOM   678  N  N     . SER A 1 97  ? 21.558  -22.084 -22.547 1.00 94.66  ? 129 SER A N     1 
ATOM   679  C  CA    . SER A 1 97  ? 22.871  -21.654 -23.017 1.00 102.68 ? 129 SER A CA    1 
ATOM   680  C  C     . SER A 1 97  ? 23.848  -22.820 -23.050 1.00 116.33 ? 129 SER A C     1 
ATOM   681  O  O     . SER A 1 97  ? 24.805  -22.829 -23.825 1.00 113.17 ? 129 SER A O     1 
ATOM   682  C  CB    . SER A 1 97  ? 23.418  -20.537 -22.124 1.00 106.79 ? 129 SER A CB    1 
ATOM   683  O  OG    . SER A 1 97  ? 24.802  -20.331 -22.347 1.00 106.69 ? 129 SER A OG    1 
HETATM 684  N  N     . MSE A 1 98  ? 23.592  -23.806 -22.199 1.00 133.75 ? 130 MSE A N     1 
HETATM 685  C  CA    . MSE A 1 98  ? 24.455  -24.970 -22.080 1.00 113.59 ? 130 MSE A CA    1 
HETATM 686  C  C     . MSE A 1 98  ? 24.021  -26.073 -23.044 1.00 118.76 ? 130 MSE A C     1 
HETATM 687  O  O     . MSE A 1 98  ? 24.853  -26.820 -23.561 1.00 130.06 ? 130 MSE A O     1 
HETATM 688  C  CB    . MSE A 1 98  ? 24.453  -25.468 -20.632 1.00 112.93 ? 130 MSE A CB    1 
HETATM 689  C  CG    . MSE A 1 98  ? 24.832  -26.920 -20.436 1.00 109.91 ? 130 MSE A CG    1 
HETATM 690  SE SE    . MSE A 1 98  ? 24.721  -27.422 -18.557 1.00 145.58 ? 130 MSE A SE    1 
HETATM 691  C  CE    . MSE A 1 98  ? 25.259  -25.725 -17.770 1.00 108.76 ? 130 MSE A CE    1 
ATOM   692  N  N     . ALA A 1 99  ? 22.718  -26.156 -23.302 1.00 132.92 ? 131 ALA A N     1 
ATOM   693  C  CA    . ALA A 1 99  ? 22.187  -27.141 -24.243 1.00 115.63 ? 131 ALA A CA    1 
ATOM   694  C  C     . ALA A 1 99  ? 22.657  -26.854 -25.667 1.00 119.48 ? 131 ALA A C     1 
ATOM   695  O  O     . ALA A 1 99  ? 22.575  -27.716 -26.542 1.00 116.60 ? 131 ALA A O     1 
ATOM   696  C  CB    . ALA A 1 99  ? 20.668  -27.171 -24.184 1.00 119.61 ? 131 ALA A CB    1 
ATOM   697  N  N     . ALA A 1 100 ? 23.142  -25.637 -25.892 1.00 124.65 ? 132 ALA A N     1 
ATOM   698  C  CA    . ALA A 1 100 ? 23.681  -25.249 -27.189 1.00 118.07 ? 132 ALA A CA    1 
ATOM   699  C  C     . ALA A 1 100 ? 25.066  -25.848 -27.403 1.00 122.97 ? 132 ALA A C     1 
ATOM   700  O  O     . ALA A 1 100 ? 25.870  -25.321 -28.173 1.00 122.99 ? 132 ALA A O     1 
ATOM   701  C  CB    . ALA A 1 100 ? 23.732  -23.735 -27.310 1.00 104.04 ? 132 ALA A CB    1 
ATOM   702  C  "C5'" . DT  B 2 1   ? 20.868  -3.568  -2.954  1.00 82.48  ? 1   DT  B "C5'" 1 
ATOM   703  C  "C4'" . DT  B 2 1   ? 19.749  -3.798  -1.954  1.00 107.82 ? 1   DT  B "C4'" 1 
ATOM   704  O  "O4'" . DT  B 2 1   ? 19.925  -2.908  -0.825  1.00 107.05 ? 1   DT  B "O4'" 1 
ATOM   705  C  "C3'" . DT  B 2 1   ? 18.355  -3.492  -2.467  1.00 109.01 ? 1   DT  B "C3'" 1 
ATOM   706  O  "O3'" . DT  B 2 1   ? 17.395  -4.190  -1.680  1.00 104.63 ? 1   DT  B "O3'" 1 
ATOM   707  C  "C2'" . DT  B 2 1   ? 18.272  -1.987  -2.247  1.00 82.49  ? 1   DT  B "C2'" 1 
ATOM   708  C  "C1'" . DT  B 2 1   ? 19.011  -1.828  -0.920  1.00 84.76  ? 1   DT  B "C1'" 1 
ATOM   709  N  N1    . DT  B 2 1   ? 19.781  -0.567  -0.824  1.00 85.30  ? 1   DT  B N1    1 
ATOM   710  C  C2    . DT  B 2 1   ? 19.904  0.050   0.395   1.00 83.09  ? 1   DT  B C2    1 
ATOM   711  O  O2    . DT  B 2 1   ? 19.408  -0.389  1.416   1.00 89.06  ? 1   DT  B O2    1 
ATOM   712  N  N3    . DT  B 2 1   ? 20.636  1.206   0.377   1.00 78.22  ? 1   DT  B N3    1 
ATOM   713  C  C4    . DT  B 2 1   ? 21.244  1.795   -0.716  1.00 88.11  ? 1   DT  B C4    1 
ATOM   714  O  O4    . DT  B 2 1   ? 21.881  2.840   -0.629  1.00 84.62  ? 1   DT  B O4    1 
ATOM   715  C  C5    . DT  B 2 1   ? 21.074  1.094   -1.966  1.00 84.34  ? 1   DT  B C5    1 
ATOM   716  C  C7    . DT  B 2 1   ? 21.687  1.635   -3.224  1.00 83.47  ? 1   DT  B C7    1 
ATOM   717  C  C6    . DT  B 2 1   ? 20.359  -0.040  -1.959  1.00 87.04  ? 1   DT  B C6    1 
ATOM   718  P  P     . DT  B 2 2   ? 15.828  -3.860  -1.813  1.00 94.32  ? 2   DT  B P     1 
ATOM   719  O  OP1   . DT  B 2 2   ? 15.091  -5.080  -1.418  1.00 91.76  ? 2   DT  B OP1   1 
ATOM   720  O  OP2   . DT  B 2 2   ? 15.582  -3.259  -3.142  1.00 89.50  ? 2   DT  B OP2   1 
ATOM   721  O  "O5'" . DT  B 2 2   ? 15.573  -2.745  -0.695  1.00 105.35 ? 2   DT  B "O5'" 1 
ATOM   722  C  "C5'" . DT  B 2 2   ? 15.541  -3.113  0.682   1.00 96.36  ? 2   DT  B "C5'" 1 
ATOM   723  C  "C4'" . DT  B 2 2   ? 14.885  -2.030  1.525   1.00 88.66  ? 2   DT  B "C4'" 1 
ATOM   724  O  "O4'" . DT  B 2 2   ? 15.731  -0.848  1.548   1.00 87.35  ? 2   DT  B "O4'" 1 
ATOM   725  C  "C3'" . DT  B 2 2   ? 13.521  -1.550  1.031   1.00 83.55  ? 2   DT  B "C3'" 1 
ATOM   726  O  "O3'" . DT  B 2 2   ? 12.717  -1.174  2.141   1.00 89.25  ? 2   DT  B "O3'" 1 
ATOM   727  C  "C2'" . DT  B 2 2   ? 13.896  -0.329  0.204   1.00 80.88  ? 2   DT  B "C2'" 1 
ATOM   728  C  "C1'" . DT  B 2 2   ? 14.994  0.258   1.075   1.00 77.96  ? 2   DT  B "C1'" 1 
ATOM   729  N  N1    . DT  B 2 2   ? 15.916  1.174   0.354   1.00 75.81  ? 2   DT  B N1    1 
ATOM   730  C  C2    . DT  B 2 2   ? 16.573  2.148   1.063   1.00 72.77  ? 2   DT  B C2    1 
ATOM   731  O  O2    . DT  B 2 2   ? 16.442  2.297   2.264   1.00 69.31  ? 2   DT  B O2    1 
ATOM   732  N  N3    . DT  B 2 2   ? 17.396  2.946   0.315   1.00 59.07  ? 2   DT  B N3    1 
ATOM   733  C  C4    . DT  B 2 2   ? 17.621  2.868   -1.047  1.00 76.31  ? 2   DT  B C4    1 
ATOM   734  O  O4    . DT  B 2 2   ? 18.381  3.633   -1.632  1.00 80.60  ? 2   DT  B O4    1 
ATOM   735  C  C5    . DT  B 2 2   ? 16.896  1.824   -1.734  1.00 70.47  ? 2   DT  B C5    1 
ATOM   736  C  C7    . DT  B 2 2   ? 17.057  1.641   -3.213  1.00 76.32  ? 2   DT  B C7    1 
ATOM   737  C  C6    . DT  B 2 2   ? 16.086  1.037   -1.009  1.00 60.34  ? 2   DT  B C6    1 
ATOM   738  P  P     . DG  B 2 3   ? 11.507  -2.107  2.636   1.00 91.45  ? 3   DG  B P     1 
ATOM   739  O  OP1   . DG  B 2 3   ? 12.095  -3.391  3.081   1.00 99.99  ? 3   DG  B OP1   1 
ATOM   740  O  OP2   . DG  B 2 3   ? 10.464  -2.105  1.585   1.00 70.47  ? 3   DG  B OP2   1 
ATOM   741  O  "O5'" . DG  B 2 3   ? 10.950  -1.346  3.931   1.00 80.56  ? 3   DG  B "O5'" 1 
ATOM   742  C  "C5'" . DG  B 2 3   ? 11.707  -1.355  5.143   1.00 83.52  ? 3   DG  B "C5'" 1 
ATOM   743  C  "C4'" . DG  B 2 3   ? 11.820  0.043   5.736   1.00 85.61  ? 3   DG  B "C4'" 1 
ATOM   744  O  "O4'" . DG  B 2 3   ? 12.626  0.880   4.864   1.00 83.67  ? 3   DG  B "O4'" 1 
ATOM   745  C  "C3'" . DG  B 2 3   ? 10.495  0.779   5.935   1.00 72.15  ? 3   DG  B "C3'" 1 
ATOM   746  O  "O3'" . DG  B 2 3   ? 10.491  1.445   7.198   1.00 85.14  ? 3   DG  B "O3'" 1 
ATOM   747  C  "C2'" . DG  B 2 3   ? 10.462  1.768   4.768   1.00 64.08  ? 3   DG  B "C2'" 1 
ATOM   748  C  "C1'" . DG  B 2 3   ? 11.940  2.079   4.583   1.00 68.93  ? 3   DG  B "C1'" 1 
ATOM   749  N  N9    . DG  B 2 3   ? 12.289  2.497   3.225   1.00 68.60  ? 3   DG  B N9    1 
ATOM   750  C  C8    . DG  B 2 3   ? 11.820  1.966   2.047   1.00 70.25  ? 3   DG  B C8    1 
ATOM   751  N  N7    . DG  B 2 3   ? 12.315  2.540   0.984   1.00 62.02  ? 3   DG  B N7    1 
ATOM   752  C  C5    . DG  B 2 3   ? 13.171  3.510   1.489   1.00 59.43  ? 3   DG  B C5    1 
ATOM   753  C  C6    . DG  B 2 3   ? 13.988  4.449   0.812   1.00 75.19  ? 3   DG  B C6    1 
ATOM   754  O  O6    . DG  B 2 3   ? 14.122  4.610   -0.410  1.00 74.01  ? 3   DG  B O6    1 
ATOM   755  N  N1    . DG  B 2 3   ? 14.698  5.251   1.702   1.00 73.02  ? 3   DG  B N1    1 
ATOM   756  C  C2    . DG  B 2 3   ? 14.627  5.159   3.073   1.00 71.58  ? 3   DG  B C2    1 
ATOM   757  N  N2    . DG  B 2 3   ? 15.386  6.019   3.766   1.00 74.47  ? 3   DG  B N2    1 
ATOM   758  N  N3    . DG  B 2 3   ? 13.865  4.285   3.719   1.00 66.77  ? 3   DG  B N3    1 
ATOM   759  C  C4    . DG  B 2 3   ? 13.167  3.497   2.867   1.00 63.62  ? 3   DG  B C4    1 
ATOM   760  P  P     . DC  B 2 4   ? 9.105   1.938   7.847   1.00 84.13  ? 4   DC  B P     1 
ATOM   761  O  OP1   . DC  B 2 4   ? 9.333   2.267   9.272   1.00 67.34  ? 4   DC  B OP1   1 
ATOM   762  O  OP2   . DC  B 2 4   ? 8.074   0.938   7.491   1.00 76.41  ? 4   DC  B OP2   1 
ATOM   763  O  "O5'" . DC  B 2 4   ? 8.806   3.308   7.082   1.00 92.08  ? 4   DC  B "O5'" 1 
ATOM   764  C  "C5'" . DC  B 2 4   ? 8.671   4.508   7.817   1.00 79.01  ? 4   DC  B "C5'" 1 
ATOM   765  C  "C4'" . DC  B 2 4   ? 9.637   5.574   7.323   1.00 80.75  ? 4   DC  B "C4'" 1 
ATOM   766  O  "O4'" . DC  B 2 4   ? 10.337  5.129   6.146   1.00 88.24  ? 4   DC  B "O4'" 1 
ATOM   767  C  "C3'" . DC  B 2 4   ? 8.986   6.859   6.866   1.00 99.49  ? 4   DC  B "C3'" 1 
ATOM   768  O  "O3'" . DC  B 2 4   ? 8.675   7.675   7.978   1.00 106.64 ? 4   DC  B "O3'" 1 
ATOM   769  C  "C2'" . DC  B 2 4   ? 10.084  7.486   5.998   1.00 97.69  ? 4   DC  B "C2'" 1 
ATOM   770  C  "C1'" . DC  B 2 4   ? 10.900  6.273   5.530   1.00 77.15  ? 4   DC  B "C1'" 1 
ATOM   771  N  N1    . DC  B 2 4   ? 10.904  6.101   4.045   1.00 71.76  ? 4   DC  B N1    1 
ATOM   772  C  C2    . DC  B 2 4   ? 11.729  6.920   3.261   1.00 72.98  ? 4   DC  B C2    1 
ATOM   773  O  O2    . DC  B 2 4   ? 12.442  7.765   3.815   1.00 77.71  ? 4   DC  B O2    1 
ATOM   774  N  N3    . DC  B 2 4   ? 11.724  6.761   1.915   1.00 68.65  ? 4   DC  B N3    1 
ATOM   775  C  C4    . DC  B 2 4   ? 10.940  5.841   1.356   1.00 72.31  ? 4   DC  B C4    1 
ATOM   776  N  N4    . DC  B 2 4   ? 10.971  5.719   0.025   1.00 68.89  ? 4   DC  B N4    1 
ATOM   777  C  C5    . DC  B 2 4   ? 10.092  4.999   2.136   1.00 65.09  ? 4   DC  B C5    1 
ATOM   778  C  C6    . DC  B 2 4   ? 10.103  5.164   3.464   1.00 75.17  ? 4   DC  B C6    1 
ATOM   779  P  P     . DA  B 2 5   ? 7.533   8.796   7.851   1.00 92.92  ? 5   DA  B P     1 
ATOM   780  O  OP1   . DA  B 2 5   ? 7.224   9.268   9.218   1.00 95.55  ? 5   DA  B OP1   1 
ATOM   781  O  OP2   . DA  B 2 5   ? 6.461   8.243   6.991   1.00 73.23  ? 5   DA  B OP2   1 
ATOM   782  O  "O5'" . DA  B 2 5   ? 8.247   9.980   7.046   1.00 79.42  ? 5   DA  B "O5'" 1 
ATOM   783  C  "C5'" . DA  B 2 5   ? 9.447   10.551  7.549   1.00 78.86  ? 5   DA  B "C5'" 1 
ATOM   784  C  "C4'" . DA  B 2 5   ? 10.153  11.353  6.473   1.00 77.87  ? 5   DA  B "C4'" 1 
ATOM   785  O  "O4'" . DA  B 2 5   ? 10.343  10.527  5.301   1.00 84.78  ? 5   DA  B "O4'" 1 
ATOM   786  C  "C3'" . DA  B 2 5   ? 9.403   12.601  6.014   1.00 82.92  ? 5   DA  B "C3'" 1 
ATOM   787  O  "O3'" . DA  B 2 5   ? 10.217  13.744  6.203   1.00 95.71  ? 5   DA  B "O3'" 1 
ATOM   788  C  "C2'" . DA  B 2 5   ? 9.098   12.352  4.529   1.00 83.54  ? 5   DA  B "C2'" 1 
ATOM   789  C  "C1'" . DA  B 2 5   ? 10.109  11.282  4.140   1.00 75.80  ? 5   DA  B "C1'" 1 
ATOM   790  N  N9    . DA  B 2 5   ? 9.622   10.369  3.105   1.00 74.02  ? 5   DA  B N9    1 
ATOM   791  C  C8    . DA  B 2 5   ? 8.737   9.340   3.270   1.00 77.31  ? 5   DA  B C8    1 
ATOM   792  N  N7    . DA  B 2 5   ? 8.480   8.678   2.167   1.00 77.12  ? 5   DA  B N7    1 
ATOM   793  C  C5    . DA  B 2 5   ? 9.253   9.314   1.210   1.00 68.13  ? 5   DA  B C5    1 
ATOM   794  C  C6    . DA  B 2 5   ? 9.428   9.089   -0.170  1.00 67.16  ? 5   DA  B C6    1 
ATOM   795  N  N6    . DA  B 2 5   ? 8.802   8.116   -0.842  1.00 61.65  ? 5   DA  B N6    1 
ATOM   796  N  N1    . DA  B 2 5   ? 10.271  9.905   -0.834  1.00 78.70  ? 5   DA  B N1    1 
ATOM   797  C  C2    . DA  B 2 5   ? 10.894  10.878  -0.157  1.00 77.59  ? 5   DA  B C2    1 
ATOM   798  N  N3    . DA  B 2 5   ? 10.810  11.187  1.137   1.00 70.65  ? 5   DA  B N3    1 
ATOM   799  C  C4    . DA  B 2 5   ? 9.965   10.360  1.770   1.00 74.52  ? 5   DA  B C4    1 
ATOM   800  P  P     . DT  B 2 6   ? 9.554   15.206  6.237   1.00 101.23 ? 6   DT  B P     1 
ATOM   801  O  OP1   . DT  B 2 6   ? 10.369  16.058  7.131   1.00 95.84  ? 6   DT  B OP1   1 
ATOM   802  O  OP2   . DT  B 2 6   ? 8.107   15.038  6.492   1.00 100.92 ? 6   DT  B OP2   1 
ATOM   803  O  "O5'" . DT  B 2 6   ? 9.734   15.721  4.740   1.00 79.76  ? 6   DT  B "O5'" 1 
ATOM   804  C  "C5'" . DT  B 2 6   ? 10.968  15.514  4.079   1.00 73.54  ? 6   DT  B "C5'" 1 
ATOM   805  C  "C4'" . DT  B 2 6   ? 10.807  15.691  2.587   1.00 80.92  ? 6   DT  B "C4'" 1 
ATOM   806  O  "O4'" . DT  B 2 6   ? 10.286  14.486  2.009   1.00 90.36  ? 6   DT  B "O4'" 1 
ATOM   807  C  "C3'" . DT  B 2 6   ? 9.826   16.782  2.180   1.00 85.24  ? 6   DT  B "C3'" 1 
ATOM   808  O  "O3'" . DT  B 2 6   ? 10.553  17.999  1.939   1.00 92.76  ? 6   DT  B "O3'" 1 
ATOM   809  C  "C2'" . DT  B 2 6   ? 9.140   16.222  0.913   1.00 86.54  ? 6   DT  B "C2'" 1 
ATOM   810  C  "C1'" . DT  B 2 6   ? 9.717   14.809  0.770   1.00 82.12  ? 6   DT  B "C1'" 1 
ATOM   811  N  N1    . DT  B 2 6   ? 8.702   13.766  0.432   1.00 77.73  ? 6   DT  B N1    1 
ATOM   812  C  C2    . DT  B 2 6   ? 8.608   13.310  -0.863  1.00 74.68  ? 6   DT  B C2    1 
ATOM   813  O  O2    . DT  B 2 6   ? 9.309   13.724  -1.769  1.00 80.57  ? 6   DT  B O2    1 
ATOM   814  N  N3    . DT  B 2 6   ? 7.654   12.346  -1.064  1.00 72.43  ? 6   DT  B N3    1 
ATOM   815  C  C4    . DT  B 2 6   ? 6.805   11.802  -0.117  1.00 75.35  ? 6   DT  B C4    1 
ATOM   816  O  O4    . DT  B 2 6   ? 5.978   10.938  -0.396  1.00 66.40  ? 6   DT  B O4    1 
ATOM   817  C  C5    . DT  B 2 6   ? 6.958   12.320  1.221   1.00 65.57  ? 6   DT  B C5    1 
ATOM   818  C  C7    . DT  B 2 6   ? 6.093   11.807  2.334   1.00 66.68  ? 6   DT  B C7    1 
ATOM   819  C  C6    . DT  B 2 6   ? 7.890   13.264  1.428   1.00 76.51  ? 6   DT  B C6    1 
ATOM   820  P  P     . DT  B 2 7   ? 10.076  19.077  0.846   1.00 101.10 ? 7   DT  B P     1 
ATOM   821  O  OP1   . DT  B 2 7   ? 10.913  20.281  1.052   1.00 95.61  ? 7   DT  B OP1   1 
ATOM   822  O  OP2   . DT  B 2 7   ? 8.603   19.210  0.872   1.00 116.32 ? 7   DT  B OP2   1 
ATOM   823  O  "O5'" . DT  B 2 7   ? 10.520  18.431  -0.543  1.00 74.24  ? 7   DT  B "O5'" 1 
ATOM   824  C  "C5'" . DT  B 2 7   ? 10.632  19.242  -1.684  1.00 81.43  ? 7   DT  B "C5'" 1 
ATOM   825  C  "C4'" . DT  B 2 7   ? 10.456  18.423  -2.945  1.00 81.94  ? 7   DT  B "C4'" 1 
ATOM   826  O  "O4'" . DT  B 2 7   ? 9.682   17.230  -2.653  1.00 86.34  ? 7   DT  B "O4'" 1 
ATOM   827  C  "C3'" . DT  B 2 7   ? 9.712   19.152  -4.065  1.00 87.85  ? 7   DT  B "C3'" 1 
ATOM   828  O  "O3'" . DT  B 2 7   ? 10.501  19.198  -5.237  1.00 87.33  ? 7   DT  B "O3'" 1 
ATOM   829  C  "C2'" . DT  B 2 7   ? 8.438   18.330  -4.271  1.00 85.74  ? 7   DT  B "C2'" 1 
ATOM   830  C  "C1'" . DT  B 2 7   ? 8.848   16.965  -3.750  1.00 85.75  ? 7   DT  B "C1'" 1 
ATOM   831  N  N1    . DT  B 2 7   ? 7.691   16.129  -3.301  1.00 88.62  ? 7   DT  B N1    1 
ATOM   832  C  C2    . DT  B 2 7   ? 7.112   15.252  -4.191  1.00 81.70  ? 7   DT  B C2    1 
ATOM   833  O  O2    . DT  B 2 7   ? 7.501   15.112  -5.336  1.00 80.12  ? 7   DT  B O2    1 
ATOM   834  N  N3    . DT  B 2 7   ? 6.058   14.538  -3.689  1.00 81.36  ? 7   DT  B N3    1 
ATOM   835  C  C4    . DT  B 2 7   ? 5.531   14.611  -2.413  1.00 76.33  ? 7   DT  B C4    1 
ATOM   836  O  O4    . DT  B 2 7   ? 4.577   13.925  -2.057  1.00 79.38  ? 7   DT  B O4    1 
ATOM   837  C  C5    . DT  B 2 7   ? 6.179   15.552  -1.530  1.00 66.89  ? 7   DT  B C5    1 
ATOM   838  C  C7    . DT  B 2 7   ? 5.694   15.719  -0.121  1.00 68.81  ? 7   DT  B C7    1 
ATOM   839  C  C6    . DT  B 2 7   ? 7.214   16.260  -2.012  1.00 82.60  ? 7   DT  B C6    1 
ATOM   840  P  P     . DC  B 2 8   ? 10.056  20.150  -6.451  1.00 112.69 ? 8   DC  B P     1 
ATOM   841  O  OP1   . DC  B 2 8   ? 11.270  20.509  -7.217  1.00 107.71 ? 8   DC  B OP1   1 
ATOM   842  O  OP2   . DC  B 2 8   ? 9.195   21.211  -5.883  1.00 91.68  ? 8   DC  B OP2   1 
ATOM   843  O  "O5'" . DC  B 2 8   ? 9.140   19.208  -7.360  1.00 87.41  ? 8   DC  B "O5'" 1 
ATOM   844  C  "C5'" . DC  B 2 8   ? 9.725   18.128  -8.071  1.00 81.33  ? 8   DC  B "C5'" 1 
ATOM   845  C  "C4'" . DC  B 2 8   ? 8.693   17.425  -8.931  1.00 86.80  ? 8   DC  B "C4'" 1 
ATOM   846  O  "O4'" . DC  B 2 8   ? 7.772   16.697  -8.083  1.00 92.88  ? 8   DC  B "O4'" 1 
ATOM   847  C  "C3'" . DC  B 2 8   ? 7.846   18.350  -9.803  1.00 78.16  ? 8   DC  B "C3'" 1 
ATOM   848  O  "O3'" . DC  B 2 8   ? 7.797   17.850  -11.129 1.00 72.65  ? 8   DC  B "O3'" 1 
ATOM   849  C  "C2'" . DC  B 2 8   ? 6.468   18.333  -9.135  1.00 79.46  ? 8   DC  B "C2'" 1 
ATOM   850  C  "C1'" . DC  B 2 8   ? 6.445   16.968  -8.466  1.00 84.04  ? 8   DC  B "C1'" 1 
ATOM   851  N  N1    . DC  B 2 8   ? 5.602   16.926  -7.240  1.00 76.51  ? 8   DC  B N1    1 
ATOM   852  C  C2    . DC  B 2 8   ? 4.639   15.923  -7.088  1.00 75.53  ? 8   DC  B C2    1 
ATOM   853  O  O2    . DC  B 2 8   ? 4.493   15.085  -7.986  1.00 82.99  ? 8   DC  B O2    1 
ATOM   854  N  N3    . DC  B 2 8   ? 3.888   15.902  -5.959  1.00 82.09  ? 8   DC  B N3    1 
ATOM   855  C  C4    . DC  B 2 8   ? 4.077   16.824  -5.014  1.00 81.94  ? 8   DC  B C4    1 
ATOM   856  N  N4    . DC  B 2 8   ? 3.315   16.765  -3.918  1.00 87.09  ? 8   DC  B N4    1 
ATOM   857  C  C5    . DC  B 2 8   ? 5.056   17.850  -5.151  1.00 74.61  ? 8   DC  B C5    1 
ATOM   858  C  C6    . DC  B 2 8   ? 5.787   17.862  -6.269  1.00 81.56  ? 8   DC  B C6    1 
ATOM   859  P  P     . DC  B 2 9   ? 7.093   18.705  -12.292 1.00 104.91 ? 9   DC  B P     1 
ATOM   860  O  OP1   . DC  B 2 9   ? 7.891   18.529  -13.524 1.00 101.17 ? 9   DC  B OP1   1 
ATOM   861  O  OP2   . DC  B 2 9   ? 6.842   20.067  -11.765 1.00 92.85  ? 9   DC  B OP2   1 
ATOM   862  O  "O5'" . DC  B 2 9   ? 5.686   17.976  -12.490 1.00 88.19  ? 9   DC  B "O5'" 1 
ATOM   863  C  "C5'" . DC  B 2 9   ? 5.653   16.573  -12.718 1.00 76.73  ? 9   DC  B "C5'" 1 
ATOM   864  C  "C4'" . DC  B 2 9   ? 4.246   16.031  -12.553 1.00 71.19  ? 9   DC  B "C4'" 1 
ATOM   865  O  "O4'" . DC  B 2 9   ? 3.864   16.088  -11.168 1.00 81.26  ? 9   DC  B "O4'" 1 
ATOM   866  C  "C3'" . DC  B 2 9   ? 3.166   16.800  -13.315 1.00 68.85  ? 9   DC  B "C3'" 1 
ATOM   867  O  "O3'" . DC  B 2 9   ? 2.702   16.018  -14.403 1.00 66.93  ? 9   DC  B "O3'" 1 
ATOM   868  C  "C2'" . DC  B 2 9   ? 2.055   17.052  -12.274 1.00 68.89  ? 9   DC  B "C2'" 1 
ATOM   869  C  "C1'" . DC  B 2 9   ? 2.467   16.162  -11.107 1.00 79.94  ? 9   DC  B "C1'" 1 
ATOM   870  N  N1    . DC  B 2 9   ? 2.088   16.698  -9.769  1.00 81.27  ? 9   DC  B N1    1 
ATOM   871  C  C2    . DC  B 2 9   ? 1.049   16.095  -9.052  1.00 81.31  ? 9   DC  B C2    1 
ATOM   872  O  O2    . DC  B 2 9   ? 0.452   15.131  -9.548  1.00 81.16  ? 9   DC  B O2    1 
ATOM   873  N  N3    . DC  B 2 9   ? 0.723   16.588  -7.831  1.00 72.96  ? 9   DC  B N3    1 
ATOM   874  C  C4    . DC  B 2 9   ? 1.393   17.629  -7.332  1.00 78.49  ? 9   DC  B C4    1 
ATOM   875  N  N4    . DC  B 2 9   ? 1.038   18.080  -6.127  1.00 69.90  ? 9   DC  B N4    1 
ATOM   876  C  C5    . DC  B 2 9   ? 2.456   18.254  -8.047  1.00 78.32  ? 9   DC  B C5    1 
ATOM   877  C  C6    . DC  B 2 9   ? 2.769   17.757  -9.249  1.00 77.78  ? 9   DC  B C6    1 
ATOM   878  P  P     . DT  B 2 10  ? 1.831   16.696  -15.568 1.00 95.40  ? 10  DT  B P     1 
ATOM   879  O  OP1   . DT  B 2 10  ? 2.033   15.905  -16.803 1.00 86.20  ? 10  DT  B OP1   1 
ATOM   880  O  OP2   . DT  B 2 10  ? 2.128   18.146  -15.563 1.00 94.59  ? 10  DT  B OP2   1 
ATOM   881  O  "O5'" . DT  B 2 10  ? 0.328   16.506  -15.066 1.00 90.19  ? 10  DT  B "O5'" 1 
ATOM   882  C  "C5'" . DT  B 2 10  ? -0.106  15.228  -14.636 1.00 76.60  ? 10  DT  B "C5'" 1 
ATOM   883  C  "C4'" . DT  B 2 10  ? -1.415  15.324  -13.879 1.00 66.01  ? 10  DT  B "C4'" 1 
ATOM   884  O  "O4'" . DT  B 2 10  ? -1.181  15.828  -12.540 1.00 86.68  ? 10  DT  B "O4'" 1 
ATOM   885  C  "C3'" . DT  B 2 10  ? -2.467  16.254  -14.498 1.00 71.15  ? 10  DT  B "C3'" 1 
ATOM   886  O  "O3'" . DT  B 2 10  ? -3.709  15.578  -14.551 1.00 73.94  ? 10  DT  B "O3'" 1 
ATOM   887  C  "C2'" . DT  B 2 10  ? -2.522  17.426  -13.514 1.00 66.60  ? 10  DT  B "C2'" 1 
ATOM   888  C  "C1'" . DT  B 2 10  ? -2.236  16.692  -12.222 1.00 79.92  ? 10  DT  B "C1'" 1 
ATOM   889  N  N1    . DT  B 2 10  ? -1.832  17.556  -11.088 1.00 73.69  ? 10  DT  B N1    1 
ATOM   890  C  C2    . DT  B 2 10  ? -2.274  17.233  -9.832  1.00 68.96  ? 10  DT  B C2    1 
ATOM   891  O  O2    . DT  B 2 10  ? -2.987  16.271  -9.605  1.00 74.42  ? 10  DT  B O2    1 
ATOM   892  N  N3    . DT  B 2 10  ? -1.854  18.077  -8.842  1.00 65.96  ? 10  DT  B N3    1 
ATOM   893  C  C4    . DT  B 2 10  ? -1.049  19.189  -8.981  1.00 75.49  ? 10  DT  B C4    1 
ATOM   894  O  O4    . DT  B 2 10  ? -0.725  19.886  -8.026  1.00 78.92  ? 10  DT  B O4    1 
ATOM   895  C  C5    . DT  B 2 10  ? -0.616  19.475  -10.330 1.00 70.39  ? 10  DT  B C5    1 
ATOM   896  C  C7    . DT  B 2 10  ? 0.261   20.658  -10.605 1.00 60.33  ? 10  DT  B C7    1 
ATOM   897  C  C6    . DT  B 2 10  ? -1.024  18.653  -11.310 1.00 63.39  ? 10  DT  B C6    1 
ATOM   898  P  P     . DC  B 2 11  ? -4.807  15.988  -15.645 1.00 103.21 ? 11  DC  B P     1 
ATOM   899  O  OP1   . DC  B 2 11  ? -5.031  14.790  -16.489 1.00 82.28  ? 11  DC  B OP1   1 
ATOM   900  O  OP2   . DC  B 2 11  ? -4.381  17.263  -16.264 1.00 97.20  ? 11  DC  B OP2   1 
ATOM   901  O  "O5'" . DC  B 2 11  ? -6.121  16.278  -14.777 1.00 89.84  ? 11  DC  B "O5'" 1 
ATOM   902  C  "C5'" . DC  B 2 11  ? -6.975  15.207  -14.419 1.00 79.17  ? 11  DC  B "C5'" 1 
ATOM   903  C  "C4'" . DC  B 2 11  ? -7.393  15.295  -12.960 1.00 73.05  ? 11  DC  B "C4'" 1 
ATOM   904  O  "O4'" . DC  B 2 11  ? -6.311  15.806  -12.161 1.00 77.95  ? 11  DC  B "O4'" 1 
ATOM   905  C  "C3'" . DC  B 2 11  ? -8.528  16.250  -12.664 1.00 69.99  ? 11  DC  B "C3'" 1 
ATOM   906  O  "O3'" . DC  B 2 11  ? -9.771  15.622  -12.934 1.00 68.43  ? 11  DC  B "O3'" 1 
ATOM   907  C  "C2'" . DC  B 2 11  ? -8.349  16.511  -11.163 1.00 74.14  ? 11  DC  B "C2'" 1 
ATOM   908  C  "C1'" . DC  B 2 11  ? -6.854  16.244  -10.931 1.00 59.02  ? 11  DC  B "C1'" 1 
ATOM   909  N  N1    . DC  B 2 11  ? -6.108  17.444  -10.461 1.00 63.23  ? 11  DC  B N1    1 
ATOM   910  C  C2    . DC  B 2 11  ? -6.167  17.805  -9.110  1.00 76.85  ? 11  DC  B C2    1 
ATOM   911  O  O2    . DC  B 2 11  ? -6.835  17.113  -8.331  1.00 71.73  ? 11  DC  B O2    1 
ATOM   912  N  N3    . DC  B 2 11  ? -5.489  18.900  -8.692  1.00 73.18  ? 11  DC  B N3    1 
ATOM   913  C  C4    . DC  B 2 11  ? -4.780  19.619  -9.564  1.00 72.38  ? 11  DC  B C4    1 
ATOM   914  N  N4    . DC  B 2 11  ? -4.127  20.691  -9.104  1.00 69.99  ? 11  DC  B N4    1 
ATOM   915  C  C5    . DC  B 2 11  ? -4.710  19.269  -10.945 1.00 69.88  ? 11  DC  B C5    1 
ATOM   916  C  C6    . DC  B 2 11  ? -5.383  18.186  -11.346 1.00 69.73  ? 11  DC  B C6    1 
ATOM   917  P  P     . DT  B 2 12  ? -11.112 16.500  -13.037 1.00 83.04  ? 12  DT  B P     1 
ATOM   918  O  OP1   . DT  B 2 12  ? -12.178 15.628  -13.579 1.00 81.78  ? 12  DT  B OP1   1 
ATOM   919  O  OP2   . DT  B 2 12  ? -10.768 17.763  -13.727 1.00 75.74  ? 12  DT  B OP2   1 
ATOM   920  O  "O5'" . DT  B 2 12  ? -11.461 16.854  -11.516 1.00 71.26  ? 12  DT  B "O5'" 1 
ATOM   921  C  "C5'" . DT  B 2 12  ? -11.759 15.812  -10.592 1.00 58.31  ? 12  DT  B "C5'" 1 
ATOM   922  C  "C4'" . DT  B 2 12  ? -12.207 16.386  -9.261  1.00 69.61  ? 12  DT  B "C4'" 1 
ATOM   923  O  "O4'" . DT  B 2 12  ? -11.128 17.161  -8.675  1.00 64.62  ? 12  DT  B "O4'" 1 
ATOM   924  C  "C3'" . DT  B 2 12  ? -13.409 17.320  -9.340  1.00 67.83  ? 12  DT  B "C3'" 1 
ATOM   925  O  "O3'" . DT  B 2 12  ? -14.261 17.105  -8.229  1.00 68.77  ? 12  DT  B "O3'" 1 
ATOM   926  C  "C2'" . DT  B 2 12  ? -12.779 18.710  -9.306  1.00 62.65  ? 12  DT  B "C2'" 1 
ATOM   927  C  "C1'" . DT  B 2 12  ? -11.559 18.482  -8.423  1.00 70.06  ? 12  DT  B "C1'" 1 
ATOM   928  N  N1    . DT  B 2 12  ? -10.429 19.405  -8.724  1.00 65.88  ? 12  DT  B N1    1 
ATOM   929  C  C2    . DT  B 2 12  ? -9.889  20.163  -7.711  1.00 73.72  ? 12  DT  B C2    1 
ATOM   930  O  O2    . DT  B 2 12  ? -10.287 20.121  -6.561  1.00 77.71  ? 12  DT  B O2    1 
ATOM   931  N  N3    . DT  B 2 12  ? -8.855  20.976  -8.094  1.00 58.10  ? 12  DT  B N3    1 
ATOM   932  C  C4    . DT  B 2 12  ? -8.320  21.105  -9.362  1.00 55.11  ? 12  DT  B C4    1 
ATOM   933  O  O4    . DT  B 2 12  ? -7.388  21.866  -9.607  1.00 54.76  ? 12  DT  B O4    1 
ATOM   934  C  C5    . DT  B 2 12  ? -8.934  20.283  -10.378 1.00 60.07  ? 12  DT  B C5    1 
ATOM   935  C  C7    . DT  B 2 12  ? -8.439  20.337  -11.793 1.00 66.91  ? 12  DT  B C7    1 
ATOM   936  C  C6    . DT  B 2 12  ? -9.946  19.483  -10.014 1.00 59.62  ? 12  DT  B C6    1 
ATOM   937  P  P     . DC  B 2 13  ? -15.784 17.603  -8.285  1.00 69.77  ? 13  DC  B P     1 
ATOM   938  O  OP1   . DC  B 2 13  ? -16.614 16.639  -7.530  1.00 71.72  ? 13  DC  B OP1   1 
ATOM   939  O  OP2   . DC  B 2 13  ? -16.086 17.890  -9.705  1.00 74.56  ? 13  DC  B OP2   1 
ATOM   940  O  "O5'" . DC  B 2 13  ? -15.758 18.986  -7.488  1.00 77.35  ? 13  DC  B "O5'" 1 
ATOM   941  C  "C5'" . DC  B 2 13  ? -15.171 19.040  -6.196  1.00 64.11  ? 13  DC  B "C5'" 1 
ATOM   942  C  "C4'" . DC  B 2 13  ? -14.829 20.469  -5.821  1.00 71.38  ? 13  DC  B "C4'" 1 
ATOM   943  O  "O4'" . DC  B 2 13  ? -13.524 20.802  -6.314  1.00 78.43  ? 13  DC  B "O4'" 1 
ATOM   944  C  "C3'" . DC  B 2 13  ? -15.733 21.525  -6.432  1.00 61.67  ? 13  DC  B "C3'" 1 
ATOM   945  O  "O3'" . DC  B 2 13  ? -16.859 21.746  -5.592  1.00 70.00  ? 13  DC  B "O3'" 1 
ATOM   946  C  "C2'" . DC  B 2 13  ? -14.830 22.768  -6.499  1.00 71.54  ? 13  DC  B "C2'" 1 
ATOM   947  C  "C1'" . DC  B 2 13  ? -13.412 22.204  -6.316  1.00 56.36  ? 13  DC  B "C1'" 1 
ATOM   948  N  N1    . DC  B 2 13  ? -12.470 22.616  -7.388  1.00 58.62  ? 13  DC  B N1    1 
ATOM   949  C  C2    . DC  B 2 13  ? -11.381 23.432  -7.070  1.00 62.38  ? 13  DC  B C2    1 
ATOM   950  O  O2    . DC  B 2 13  ? -11.217 23.785  -5.896  1.00 58.28  ? 13  DC  B O2    1 
ATOM   951  N  N3    . DC  B 2 13  ? -10.533 23.808  -8.058  1.00 57.83  ? 13  DC  B N3    1 
ATOM   952  C  C4    . DC  B 2 13  ? -10.748 23.405  -9.311  1.00 62.97  ? 13  DC  B C4    1 
ATOM   953  N  N4    . DC  B 2 13  ? -9.884  23.802  -10.251 1.00 60.33  ? 13  DC  B N4    1 
ATOM   954  C  C5    . DC  B 2 13  ? -11.856 22.576  -9.656  1.00 55.01  ? 13  DC  B C5    1 
ATOM   955  C  C6    . DC  B 2 13  ? -12.685 22.212  -8.673  1.00 59.46  ? 13  DC  B C6    1 
ATOM   956  C  "C5'" . DG  C 3 1   ? -3.704  31.908  -5.951  1.00 66.26  ? 1   DG  C "C5'" 1 
ATOM   957  C  "C4'" . DG  C 3 1   ? -4.477  31.272  -4.810  1.00 70.31  ? 1   DG  C "C4'" 1 
ATOM   958  O  "O4'" . DG  C 3 1   ? -5.556  30.464  -5.349  1.00 78.40  ? 1   DG  C "O4'" 1 
ATOM   959  C  "C3'" . DG  C 3 1   ? -3.673  30.324  -3.933  1.00 73.03  ? 1   DG  C "C3'" 1 
ATOM   960  O  "O3'" . DG  C 3 1   ? -4.250  30.280  -2.636  1.00 79.52  ? 1   DG  C "O3'" 1 
ATOM   961  C  "C2'" . DG  C 3 1   ? -3.853  29.001  -4.662  1.00 68.60  ? 1   DG  C "C2'" 1 
ATOM   962  C  "C1'" . DG  C 3 1   ? -5.316  29.096  -5.068  1.00 65.84  ? 1   DG  C "C1'" 1 
ATOM   963  N  N9    . DG  C 3 1   ? -5.646  28.319  -6.256  1.00 60.19  ? 1   DG  C N9    1 
ATOM   964  C  C8    . DG  C 3 1   ? -4.963  28.300  -7.448  1.00 53.20  ? 1   DG  C C8    1 
ATOM   965  N  N7    . DG  C 3 1   ? -5.496  27.511  -8.338  1.00 65.02  ? 1   DG  C N7    1 
ATOM   966  C  C5    . DG  C 3 1   ? -6.606  26.974  -7.697  1.00 50.56  ? 1   DG  C C5    1 
ATOM   967  C  C6    . DG  C 3 1   ? -7.572  26.053  -8.165  1.00 64.71  ? 1   DG  C C6    1 
ATOM   968  O  O6    . DG  C 3 1   ? -7.640  25.510  -9.277  1.00 66.84  ? 1   DG  C O6    1 
ATOM   969  N  N1    . DG  C 3 1   ? -8.531  25.774  -7.193  1.00 59.54  ? 1   DG  C N1    1 
ATOM   970  C  C2    . DG  C 3 1   ? -8.552  26.316  -5.930  1.00 70.51  ? 1   DG  C C2    1 
ATOM   971  N  N2    . DG  C 3 1   ? -9.557  25.926  -5.131  1.00 56.60  ? 1   DG  C N2    1 
ATOM   972  N  N3    . DG  C 3 1   ? -7.652  27.182  -5.479  1.00 69.58  ? 1   DG  C N3    1 
ATOM   973  C  C4    . DG  C 3 1   ? -6.711  27.463  -6.414  1.00 64.27  ? 1   DG  C C4    1 
ATOM   974  P  P     . DA  C 3 2   ? -3.549  29.444  -1.457  1.00 86.32  ? 2   DA  C P     1 
ATOM   975  O  OP1   . DA  C 3 2   ? -3.560  30.299  -0.250  1.00 73.75  ? 2   DA  C OP1   1 
ATOM   976  O  OP2   . DA  C 3 2   ? -2.266  28.912  -1.972  1.00 93.13  ? 2   DA  C OP2   1 
ATOM   977  O  "O5'" . DA  C 3 2   ? -4.547  28.216  -1.215  1.00 82.58  ? 2   DA  C "O5'" 1 
ATOM   978  C  "C5'" . DA  C 3 2   ? -5.925  28.467  -0.947  1.00 77.43  ? 2   DA  C "C5'" 1 
ATOM   979  C  "C4'" . DA  C 3 2   ? -6.683  27.177  -0.680  1.00 70.74  ? 2   DA  C "C4'" 1 
ATOM   980  O  "O4'" . DA  C 3 2   ? -7.014  26.529  -1.936  1.00 82.24  ? 2   DA  C "O4'" 1 
ATOM   981  C  "C3'" . DA  C 3 2   ? -5.929  26.140  0.144   1.00 73.16  ? 2   DA  C "C3'" 1 
ATOM   982  O  "O3'" . DA  C 3 2   ? -6.818  25.510  1.049   1.00 65.66  ? 2   DA  C "O3'" 1 
ATOM   983  C  "C2'" . DA  C 3 2   ? -5.411  25.165  -0.912  1.00 70.45  ? 2   DA  C "C2'" 1 
ATOM   984  C  "C1'" . DA  C 3 2   ? -6.536  25.201  -1.933  1.00 66.65  ? 2   DA  C "C1'" 1 
ATOM   985  N  N9    . DA  C 3 2   ? -6.111  24.873  -3.289  1.00 58.53  ? 2   DA  C N9    1 
ATOM   986  C  C8    . DA  C 3 2   ? -4.985  25.311  -3.929  1.00 62.57  ? 2   DA  C C8    1 
ATOM   987  N  N7    . DA  C 3 2   ? -4.867  24.864  -5.157  1.00 68.27  ? 2   DA  C N7    1 
ATOM   988  C  C5    . DA  C 3 2   ? -5.999  24.086  -5.338  1.00 61.04  ? 2   DA  C C5    1 
ATOM   989  C  C6    . DA  C 3 2   ? -6.469  23.334  -6.432  1.00 64.36  ? 2   DA  C C6    1 
ATOM   990  N  N6    . DA  C 3 2   ? -5.820  23.242  -7.598  1.00 57.33  ? 2   DA  C N6    1 
ATOM   991  N  N1    . DA  C 3 2   ? -7.636  22.673  -6.281  1.00 62.94  ? 2   DA  C N1    1 
ATOM   992  C  C2    . DA  C 3 2   ? -8.283  22.764  -5.112  1.00 63.19  ? 2   DA  C C2    1 
ATOM   993  N  N3    . DA  C 3 2   ? -7.941  23.439  -4.017  1.00 66.82  ? 2   DA  C N3    1 
ATOM   994  C  C4    . DA  C 3 2   ? -6.778  24.084  -4.197  1.00 65.67  ? 2   DA  C C4    1 
ATOM   995  P  P     . DG  C 3 3   ? -6.235  24.698  2.304   1.00 77.08  ? 3   DG  C P     1 
ATOM   996  O  OP1   . DG  C 3 3   ? -7.174  24.850  3.439   1.00 70.43  ? 3   DG  C OP1   1 
ATOM   997  O  OP2   . DG  C 3 3   ? -4.815  25.089  2.440   1.00 75.04  ? 3   DG  C OP2   1 
ATOM   998  O  "O5'" . DG  C 3 3   ? -6.283  23.179  1.820   1.00 82.08  ? 3   DG  C "O5'" 1 
ATOM   999  C  "C5'" . DG  C 3 3   ? -7.518  22.619  1.417   1.00 60.85  ? 3   DG  C "C5'" 1 
ATOM   1000 C  "C4'" . DG  C 3 3   ? -7.305  21.381  0.573   1.00 60.99  ? 3   DG  C "C4'" 1 
ATOM   1001 O  "O4'" . DG  C 3 3   ? -6.807  21.748  -0.731  1.00 69.18  ? 3   DG  C "O4'" 1 
ATOM   1002 C  "C3'" . DG  C 3 3   ? -6.290  20.378  1.130   1.00 66.56  ? 3   DG  C "C3'" 1 
ATOM   1003 O  "O3'" . DG  C 3 3   ? -6.974  19.239  1.645   1.00 76.21  ? 3   DG  C "O3'" 1 
ATOM   1004 C  "C2'" . DG  C 3 3   ? -5.401  20.021  -0.085  1.00 75.30  ? 3   DG  C "C2'" 1 
ATOM   1005 C  "C1'" . DG  C 3 3   ? -6.179  20.614  -1.254  1.00 61.86  ? 3   DG  C "C1'" 1 
ATOM   1006 N  N9    . DG  C 3 3   ? -5.361  20.980  -2.412  1.00 55.75  ? 3   DG  C N9    1 
ATOM   1007 C  C8    . DG  C 3 3   ? -4.272  21.821  -2.438  1.00 62.21  ? 3   DG  C C8    1 
ATOM   1008 N  N7    . DG  C 3 3   ? -3.742  21.943  -3.626  1.00 65.78  ? 3   DG  C N7    1 
ATOM   1009 C  C5    . DG  C 3 3   ? -4.528  21.131  -4.438  1.00 47.56  ? 3   DG  C C5    1 
ATOM   1010 C  C6    . DG  C 3 3   ? -4.438  20.860  -5.825  1.00 62.97  ? 3   DG  C C6    1 
ATOM   1011 O  O6    . DG  C 3 3   ? -3.618  21.301  -6.644  1.00 67.48  ? 3   DG  C O6    1 
ATOM   1012 N  N1    . DG  C 3 3   ? -5.434  19.980  -6.244  1.00 57.53  ? 3   DG  C N1    1 
ATOM   1013 C  C2    . DG  C 3 3   ? -6.393  19.429  -5.429  1.00 63.95  ? 3   DG  C C2    1 
ATOM   1014 N  N2    . DG  C 3 3   ? -7.272  18.600  -6.016  1.00 60.46  ? 3   DG  C N2    1 
ATOM   1015 N  N3    . DG  C 3 3   ? -6.488  19.674  -4.131  1.00 57.64  ? 3   DG  C N3    1 
ATOM   1016 C  C4    . DG  C 3 3   ? -5.526  20.531  -3.705  1.00 58.43  ? 3   DG  C C4    1 
ATOM   1017 P  P     . DA  C 3 4   ? -6.158  18.014  2.291   1.00 71.78  ? 4   DA  C P     1 
ATOM   1018 O  OP1   . DA  C 3 4   ? -6.993  17.447  3.374   1.00 66.72  ? 4   DA  C OP1   1 
ATOM   1019 O  OP2   . DA  C 3 4   ? -4.778  18.468  2.585   1.00 66.82  ? 4   DA  C OP2   1 
ATOM   1020 O  "O5'" . DA  C 3 4   ? -6.108  16.936  1.113   1.00 70.49  ? 4   DA  C "O5'" 1 
ATOM   1021 C  "C5'" . DA  C 3 4   ? -7.303  16.276  0.728   1.00 68.28  ? 4   DA  C "C5'" 1 
ATOM   1022 C  "C4'" . DA  C 3 4   ? -7.149  15.609  -0.626  1.00 55.07  ? 4   DA  C "C4'" 1 
ATOM   1023 O  "O4'" . DA  C 3 4   ? -6.784  16.592  -1.606  1.00 59.57  ? 4   DA  C "O4'" 1 
ATOM   1024 C  "C3'" . DA  C 3 4   ? -6.052  14.572  -0.709  1.00 57.55  ? 4   DA  C "C3'" 1 
ATOM   1025 O  "O3'" . DA  C 3 4   ? -6.541  13.317  -0.277  1.00 66.62  ? 4   DA  C "O3'" 1 
ATOM   1026 C  "C2'" . DA  C 3 4   ? -5.720  14.551  -2.202  1.00 64.55  ? 4   DA  C "C2'" 1 
ATOM   1027 C  "C1'" . DA  C 3 4   ? -6.084  15.965  -2.663  1.00 55.87  ? 4   DA  C "C1'" 1 
ATOM   1028 N  N9    . DA  C 3 4   ? -4.927  16.785  -2.990  1.00 54.16  ? 4   DA  C N9    1 
ATOM   1029 C  C8    . DA  C 3 4   ? -4.183  17.537  -2.127  1.00 55.16  ? 4   DA  C C8    1 
ATOM   1030 N  N7    . DA  C 3 4   ? -3.202  18.185  -2.701  1.00 56.56  ? 4   DA  C N7    1 
ATOM   1031 C  C5    . DA  C 3 4   ? -3.309  17.835  -4.034  1.00 52.05  ? 4   DA  C C5    1 
ATOM   1032 C  C6    . DA  C 3 4   ? -2.557  18.191  -5.168  1.00 52.54  ? 4   DA  C C6    1 
ATOM   1033 N  N6    . DA  C 3 4   ? -1.508  19.018  -5.122  1.00 68.38  ? 4   DA  C N6    1 
ATOM   1034 N  N1    . DA  C 3 4   ? -2.927  17.667  -6.356  1.00 60.71  ? 4   DA  C N1    1 
ATOM   1035 C  C2    . DA  C 3 4   ? -3.978  16.841  -6.396  1.00 53.44  ? 4   DA  C C2    1 
ATOM   1036 N  N3    . DA  C 3 4   ? -4.762  16.433  -5.397  1.00 63.50  ? 4   DA  C N3    1 
ATOM   1037 C  C4    . DA  C 3 4   ? -4.369  16.973  -4.231  1.00 58.91  ? 4   DA  C C4    1 
ATOM   1038 P  P     . DG  C 3 5   ? -5.517  12.106  -0.038  1.00 58.74  ? 5   DG  C P     1 
ATOM   1039 O  OP1   . DG  C 3 5   ? -6.158  11.086  0.818   1.00 52.77  ? 5   DG  C OP1   1 
ATOM   1040 O  OP2   . DG  C 3 5   ? -4.231  12.702  0.358   1.00 54.77  ? 5   DG  C OP2   1 
ATOM   1041 O  "O5'" . DG  C 3 5   ? -5.261  11.523  -1.496  1.00 59.66  ? 5   DG  C "O5'" 1 
ATOM   1042 C  "C5'" . DG  C 3 5   ? -6.333  11.043  -2.277  1.00 60.78  ? 5   DG  C "C5'" 1 
ATOM   1043 C  "C4'" . DG  C 3 5   ? -5.806  10.447  -3.563  1.00 59.43  ? 5   DG  C "C4'" 1 
ATOM   1044 O  "O4'" . DG  C 3 5   ? -5.060  11.459  -4.287  1.00 62.26  ? 5   DG  C "O4'" 1 
ATOM   1045 C  "C3'" . DG  C 3 5   ? -4.847  9.279   -3.375  1.00 52.84  ? 5   DG  C "C3'" 1 
ATOM   1046 O  "O3'" . DG  C 3 5   ? -5.001  8.353   -4.431  1.00 63.22  ? 5   DG  C "O3'" 1 
ATOM   1047 C  "C2'" . DG  C 3 5   ? -3.477  9.946   -3.410  1.00 56.55  ? 5   DG  C "C2'" 1 
ATOM   1048 C  "C1'" . DG  C 3 5   ? -3.702  11.081  -4.401  1.00 54.41  ? 5   DG  C "C1'" 1 
ATOM   1049 N  N9    . DG  C 3 5   ? -2.870  12.250  -4.133  1.00 51.36  ? 5   DG  C N9    1 
ATOM   1050 C  C8    . DG  C 3 5   ? -2.573  12.786  -2.903  1.00 57.54  ? 5   DG  C C8    1 
ATOM   1051 N  N7    . DG  C 3 5   ? -1.795  13.829  -2.965  1.00 53.06  ? 5   DG  C N7    1 
ATOM   1052 C  C5    . DG  C 3 5   ? -1.559  13.997  -4.323  1.00 48.07  ? 5   DG  C C5    1 
ATOM   1053 C  C6    . DG  C 3 5   ? -0.786  14.969  -4.999  1.00 62.71  ? 5   DG  C C6    1 
ATOM   1054 O  O6    . DG  C 3 5   ? -0.134  15.904  -4.513  1.00 60.01  ? 5   DG  C O6    1 
ATOM   1055 N  N1    . DG  C 3 5   ? -0.810  14.779  -6.380  1.00 60.51  ? 5   DG  C N1    1 
ATOM   1056 C  C2    . DG  C 3 5   ? -1.499  13.778  -7.023  1.00 59.49  ? 5   DG  C C2    1 
ATOM   1057 N  N2    . DG  C 3 5   ? -1.403  13.757  -8.360  1.00 61.12  ? 5   DG  C N2    1 
ATOM   1058 N  N3    . DG  C 3 5   ? -2.228  12.860  -6.402  1.00 53.65  ? 5   DG  C N3    1 
ATOM   1059 C  C4    . DG  C 3 5   ? -2.214  13.032  -5.056  1.00 45.34  ? 5   DG  C C4    1 
ATOM   1060 P  P     . DG  C 3 6   ? -4.269  6.926   -4.368  1.00 67.39  ? 6   DG  C P     1 
ATOM   1061 O  OP1   . DG  C 3 6   ? -5.172  5.955   -5.026  1.00 59.16  ? 6   DG  C OP1   1 
ATOM   1062 O  OP2   . DG  C 3 6   ? -3.809  6.691   -2.978  1.00 63.85  ? 6   DG  C OP2   1 
ATOM   1063 O  "O5'" . DG  C 3 6   ? -2.976  7.124   -5.282  1.00 60.94  ? 6   DG  C "O5'" 1 
ATOM   1064 C  "C5'" . DG  C 3 6   ? -3.129  7.562   -6.620  1.00 52.66  ? 6   DG  C "C5'" 1 
ATOM   1065 C  "C4'" . DG  C 3 6   ? -1.785  7.860   -7.257  1.00 53.22  ? 6   DG  C "C4'" 1 
ATOM   1066 O  "O4'" . DG  C 3 6   ? -1.302  9.159   -6.815  1.00 60.31  ? 6   DG  C "O4'" 1 
ATOM   1067 C  "C3'" . DG  C 3 6   ? -0.666  6.864   -6.930  1.00 68.45  ? 6   DG  C "C3'" 1 
ATOM   1068 O  "O3'" . DG  C 3 6   ? 0.112   6.642   -8.098  1.00 78.11  ? 6   DG  C "O3'" 1 
ATOM   1069 C  "C2'" . DG  C 3 6   ? 0.136   7.614   -5.872  1.00 62.51  ? 6   DG  C "C2'" 1 
ATOM   1070 C  "C1'" . DG  C 3 6   ? 0.042   9.019   -6.428  1.00 57.90  ? 6   DG  C "C1'" 1 
ATOM   1071 N  N9    . DG  C 3 6   ? 0.384   10.064  -5.472  1.00 54.27  ? 6   DG  C N9    1 
ATOM   1072 C  C8    . DG  C 3 6   ? 0.115   10.086  -4.124  1.00 58.04  ? 6   DG  C C8    1 
ATOM   1073 N  N7    . DG  C 3 6   ? 0.559   11.159  -3.525  1.00 60.56  ? 6   DG  C N7    1 
ATOM   1074 C  C5    . DG  C 3 6   ? 1.159   11.891  -4.543  1.00 61.55  ? 6   DG  C C5    1 
ATOM   1075 C  C6    . DG  C 3 6   ? 1.817   13.144  -4.503  1.00 54.99  ? 6   DG  C C6    1 
ATOM   1076 O  O6    . DG  C 3 6   ? 2.000   13.884  -3.527  1.00 63.78  ? 6   DG  C O6    1 
ATOM   1077 N  N1    . DG  C 3 6   ? 2.279   13.523  -5.761  1.00 60.22  ? 6   DG  C N1    1 
ATOM   1078 C  C2    . DG  C 3 6   ? 2.130   12.783  -6.910  1.00 75.28  ? 6   DG  C C2    1 
ATOM   1079 N  N2    . DG  C 3 6   ? 2.645   13.311  -8.032  1.00 65.32  ? 6   DG  C N2    1 
ATOM   1080 N  N3    . DG  C 3 6   ? 1.518   11.610  -6.960  1.00 67.16  ? 6   DG  C N3    1 
ATOM   1081 C  C4    . DG  C 3 6   ? 1.061   11.228  -5.745  1.00 54.66  ? 6   DG  C C4    1 
ATOM   1082 P  P     . DA  C 3 7   ? 1.197   5.457   -8.165  1.00 71.63  ? 7   DA  C P     1 
ATOM   1083 O  OP1   . DA  C 3 7   ? 0.559   4.315   -8.854  1.00 59.54  ? 7   DA  C OP1   1 
ATOM   1084 O  OP2   . DA  C 3 7   ? 1.812   5.266   -6.832  1.00 67.70  ? 7   DA  C OP2   1 
ATOM   1085 O  "O5'" . DA  C 3 7   ? 2.328   6.052   -9.120  1.00 60.64  ? 7   DA  C "O5'" 1 
ATOM   1086 C  "C5'" . DA  C 3 7   ? 1.956   6.811   -10.264 1.00 64.81  ? 7   DA  C "C5'" 1 
ATOM   1087 C  "C4'" . DA  C 3 7   ? 3.037   7.813   -10.628 1.00 62.39  ? 7   DA  C "C4'" 1 
ATOM   1088 O  "O4'" . DA  C 3 7   ? 3.102   8.852   -9.612  1.00 76.22  ? 7   DA  C "O4'" 1 
ATOM   1089 C  "C3'" . DA  C 3 7   ? 4.447   7.238   -10.725 1.00 74.91  ? 7   DA  C "C3'" 1 
ATOM   1090 O  "O3'" . DA  C 3 7   ? 5.175   7.930   -11.740 1.00 86.96  ? 7   DA  C "O3'" 1 
ATOM   1091 C  "C2'" . DA  C 3 7   ? 5.006   7.521   -9.334  1.00 73.74  ? 7   DA  C "C2'" 1 
ATOM   1092 C  "C1'" . DA  C 3 7   ? 4.396   8.884   -9.047  1.00 60.84  ? 7   DA  C "C1'" 1 
ATOM   1093 N  N9    . DA  C 3 7   ? 4.278   9.179   -7.623  1.00 66.82  ? 7   DA  C N9    1 
ATOM   1094 C  C8    . DA  C 3 7   ? 3.733   8.378   -6.660  1.00 62.43  ? 7   DA  C C8    1 
ATOM   1095 N  N7    . DA  C 3 7   ? 3.763   8.902   -5.457  1.00 65.27  ? 7   DA  C N7    1 
ATOM   1096 C  C5    . DA  C 3 7   ? 4.368   10.134  -5.645  1.00 65.00  ? 7   DA  C C5    1 
ATOM   1097 C  C6    . DA  C 3 7   ? 4.692   11.178  -4.757  1.00 65.77  ? 7   DA  C C6    1 
ATOM   1098 N  N6    . DA  C 3 7   ? 4.438   11.134  -3.445  1.00 63.80  ? 7   DA  C N6    1 
ATOM   1099 N  N1    . DA  C 3 7   ? 5.293   12.272  -5.271  1.00 65.79  ? 7   DA  C N1    1 
ATOM   1100 C  C2    . DA  C 3 7   ? 5.546   12.313  -6.584  1.00 70.77  ? 7   DA  C C2    1 
ATOM   1101 N  N3    . DA  C 3 7   ? 5.287   11.396  -7.516  1.00 73.84  ? 7   DA  C N3    1 
ATOM   1102 C  C4    . DA  C 3 7   ? 4.692   10.322  -6.975  1.00 63.42  ? 7   DA  C C4    1 
ATOM   1103 P  P     . DA  C 3 8   ? 6.611   7.404   -12.240 1.00 81.40  ? 8   DA  C P     1 
ATOM   1104 O  OP1   . DA  C 3 8   ? 6.515   7.184   -13.699 1.00 74.61  ? 8   DA  C OP1   1 
ATOM   1105 O  OP2   . DA  C 3 8   ? 7.059   6.305   -11.357 1.00 60.36  ? 8   DA  C OP2   1 
ATOM   1106 O  "O5'" . DA  C 3 8   ? 7.571   8.653   -11.978 1.00 65.24  ? 8   DA  C "O5'" 1 
ATOM   1107 C  "C5'" . DA  C 3 8   ? 7.517   9.308   -10.730 1.00 54.62  ? 8   DA  C "C5'" 1 
ATOM   1108 C  "C4'" . DA  C 3 8   ? 8.399   10.529  -10.701 1.00 61.00  ? 8   DA  C "C4'" 1 
ATOM   1109 O  "O4'" . DA  C 3 8   ? 8.205   11.201  -9.436  1.00 87.22  ? 8   DA  C "O4'" 1 
ATOM   1110 C  "C3'" . DA  C 3 8   ? 9.877   10.229  -10.730 1.00 77.27  ? 8   DA  C "C3'" 1 
ATOM   1111 O  "O3'" . DA  C 3 8   ? 10.598  11.413  -11.041 1.00 89.42  ? 8   DA  C "O3'" 1 
ATOM   1112 C  "C2'" . DA  C 3 8   ? 10.110  9.803   -9.288  1.00 80.38  ? 8   DA  C "C2'" 1 
ATOM   1113 C  "C1'" . DA  C 3 8   ? 9.217   10.788  -8.532  1.00 67.18  ? 8   DA  C "C1'" 1 
ATOM   1114 N  N9    . DA  C 3 8   ? 8.582   10.204  -7.356  1.00 72.79  ? 8   DA  C N9    1 
ATOM   1115 C  C8    . DA  C 3 8   ? 7.939   9.000   -7.279  1.00 69.87  ? 8   DA  C C8    1 
ATOM   1116 N  N7    . DA  C 3 8   ? 7.471   8.726   -6.084  1.00 66.40  ? 8   DA  C N7    1 
ATOM   1117 C  C5    . DA  C 3 8   ? 7.834   9.829   -5.326  1.00 67.07  ? 8   DA  C C5    1 
ATOM   1118 C  C6    . DA  C 3 8   ? 7.632   10.157  -3.971  1.00 77.48  ? 8   DA  C C6    1 
ATOM   1119 N  N6    . DA  C 3 8   ? 6.984   9.366   -3.111  1.00 70.40  ? 8   DA  C N6    1 
ATOM   1120 N  N1    . DA  C 3 8   ? 8.121   11.337  -3.535  1.00 75.47  ? 8   DA  C N1    1 
ATOM   1121 C  C2    . DA  C 3 8   ? 8.767   12.127  -4.401  1.00 86.27  ? 8   DA  C C2    1 
ATOM   1122 N  N3    . DA  C 3 8   ? 9.019   11.925  -5.692  1.00 83.80  ? 8   DA  C N3    1 
ATOM   1123 C  C4    . DA  C 3 8   ? 8.521   10.746  -6.097  1.00 74.78  ? 8   DA  C C4    1 
ATOM   1124 P  P     . DT  C 3 9   ? 12.057  11.321  -11.707 1.00 95.15  ? 9   DT  C P     1 
ATOM   1125 O  OP1   . DT  C 3 9   ? 12.067  12.208  -12.892 1.00 106.25 ? 9   DT  C OP1   1 
ATOM   1126 O  OP2   . DT  C 3 9   ? 12.396  9.888   -11.851 1.00 71.12  ? 9   DT  C OP2   1 
ATOM   1127 O  "O5'" . DT  C 3 9   ? 13.021  11.949  -10.598 1.00 70.00  ? 9   DT  C "O5'" 1 
ATOM   1128 C  "C5'" . DT  C 3 9   ? 13.179  11.298  -9.352  1.00 81.89  ? 9   DT  C "C5'" 1 
ATOM   1129 C  "C4'" . DT  C 3 9   ? 13.301  12.306  -8.231  1.00 82.31  ? 9   DT  C "C4'" 1 
ATOM   1130 O  "O4'" . DT  C 3 9   ? 12.281  12.040  -7.230  1.00 89.70  ? 9   DT  C "O4'" 1 
ATOM   1131 C  "C3'" . DT  C 3 9   ? 14.636  12.270  -7.498  1.00 95.35  ? 9   DT  C "C3'" 1 
ATOM   1132 O  "O3'" . DT  C 3 9   ? 15.041  13.581  -7.146  1.00 103.85 ? 9   DT  C "O3'" 1 
ATOM   1133 C  "C2'" . DT  C 3 9   ? 14.334  11.422  -6.269  1.00 101.77 ? 9   DT  C "C2'" 1 
ATOM   1134 C  "C1'" . DT  C 3 9   ? 12.884  11.787  -5.980  1.00 91.62  ? 9   DT  C "C1'" 1 
ATOM   1135 N  N1    . DT  C 3 9   ? 12.133  10.693  -5.304  1.00 82.24  ? 9   DT  C N1    1 
ATOM   1136 C  C2    . DT  C 3 9   ? 11.774  10.839  -3.984  1.00 89.70  ? 9   DT  C C2    1 
ATOM   1137 O  O2    . DT  C 3 9   ? 12.025  11.836  -3.331  1.00 91.90  ? 9   DT  C O2    1 
ATOM   1138 N  N3    . DT  C 3 9   ? 11.096  9.774   -3.455  1.00 81.22  ? 9   DT  C N3    1 
ATOM   1139 C  C4    . DT  C 3 9   ? 10.754  8.598   -4.098  1.00 83.46  ? 9   DT  C C4    1 
ATOM   1140 O  O4    . DT  C 3 9   ? 10.143  7.696   -3.532  1.00 76.32  ? 9   DT  C O4    1 
ATOM   1141 C  C5    . DT  C 3 9   ? 11.167  8.506   -5.479  1.00 77.62  ? 9   DT  C C5    1 
ATOM   1142 C  C7    . DT  C 3 9   ? 10.852  7.277   -6.279  1.00 58.67  ? 9   DT  C C7    1 
ATOM   1143 C  C6    . DT  C 3 9   ? 11.831  9.545   -6.008  1.00 78.66  ? 9   DT  C C6    1 
ATOM   1144 P  P     . DG  C 3 10  ? 16.551  13.851  -6.669  1.00 102.73 ? 10  DG  C P     1 
ATOM   1145 O  OP1   . DG  C 3 10  ? 16.873  15.261  -6.976  1.00 102.39 ? 10  DG  C OP1   1 
ATOM   1146 O  OP2   . DG  C 3 10  ? 17.398  12.763  -7.207  1.00 96.86  ? 10  DG  C OP2   1 
ATOM   1147 O  "O5'" . DG  C 3 10  ? 16.483  13.670  -5.085  1.00 81.26  ? 10  DG  C "O5'" 1 
ATOM   1148 C  "C5'" . DG  C 3 10  ? 15.490  14.358  -4.340  1.00 91.57  ? 10  DG  C "C5'" 1 
ATOM   1149 C  "C4'" . DG  C 3 10  ? 15.783  14.280  -2.855  1.00 99.61  ? 10  DG  C "C4'" 1 
ATOM   1150 O  "O4'" . DG  C 3 10  ? 14.940  13.270  -2.244  1.00 122.52 ? 10  DG  C "O4'" 1 
ATOM   1151 C  "C3'" . DG  C 3 10  ? 17.218  13.912  -2.500  1.00 103.98 ? 10  DG  C "C3'" 1 
ATOM   1152 O  "O3'" . DG  C 3 10  ? 17.627  14.633  -1.351  1.00 116.55 ? 10  DG  C "O3'" 1 
ATOM   1153 C  "C2'" . DG  C 3 10  ? 17.134  12.410  -2.229  1.00 111.84 ? 10  DG  C "C2'" 1 
ATOM   1154 C  "C1'" . DG  C 3 10  ? 15.734  12.264  -1.647  1.00 105.85 ? 10  DG  C "C1'" 1 
ATOM   1155 N  N9    . DG  C 3 10  ? 15.120  10.974  -1.937  1.00 89.80  ? 10  DG  C N9    1 
ATOM   1156 C  C8    . DG  C 3 10  ? 15.026  10.363  -3.164  1.00 88.12  ? 10  DG  C C8    1 
ATOM   1157 N  N7    . DG  C 3 10  ? 14.416  9.213   -3.129  1.00 80.52  ? 10  DG  C N7    1 
ATOM   1158 C  C5    . DG  C 3 10  ? 14.080  9.048   -1.792  1.00 75.69  ? 10  DG  C C5    1 
ATOM   1159 C  C6    . DG  C 3 10  ? 13.404  7.986   -1.148  1.00 80.71  ? 10  DG  C C6    1 
ATOM   1160 O  O6    . DG  C 3 10  ? 12.954  6.946   -1.651  1.00 80.25  ? 10  DG  C O6    1 
ATOM   1161 N  N1    . DG  C 3 10  ? 13.269  8.215   0.219   1.00 75.96  ? 10  DG  C N1    1 
ATOM   1162 C  C2    . DG  C 3 10  ? 13.730  9.329   0.879   1.00 78.33  ? 10  DG  C C2    1 
ATOM   1163 N  N2    . DG  C 3 10  ? 13.507  9.372   2.200   1.00 69.45  ? 10  DG  C N2    1 
ATOM   1164 N  N3    . DG  C 3 10  ? 14.365  10.333  0.287   1.00 84.23  ? 10  DG  C N3    1 
ATOM   1165 C  C4    . DG  C 3 10  ? 14.505  10.125  -1.045  1.00 81.59  ? 10  DG  C C4    1 
ATOM   1166 P  P     . DC  C 3 11  ? 19.102  14.433  -0.748  1.00 139.95 ? 11  DC  C P     1 
ATOM   1167 O  OP1   . DC  C 3 11  ? 19.479  15.702  -0.086  1.00 131.65 ? 11  DC  C OP1   1 
ATOM   1168 O  OP2   . DC  C 3 11  ? 19.966  13.877  -1.813  1.00 121.31 ? 11  DC  C OP2   1 
ATOM   1169 O  "O5'" . DC  C 3 11  ? 18.901  13.308  0.369   1.00 137.74 ? 11  DC  C "O5'" 1 
ATOM   1170 C  "C5'" . DC  C 3 11  ? 17.863  13.448  1.334   1.00 128.40 ? 11  DC  C "C5'" 1 
ATOM   1171 C  "C4'" . DC  C 3 11  ? 17.885  12.298  2.324   1.00 139.28 ? 11  DC  C "C4'" 1 
ATOM   1172 O  "O4'" . DC  C 3 11  ? 17.185  11.154  1.766   1.00 141.27 ? 11  DC  C "O4'" 1 
ATOM   1173 C  "C3'" . DC  C 3 11  ? 19.280  11.801  2.707   1.00 141.91 ? 11  DC  C "C3'" 1 
ATOM   1174 O  "O3'" . DC  C 3 11  ? 19.348  11.578  4.108   1.00 154.21 ? 11  DC  C "O3'" 1 
ATOM   1175 C  "C2'" . DC  C 3 11  ? 19.414  10.496  1.923   1.00 134.00 ? 11  DC  C "C2'" 1 
ATOM   1176 C  "C1'" . DC  C 3 11  ? 17.978  10.002  1.921   1.00 123.41 ? 11  DC  C "C1'" 1 
ATOM   1177 N  N1    . DC  C 3 11  ? 17.671  9.056   0.808   1.00 108.87 ? 11  DC  C N1    1 
ATOM   1178 C  C2    . DC  C 3 11  ? 16.942  7.891   1.071   1.00 93.94  ? 11  DC  C C2    1 
ATOM   1179 O  O2    . DC  C 3 11  ? 16.561  7.666   2.225   1.00 85.61  ? 11  DC  C O2    1 
ATOM   1180 N  N3    . DC  C 3 11  ? 16.670  7.041   0.048   1.00 85.22  ? 11  DC  C N3    1 
ATOM   1181 C  C4    . DC  C 3 11  ? 17.098  7.321   -1.184  1.00 96.30  ? 11  DC  C C4    1 
ATOM   1182 N  N4    . DC  C 3 11  ? 16.808  6.453   -2.160  1.00 82.76  ? 11  DC  C N4    1 
ATOM   1183 C  C5    . DC  C 3 11  ? 17.844  8.503   -1.471  1.00 94.95  ? 11  DC  C C5    1 
ATOM   1184 C  C6    . DC  C 3 11  ? 18.105  9.333   -0.456  1.00 104.28 ? 11  DC  C C6    1 
ATOM   1185 P  P     . DA  C 3 12  ? 20.670  11.978  4.927   1.00 155.13 ? 12  DA  C P     1 
ATOM   1186 O  OP1   . DA  C 3 12  ? 20.254  12.340  6.301   1.00 131.10 ? 12  DA  C OP1   1 
ATOM   1187 O  OP2   . DA  C 3 12  ? 21.422  12.955  4.109   1.00 143.46 ? 12  DA  C OP2   1 
ATOM   1188 O  "O5'" . DA  C 3 12  ? 21.523  10.625  4.964   1.00 130.92 ? 12  DA  C "O5'" 1 
ATOM   1189 C  "C5'" . DA  C 3 12  ? 22.090  10.171  6.187   1.00 133.94 ? 12  DA  C "C5'" 1 
ATOM   1190 C  "C4'" . DA  C 3 12  ? 21.078  9.371   6.988   1.00 128.82 ? 12  DA  C "C4'" 1 
ATOM   1191 O  "O4'" . DA  C 3 12  ? 20.069  8.843   6.092   1.00 126.36 ? 12  DA  C "O4'" 1 
ATOM   1192 C  "C3'" . DA  C 3 12  ? 21.647  8.159   7.700   1.00 124.46 ? 12  DA  C "C3'" 1 
ATOM   1193 O  "O3'" . DA  C 3 12  ? 20.823  7.815   8.809   1.00 112.10 ? 12  DA  C "O3'" 1 
ATOM   1194 C  "C2'" . DA  C 3 12  ? 21.581  7.103   6.605   1.00 125.15 ? 12  DA  C "C2'" 1 
ATOM   1195 C  "C1'" . DA  C 3 12  ? 20.256  7.448   5.930   1.00 116.47 ? 12  DA  C "C1'" 1 
ATOM   1196 N  N9    . DA  C 3 12  ? 20.232  7.141   4.503   1.00 112.09 ? 12  DA  C N9    1 
ATOM   1197 C  C8    . DA  C 3 12  ? 20.888  7.809   3.505   1.00 111.03 ? 12  DA  C C8    1 
ATOM   1198 N  N7    . DA  C 3 12  ? 20.680  7.311   2.310   1.00 103.52 ? 12  DA  C N7    1 
ATOM   1199 C  C5    . DA  C 3 12  ? 19.827  6.244   2.538   1.00 94.56  ? 12  DA  C C5    1 
ATOM   1200 C  C6    . DA  C 3 12  ? 19.231  5.304   1.675   1.00 84.76  ? 12  DA  C C6    1 
ATOM   1201 N  N6    . DA  C 3 12  ? 19.417  5.296   0.352   1.00 73.66  ? 12  DA  C N6    1 
ATOM   1202 N  N1    . DA  C 3 12  ? 18.432  4.369   2.229   1.00 76.61  ? 12  DA  C N1    1 
ATOM   1203 C  C2    . DA  C 3 12  ? 18.246  4.381   3.554   1.00 84.19  ? 12  DA  C C2    1 
ATOM   1204 N  N3    . DA  C 3 12  ? 18.752  5.210   4.464   1.00 87.81  ? 12  DA  C N3    1 
ATOM   1205 C  C4    . DA  C 3 12  ? 19.541  6.127   3.885   1.00 99.26  ? 12  DA  C C4    1 
ATOM   1206 P  P     . DA  C 3 13  ? 21.421  6.949   10.023  1.00 136.76 ? 13  DA  C P     1 
ATOM   1207 O  OP1   . DA  C 3 13  ? 21.333  7.776   11.247  1.00 132.73 ? 13  DA  C OP1   1 
ATOM   1208 O  OP2   . DA  C 3 13  ? 22.732  6.414   9.590   1.00 135.27 ? 13  DA  C OP2   1 
ATOM   1209 O  "O5'" . DA  C 3 13  ? 20.408  5.716   10.151  1.00 136.16 ? 13  DA  C "O5'" 1 
ATOM   1210 C  "C5'" . DA  C 3 13  ? 19.824  5.156   8.981   1.00 135.59 ? 13  DA  C "C5'" 1 
ATOM   1211 C  "C4'" . DA  C 3 13  ? 19.653  3.655   9.117   1.00 134.53 ? 13  DA  C "C4'" 1 
ATOM   1212 O  "O4'" . DA  C 3 13  ? 19.739  3.046   7.807   1.00 117.97 ? 13  DA  C "O4'" 1 
ATOM   1213 C  "C3'" . DA  C 3 13  ? 20.725  2.960   9.935   1.00 135.49 ? 13  DA  C "C3'" 1 
ATOM   1214 O  "O3'" . DA  C 3 13  ? 20.230  1.723   10.434  1.00 111.73 ? 13  DA  C "O3'" 1 
ATOM   1215 C  "C2'" . DA  C 3 13  ? 21.824  2.746   8.900   1.00 120.02 ? 13  DA  C "C2'" 1 
ATOM   1216 C  "C1'" . DA  C 3 13  ? 21.016  2.453   7.635   1.00 110.72 ? 13  DA  C "C1'" 1 
ATOM   1217 N  N9    . DA  C 3 13  ? 21.614  2.996   6.419   1.00 104.91 ? 13  DA  C N9    1 
ATOM   1218 C  C8    . DA  C 3 13  ? 22.605  3.935   6.331   1.00 104.04 ? 13  DA  C C8    1 
ATOM   1219 N  N7    . DA  C 3 13  ? 22.943  4.235   5.099   1.00 97.42  ? 13  DA  C N7    1 
ATOM   1220 C  C5    . DA  C 3 13  ? 22.118  3.436   4.325   1.00 93.95  ? 13  DA  C C5    1 
ATOM   1221 C  C6    . DA  C 3 13  ? 21.982  3.277   2.931   1.00 98.22  ? 13  DA  C C6    1 
ATOM   1222 N  N6    . DA  C 3 13  ? 22.711  3.953   2.036   1.00 95.28  ? 13  DA  C N6    1 
ATOM   1223 N  N1    . DA  C 3 13  ? 21.062  2.394   2.491   1.00 85.43  ? 13  DA  C N1    1 
ATOM   1224 C  C2    . DA  C 3 13  ? 20.334  1.719   3.391   1.00 95.38  ? 13  DA  C C2    1 
ATOM   1225 N  N3    . DA  C 3 13  ? 20.372  1.783   4.718   1.00 98.23  ? 13  DA  C N3    1 
ATOM   1226 C  C4    . DA  C 3 13  ? 21.293  2.666   5.125   1.00 94.80  ? 13  DA  C C4    1 
HETATM 1227 C  C1    . GOL D 4 .   ? -12.687 6.456   -1.503  1.00 77.35  ? 201 GOL A C1    1 
HETATM 1228 O  O1    . GOL D 4 .   ? -13.868 7.110   -1.098  1.00 73.51  ? 201 GOL A O1    1 
HETATM 1229 C  C2    . GOL D 4 .   ? -12.925 4.954   -1.626  1.00 82.12  ? 201 GOL A C2    1 
HETATM 1230 O  O2    . GOL D 4 .   ? -12.980 4.380   -0.338  1.00 74.87  ? 201 GOL A O2    1 
HETATM 1231 C  C3    . GOL D 4 .   ? -14.239 4.688   -2.353  1.00 85.90  ? 201 GOL A C3    1 
HETATM 1232 O  O3    . GOL D 4 .   ? -14.022 3.765   -3.398  1.00 71.96  ? 201 GOL A O3    1 
HETATM 1233 P  P     . PO4 E 5 .   ? -0.169  20.717  -1.770  1.00 132.22 ? 101 PO4 C P     1 
HETATM 1234 O  O1    . PO4 E 5 .   ? -1.387  19.919  -1.375  1.00 79.66  ? 101 PO4 C O1    1 
HETATM 1235 O  O2    . PO4 E 5 .   ? 0.338   20.233  -3.108  1.00 113.76 ? 101 PO4 C O2    1 
HETATM 1236 O  O3    . PO4 E 5 .   ? 0.906   20.535  -0.725  1.00 118.26 ? 101 PO4 C O3    1 
HETATM 1237 O  O4    . PO4 E 5 .   ? -0.538  22.177  -1.871  1.00 129.22 ? 101 PO4 C O4    1 
HETATM 1238 O  O     . HOH F 6 .   ? -2.842  17.717  5.416   1.00 55.08  ? 201 HOH C O     1 
# 
